data_3QNQ
#
_entry.id   3QNQ
#
_cell.length_a   132.812
_cell.length_b   132.812
_cell.length_c   452.954
_cell.angle_alpha   90.000
_cell.angle_beta   90.000
_cell.angle_gamma   90.000
#
_symmetry.space_group_name_H-M   'P 43 21 2'
#
loop_
_entity.id
_entity.type
_entity.pdbx_description
1 polymer 'PTS system, cellobiose-specific IIC component'
2 branched 2-acetamido-2-deoxy-beta-D-glucopyranose-(1-4)-2-acetamido-2-deoxy-beta-D-glucopyranose
3 branched alpha-D-glucopyranose-(1-4)-alpha-D-glucopyranose
4 non-polymer 'nonyl 4-O-alpha-D-glucopyranosyl-beta-D-glucopyranoside'
5 non-polymer 'CITRIC ACID'
#
_entity_poly.entity_id   1
_entity_poly.type   'polypeptide(L)'
_entity_poly.pdbx_seq_one_letter_code
;MIRFLEKYVMPVAGKVAEQRHLLAIRDGLVLTMPFLIIGSIFLIISTLPIPGYSEFMASLFGKNWNVALGYPVSATFNIM
ALIAVFGIAYRLGEYYKVDALASGALSLVTFLLATPFQVAYIMPGTKESILVDGVIPAALMGSQGLFVAMIIAIISTEIY
RFLVQKKMIIKMPETVPPAVTRSFAALIPGFIVVTVVWIIRLIFEHTTFGSIHNVVGKLLQEPLSILGASLWGAVIAVIL
VHVLWACGIHGATIVGGVMSPIWLSLMDQNRIAFQAGQDVPNTITAQFFDLWIYMGGSGATLALVVGMLLFARSQQLKSL
GRLSIAPGIFNINEMVTFGMPIVMNPLLLIPFIVVPVVLTIVSYFAMEWGLVARPSGAAVTWTTPILFSGYLGSGGKISG
VILQLVNFALAFVIYLPFLKIWDKQKIAEEKGEAAAENLYFQ
;
_entity_poly.pdbx_strand_id   A,B,C,D
#
# COMPACT_ATOMS: atom_id res chain seq x y z
N ARG A 3 -29.10 -15.92 -52.55
CA ARG A 3 -30.06 -15.06 -53.24
C ARG A 3 -31.48 -15.61 -53.18
N PHE A 4 -31.60 -16.81 -52.61
CA PHE A 4 -32.89 -17.46 -52.43
C PHE A 4 -33.12 -17.80 -50.96
N LEU A 5 -32.08 -18.29 -50.30
CA LEU A 5 -32.11 -18.60 -48.88
C LEU A 5 -32.29 -17.30 -48.09
N GLU A 6 -32.55 -16.21 -48.81
CA GLU A 6 -32.78 -14.92 -48.18
C GLU A 6 -34.28 -14.61 -48.08
N LYS A 7 -35.03 -15.63 -47.72
CA LYS A 7 -36.34 -15.47 -47.12
C LYS A 7 -36.33 -16.37 -45.89
N TYR A 8 -35.11 -16.50 -45.34
CA TYR A 8 -34.85 -17.33 -44.16
C TYR A 8 -34.03 -16.55 -43.14
N VAL A 9 -33.07 -15.75 -43.63
CA VAL A 9 -32.23 -14.94 -42.77
C VAL A 9 -32.51 -13.46 -42.94
N MET A 10 -32.90 -13.06 -44.15
CA MET A 10 -33.28 -11.68 -44.44
C MET A 10 -34.35 -11.14 -43.49
N PRO A 11 -35.25 -12.02 -42.99
CA PRO A 11 -36.26 -11.55 -42.03
C PRO A 11 -35.77 -11.70 -40.59
N VAL A 12 -34.92 -12.68 -40.34
CA VAL A 12 -34.30 -12.82 -39.03
C VAL A 12 -33.42 -11.61 -38.77
N ALA A 13 -32.50 -11.35 -39.70
CA ALA A 13 -31.57 -10.23 -39.58
C ALA A 13 -32.32 -8.92 -39.33
N GLY A 14 -33.02 -8.45 -40.35
CA GLY A 14 -33.75 -7.20 -40.26
C GLY A 14 -34.39 -6.95 -38.91
N LYS A 15 -35.03 -7.96 -38.34
CA LYS A 15 -35.80 -7.81 -37.10
C LYS A 15 -34.91 -7.66 -35.86
N VAL A 16 -33.73 -8.28 -35.86
CA VAL A 16 -32.79 -8.11 -34.76
C VAL A 16 -32.18 -6.71 -34.81
N ALA A 17 -31.99 -6.20 -36.03
CA ALA A 17 -31.39 -4.88 -36.24
C ALA A 17 -32.28 -3.76 -35.73
N GLU A 18 -33.53 -4.06 -35.44
CA GLU A 18 -34.46 -3.05 -34.96
C GLU A 18 -34.90 -3.35 -33.53
N GLN A 19 -34.38 -4.43 -32.95
CA GLN A 19 -34.59 -4.73 -31.54
C GLN A 19 -34.08 -3.57 -30.68
N ARG A 20 -34.97 -3.00 -29.86
CA ARG A 20 -34.68 -1.75 -29.21
C ARG A 20 -33.54 -1.80 -28.19
N HIS A 21 -33.31 -2.95 -27.58
CA HIS A 21 -32.25 -3.03 -26.58
C HIS A 21 -30.89 -3.31 -27.21
N LEU A 22 -30.83 -4.30 -28.11
CA LEU A 22 -29.60 -4.57 -28.84
C LEU A 22 -29.16 -3.33 -29.60
N LEU A 23 -30.12 -2.47 -29.93
CA LEU A 23 -29.87 -1.19 -30.60
C LEU A 23 -29.36 -0.13 -29.63
N ALA A 24 -29.98 -0.06 -28.46
CA ALA A 24 -29.52 0.85 -27.42
C ALA A 24 -28.06 0.52 -27.11
N ILE A 25 -27.80 -0.77 -26.91
CA ILE A 25 -26.46 -1.24 -26.62
C ILE A 25 -25.51 -0.97 -27.79
N ARG A 26 -25.90 -1.42 -28.98
CA ARG A 26 -25.09 -1.24 -30.17
C ARG A 26 -24.62 0.21 -30.31
N ASP A 27 -25.56 1.14 -30.15
CA ASP A 27 -25.29 2.54 -30.45
C ASP A 27 -24.74 3.28 -29.23
N GLY A 28 -25.00 2.73 -28.05
CA GLY A 28 -24.47 3.30 -26.83
C GLY A 28 -22.97 3.10 -26.76
N LEU A 29 -22.53 1.92 -27.18
CA LEU A 29 -21.11 1.57 -27.16
C LEU A 29 -20.30 2.45 -28.11
N VAL A 30 -20.96 2.96 -29.14
CA VAL A 30 -20.27 3.82 -30.10
C VAL A 30 -19.76 5.09 -29.43
N LEU A 31 -20.18 5.32 -28.19
CA LEU A 31 -19.76 6.51 -27.47
C LEU A 31 -18.40 6.27 -26.82
N THR A 32 -18.09 5.00 -26.57
CA THR A 32 -16.82 4.65 -25.94
C THR A 32 -15.73 4.55 -26.99
N MET A 33 -16.13 4.41 -28.25
CA MET A 33 -15.19 4.20 -29.35
C MET A 33 -14.04 5.20 -29.44
N PRO A 34 -14.33 6.44 -29.85
CA PRO A 34 -13.24 7.38 -30.10
C PRO A 34 -12.30 7.51 -28.90
N PHE A 35 -12.78 7.20 -27.71
CA PHE A 35 -11.94 7.32 -26.52
C PHE A 35 -10.82 6.29 -26.50
N LEU A 36 -11.15 5.02 -26.70
CA LEU A 36 -10.14 3.98 -26.72
C LEU A 36 -9.17 4.22 -27.86
N ILE A 37 -9.66 4.80 -28.95
CA ILE A 37 -8.76 5.19 -30.03
C ILE A 37 -7.77 6.21 -29.46
N ILE A 38 -8.28 7.11 -28.62
CA ILE A 38 -7.44 8.15 -28.05
C ILE A 38 -6.53 7.55 -26.99
N GLY A 39 -7.12 6.82 -26.06
CA GLY A 39 -6.34 6.13 -25.04
C GLY A 39 -5.23 5.29 -25.66
N SER A 40 -5.55 4.62 -26.76
CA SER A 40 -4.61 3.71 -27.39
C SER A 40 -3.42 4.40 -28.04
N ILE A 41 -3.59 5.65 -28.48
CA ILE A 41 -2.48 6.40 -29.05
C ILE A 41 -1.41 6.63 -27.98
N PHE A 42 -1.83 6.81 -26.74
CA PHE A 42 -0.89 6.93 -25.63
C PHE A 42 -0.27 5.58 -25.28
N LEU A 43 -1.12 4.59 -25.06
CA LEU A 43 -0.67 3.21 -24.87
C LEU A 43 0.44 2.85 -25.87
N ILE A 44 0.11 2.84 -27.17
CA ILE A 44 1.11 2.41 -28.18
C ILE A 44 2.30 3.35 -28.32
N ILE A 45 2.28 4.50 -27.67
CA ILE A 45 3.49 5.30 -27.62
C ILE A 45 4.39 4.75 -26.55
N SER A 46 3.90 4.73 -25.31
CA SER A 46 4.70 4.30 -24.17
C SER A 46 4.87 2.78 -24.10
N THR A 47 4.82 2.11 -25.24
CA THR A 47 5.10 0.67 -25.28
C THR A 47 5.83 0.29 -26.55
N LEU A 48 6.10 1.27 -27.40
CA LEU A 48 6.82 1.03 -28.65
C LEU A 48 8.15 0.33 -28.41
N PRO A 49 8.25 -0.93 -28.84
CA PRO A 49 9.49 -1.71 -28.72
C PRO A 49 10.54 -1.32 -29.75
N ILE A 50 10.42 -0.11 -30.30
CA ILE A 50 11.38 0.40 -31.28
C ILE A 50 12.80 0.39 -30.71
N PRO A 51 13.81 0.10 -31.56
CA PRO A 51 15.20 0.12 -31.11
C PRO A 51 15.68 1.54 -30.77
N GLY A 52 16.16 1.73 -29.55
CA GLY A 52 16.71 3.00 -29.12
C GLY A 52 15.65 4.03 -28.76
N TYR A 53 14.50 3.56 -28.28
CA TYR A 53 13.40 4.44 -27.92
C TYR A 53 13.17 4.50 -26.41
N SER A 54 12.83 3.34 -25.84
CA SER A 54 12.54 3.26 -24.41
C SER A 54 13.56 4.03 -23.56
N GLU A 55 14.78 4.13 -24.06
CA GLU A 55 15.84 4.85 -23.37
C GLU A 55 15.92 6.30 -23.84
N PHE A 56 15.69 6.53 -25.12
CA PHE A 56 15.71 7.88 -25.67
C PHE A 56 14.73 8.79 -24.92
N MET A 57 13.53 8.29 -24.66
CA MET A 57 12.52 9.07 -23.95
C MET A 57 12.90 9.26 -22.49
N ALA A 58 13.40 8.20 -21.86
CA ALA A 58 13.79 8.23 -20.46
C ALA A 58 14.79 9.35 -20.19
N SER A 59 15.59 9.67 -21.20
CA SER A 59 16.62 10.70 -21.07
C SER A 59 16.02 12.11 -21.09
N LEU A 60 14.93 12.28 -21.84
CA LEU A 60 14.37 13.60 -22.08
C LEU A 60 13.39 14.08 -21.01
N PHE A 61 12.71 13.14 -20.35
CA PHE A 61 11.73 13.50 -19.34
C PHE A 61 12.05 12.92 -17.96
N GLY A 62 12.47 11.66 -17.93
CA GLY A 62 12.84 11.00 -16.69
C GLY A 62 12.75 9.49 -16.84
N LYS A 63 13.38 8.75 -15.93
CA LYS A 63 13.28 7.30 -15.96
C LYS A 63 11.84 6.90 -15.66
N ASN A 64 11.08 7.88 -15.15
CA ASN A 64 9.65 7.73 -14.94
C ASN A 64 8.83 8.59 -15.91
N TRP A 65 8.74 8.13 -17.15
CA TRP A 65 7.97 8.83 -18.17
C TRP A 65 6.75 7.98 -18.55
N ASN A 66 6.91 6.67 -18.54
CA ASN A 66 5.82 5.75 -18.86
C ASN A 66 4.61 5.90 -17.96
N VAL A 67 4.80 6.54 -16.81
CA VAL A 67 3.70 6.72 -15.86
C VAL A 67 2.69 7.76 -16.34
N ALA A 68 3.16 8.78 -17.03
CA ALA A 68 2.28 9.83 -17.55
C ALA A 68 1.47 9.33 -18.74
N LEU A 69 2.10 8.60 -19.64
CA LEU A 69 1.41 8.04 -20.79
C LEU A 69 0.43 6.95 -20.36
N GLY A 70 0.32 6.74 -19.07
CA GLY A 70 -0.63 5.78 -18.55
C GLY A 70 -1.80 6.53 -17.95
N TYR A 71 -1.77 7.86 -18.08
CA TYR A 71 -2.84 8.70 -17.55
C TYR A 71 -4.06 8.71 -18.47
N PRO A 72 -3.88 9.10 -19.75
CA PRO A 72 -4.95 9.01 -20.75
C PRO A 72 -5.54 7.62 -20.81
N VAL A 73 -4.71 6.61 -20.62
CA VAL A 73 -5.19 5.23 -20.68
C VAL A 73 -6.18 4.93 -19.54
N SER A 74 -5.93 5.49 -18.37
CA SER A 74 -6.78 5.22 -17.22
C SER A 74 -8.09 5.96 -17.35
N ALA A 75 -8.06 7.12 -18.00
CA ALA A 75 -9.26 7.94 -18.17
C ALA A 75 -10.18 7.44 -19.28
N THR A 76 -9.66 6.56 -20.12
CA THR A 76 -10.44 6.00 -21.19
C THR A 76 -10.76 4.53 -20.92
N PHE A 77 -9.80 3.66 -21.19
CA PHE A 77 -9.97 2.22 -21.02
C PHE A 77 -10.66 1.84 -19.70
N ASN A 78 -10.12 2.34 -18.59
CA ASN A 78 -10.64 2.00 -17.25
C ASN A 78 -11.95 2.69 -16.91
N ILE A 79 -12.48 3.43 -17.88
CA ILE A 79 -13.76 4.11 -17.72
C ILE A 79 -14.73 3.73 -18.84
N MET A 80 -14.61 2.54 -19.40
CA MET A 80 -15.53 2.18 -20.49
C MET A 80 -16.95 2.11 -19.98
N ALA A 81 -17.23 1.15 -19.11
CA ALA A 81 -18.58 0.98 -18.60
C ALA A 81 -19.19 2.28 -18.10
N LEU A 82 -18.39 3.11 -17.46
CA LEU A 82 -18.92 4.35 -16.88
C LEU A 82 -19.41 5.27 -17.99
N ILE A 83 -18.70 5.28 -19.11
CA ILE A 83 -19.10 6.02 -20.29
C ILE A 83 -20.27 5.31 -21.00
N ALA A 84 -20.17 3.98 -21.08
CA ALA A 84 -21.16 3.19 -21.82
C ALA A 84 -22.50 3.03 -21.11
N VAL A 85 -22.62 3.46 -19.85
CA VAL A 85 -23.93 3.43 -19.21
C VAL A 85 -24.69 4.65 -19.69
N PHE A 86 -24.00 5.78 -19.78
CA PHE A 86 -24.65 6.98 -20.25
C PHE A 86 -25.11 6.75 -21.66
N GLY A 87 -24.20 6.30 -22.52
CA GLY A 87 -24.52 6.00 -23.91
C GLY A 87 -25.75 5.14 -24.12
N ILE A 88 -25.78 3.97 -23.48
CA ILE A 88 -26.89 3.05 -23.63
C ILE A 88 -28.20 3.62 -23.06
N ALA A 89 -28.13 4.17 -21.86
CA ALA A 89 -29.33 4.69 -21.19
C ALA A 89 -29.90 5.88 -21.95
N TYR A 90 -29.01 6.74 -22.43
CA TYR A 90 -29.38 7.88 -23.24
C TYR A 90 -30.10 7.38 -24.46
N ARG A 91 -29.36 6.71 -25.34
CA ARG A 91 -29.95 6.17 -26.55
C ARG A 91 -31.31 5.52 -26.30
N LEU A 92 -31.32 4.49 -25.47
CA LEU A 92 -32.56 3.78 -25.14
C LEU A 92 -33.65 4.72 -24.63
N GLY A 93 -33.24 5.92 -24.22
CA GLY A 93 -34.16 6.96 -23.82
C GLY A 93 -34.56 7.80 -25.01
N GLU A 94 -33.56 8.34 -25.71
CA GLU A 94 -33.79 8.98 -27.01
C GLU A 94 -34.86 8.19 -27.74
N TYR A 95 -34.68 6.88 -27.81
CA TYR A 95 -35.61 5.97 -28.46
C TYR A 95 -37.03 6.16 -27.99
N TYR A 96 -37.27 5.88 -26.71
CA TYR A 96 -38.59 6.02 -26.11
C TYR A 96 -39.12 7.45 -26.07
N LYS A 97 -38.41 8.38 -26.69
CA LYS A 97 -38.82 9.80 -26.71
C LYS A 97 -39.12 10.33 -25.31
N VAL A 98 -38.18 10.13 -24.39
CA VAL A 98 -38.21 10.72 -23.05
C VAL A 98 -37.03 11.64 -22.90
N ASP A 99 -36.86 12.19 -21.69
CA ASP A 99 -35.72 13.06 -21.40
C ASP A 99 -34.43 12.25 -21.39
N ALA A 100 -33.64 12.36 -22.45
CA ALA A 100 -32.43 11.55 -22.59
C ALA A 100 -31.33 11.98 -21.64
N LEU A 101 -31.02 13.28 -21.63
CA LEU A 101 -30.05 13.79 -20.68
C LEU A 101 -30.39 13.21 -19.33
N ALA A 102 -31.64 13.34 -18.93
CA ALA A 102 -32.09 12.75 -17.69
C ALA A 102 -31.75 11.25 -17.65
N SER A 103 -32.44 10.47 -18.47
CA SER A 103 -32.30 9.03 -18.44
C SER A 103 -30.84 8.59 -18.41
N GLY A 104 -29.99 9.34 -19.13
CA GLY A 104 -28.57 9.04 -19.22
C GLY A 104 -27.79 9.36 -17.96
N ALA A 105 -28.08 10.51 -17.37
CA ALA A 105 -27.44 10.93 -16.13
C ALA A 105 -28.02 10.13 -14.97
N LEU A 106 -29.21 9.58 -15.16
CA LEU A 106 -29.85 8.78 -14.14
C LEU A 106 -29.23 7.39 -14.06
N SER A 107 -28.90 6.85 -15.23
CA SER A 107 -28.37 5.49 -15.30
C SER A 107 -26.91 5.46 -14.88
N LEU A 108 -26.25 6.60 -15.00
CA LEU A 108 -24.88 6.73 -14.53
C LEU A 108 -24.87 6.75 -13.01
N VAL A 109 -25.79 7.50 -12.42
CA VAL A 109 -25.96 7.50 -10.98
C VAL A 109 -26.39 6.15 -10.46
N THR A 110 -27.07 5.38 -11.30
CA THR A 110 -27.53 4.04 -10.90
C THR A 110 -26.43 2.98 -11.00
N PHE A 111 -25.45 3.22 -11.87
CA PHE A 111 -24.29 2.35 -11.97
C PHE A 111 -23.49 2.48 -10.69
N LEU A 112 -23.10 3.71 -10.39
CA LEU A 112 -22.32 3.99 -9.19
C LEU A 112 -23.04 3.58 -7.93
N LEU A 113 -24.37 3.61 -7.94
CA LEU A 113 -25.11 3.12 -6.78
C LEU A 113 -24.94 1.61 -6.61
N ALA A 114 -24.87 0.88 -7.73
CA ALA A 114 -24.84 -0.58 -7.69
C ALA A 114 -23.42 -1.13 -7.48
N THR A 115 -22.42 -0.29 -7.72
CA THR A 115 -21.04 -0.68 -7.46
C THR A 115 -20.54 0.01 -6.18
N PRO A 116 -20.03 -0.78 -5.23
CA PRO A 116 -19.73 -0.36 -3.86
C PRO A 116 -18.45 0.46 -3.74
N PHE A 117 -18.45 1.43 -2.83
CA PHE A 117 -17.33 2.36 -2.70
C PHE A 117 -16.26 1.90 -1.71
N GLN A 118 -16.16 0.58 -1.53
CA GLN A 118 -15.09 -0.01 -0.76
C GLN A 118 -14.14 -0.75 -1.68
N VAL A 119 -12.89 -0.89 -1.23
CA VAL A 119 -11.97 -1.85 -1.82
C VAL A 119 -11.40 -2.64 -0.64
N ALA A 120 -11.39 -3.97 -0.77
CA ALA A 120 -10.85 -4.82 0.29
C ALA A 120 -9.56 -5.45 -0.16
N TYR A 121 -8.53 -5.33 0.68
CA TYR A 121 -7.26 -6.01 0.46
C TYR A 121 -7.03 -7.05 1.55
N ILE A 122 -6.24 -8.06 1.25
CA ILE A 122 -6.06 -9.16 2.19
C ILE A 122 -4.66 -9.75 2.11
N MET A 123 -4.03 -9.93 3.27
CA MET A 123 -2.68 -10.50 3.37
C MET A 123 -2.79 -12.02 3.44
N PRO A 124 -2.54 -12.70 2.31
CA PRO A 124 -2.85 -14.13 2.15
C PRO A 124 -2.62 -14.95 3.42
N GLY A 125 -3.60 -15.77 3.78
CA GLY A 125 -3.46 -16.73 4.86
C GLY A 125 -3.95 -16.27 6.23
N THR A 126 -3.72 -15.01 6.57
CA THR A 126 -3.92 -14.53 7.93
C THR A 126 -5.28 -13.88 8.21
N LYS A 127 -6.14 -13.85 7.19
CA LYS A 127 -7.42 -13.15 7.31
C LYS A 127 -7.21 -11.71 7.78
N GLU A 128 -5.97 -11.23 7.67
CA GLU A 128 -5.66 -9.84 7.95
C GLU A 128 -5.98 -8.97 6.74
N SER A 129 -6.64 -7.86 7.00
CA SER A 129 -7.17 -7.05 5.91
C SER A 129 -7.00 -5.57 6.19
N ILE A 130 -7.11 -4.79 5.12
CA ILE A 130 -7.20 -3.35 5.20
C ILE A 130 -8.36 -2.95 4.32
N LEU A 131 -9.16 -2.01 4.79
CA LEU A 131 -10.37 -1.62 4.09
C LEU A 131 -10.38 -0.13 3.77
N VAL A 132 -10.41 0.20 2.48
CA VAL A 132 -10.50 1.59 2.05
C VAL A 132 -11.95 1.99 1.74
N ASP A 133 -12.44 3.02 2.42
CA ASP A 133 -13.74 3.59 2.13
C ASP A 133 -13.55 4.88 1.33
N GLY A 134 -14.64 5.39 0.77
CA GLY A 134 -14.59 6.63 0.01
C GLY A 134 -13.83 6.49 -1.31
N VAL A 135 -14.03 5.35 -1.98
CA VAL A 135 -13.37 5.11 -3.25
C VAL A 135 -14.24 4.35 -4.26
N ILE A 136 -14.08 4.71 -5.53
CA ILE A 136 -14.68 3.96 -6.62
C ILE A 136 -13.64 3.04 -7.23
N PRO A 137 -13.88 1.73 -7.18
CA PRO A 137 -13.00 0.70 -7.74
C PRO A 137 -12.85 0.82 -9.26
N ALA A 138 -11.76 1.42 -9.72
CA ALA A 138 -11.57 1.65 -11.14
C ALA A 138 -11.55 0.36 -11.97
N ALA A 139 -11.45 -0.79 -11.32
CA ALA A 139 -11.51 -2.04 -12.06
C ALA A 139 -12.94 -2.27 -12.51
N LEU A 140 -13.86 -1.59 -11.83
CA LEU A 140 -15.28 -1.79 -12.06
C LEU A 140 -15.87 -0.82 -13.07
N MET A 141 -15.18 0.29 -13.32
CA MET A 141 -15.62 1.24 -14.33
C MET A 141 -15.09 0.82 -15.68
N GLY A 142 -14.19 -0.16 -15.67
CA GLY A 142 -13.58 -0.64 -16.89
C GLY A 142 -14.35 -1.76 -17.57
N SER A 143 -13.69 -2.45 -18.48
CA SER A 143 -14.29 -3.54 -19.25
C SER A 143 -15.08 -4.52 -18.40
N GLN A 144 -14.58 -4.79 -17.21
CA GLN A 144 -15.18 -5.78 -16.33
C GLN A 144 -16.60 -5.39 -15.92
N GLY A 145 -17.00 -4.17 -16.27
CA GLY A 145 -18.30 -3.66 -15.85
C GLY A 145 -19.34 -3.51 -16.94
N LEU A 146 -18.91 -3.13 -18.14
CA LEU A 146 -19.86 -2.82 -19.21
C LEU A 146 -20.91 -3.92 -19.41
N PHE A 147 -20.67 -5.10 -18.85
CA PHE A 147 -21.64 -6.17 -18.94
C PHE A 147 -22.74 -6.00 -17.90
N VAL A 148 -22.52 -5.10 -16.95
CA VAL A 148 -23.58 -4.69 -16.03
C VAL A 148 -24.05 -3.30 -16.42
N ALA A 149 -23.14 -2.53 -17.03
CA ALA A 149 -23.49 -1.22 -17.56
C ALA A 149 -24.74 -1.36 -18.40
N MET A 150 -24.82 -2.44 -19.17
CA MET A 150 -26.00 -2.73 -19.96
C MET A 150 -27.18 -2.98 -19.05
N ILE A 151 -27.11 -4.05 -18.26
CA ILE A 151 -28.20 -4.44 -17.37
C ILE A 151 -28.71 -3.31 -16.47
N ILE A 152 -27.89 -2.31 -16.22
CA ILE A 152 -28.29 -1.21 -15.37
C ILE A 152 -28.89 -0.03 -16.16
N ALA A 153 -28.37 0.23 -17.34
CA ALA A 153 -28.94 1.23 -18.23
C ALA A 153 -30.31 0.77 -18.70
N ILE A 154 -30.35 -0.41 -19.30
CA ILE A 154 -31.62 -0.99 -19.74
C ILE A 154 -32.66 -0.99 -18.62
N ILE A 155 -32.38 -1.71 -17.52
CA ILE A 155 -33.32 -1.79 -16.40
C ILE A 155 -33.69 -0.43 -15.79
N SER A 156 -32.73 0.47 -15.74
CA SER A 156 -32.98 1.78 -15.16
C SER A 156 -33.79 2.67 -16.12
N THR A 157 -33.46 2.61 -17.40
CA THR A 157 -34.17 3.41 -18.39
C THR A 157 -35.58 2.86 -18.64
N GLU A 158 -35.68 1.55 -18.79
CA GLU A 158 -36.96 0.88 -18.97
C GLU A 158 -37.96 1.35 -17.91
N ILE A 159 -37.63 1.15 -16.65
CA ILE A 159 -38.46 1.62 -15.55
C ILE A 159 -38.74 3.12 -15.64
N TYR A 160 -37.71 3.87 -16.02
CA TYR A 160 -37.82 5.33 -16.04
C TYR A 160 -38.91 5.82 -16.99
N ARG A 161 -38.80 5.47 -18.27
CA ARG A 161 -39.79 5.86 -19.26
C ARG A 161 -41.17 5.37 -18.89
N PHE A 162 -41.24 4.19 -18.30
CA PHE A 162 -42.52 3.63 -17.90
C PHE A 162 -43.22 4.64 -17.00
N LEU A 163 -42.57 4.97 -15.89
CA LEU A 163 -43.12 5.94 -14.94
C LEU A 163 -43.50 7.26 -15.61
N VAL A 164 -42.61 7.80 -16.45
CA VAL A 164 -42.83 9.09 -17.09
C VAL A 164 -44.02 9.04 -18.04
N GLN A 165 -44.18 7.92 -18.72
CA GLN A 165 -45.29 7.74 -19.63
C GLN A 165 -46.60 7.65 -18.87
N LYS A 166 -46.62 6.93 -17.75
CA LYS A 166 -47.83 6.88 -16.92
C LYS A 166 -48.12 8.21 -16.24
N LYS A 167 -47.43 9.26 -16.67
CA LYS A 167 -47.61 10.61 -16.14
C LYS A 167 -47.42 10.68 -14.61
N MET A 168 -46.59 9.79 -14.07
CA MET A 168 -46.31 9.74 -12.63
C MET A 168 -45.36 10.83 -12.19
N ILE A 169 -45.61 12.05 -12.63
CA ILE A 169 -44.65 13.13 -12.44
C ILE A 169 -45.13 14.20 -11.48
N ILE A 170 -44.34 15.25 -11.34
CA ILE A 170 -44.73 16.38 -10.49
C ILE A 170 -45.18 17.57 -11.33
N LYS A 171 -46.46 17.87 -11.21
CA LYS A 171 -47.15 18.94 -11.93
C LYS A 171 -46.73 20.34 -11.48
N MET A 172 -45.69 20.93 -12.06
CA MET A 172 -45.34 22.30 -11.67
C MET A 172 -46.11 23.35 -12.48
N PRO A 173 -46.54 24.41 -11.80
CA PRO A 173 -47.18 25.62 -12.34
C PRO A 173 -46.59 26.08 -13.66
N GLU A 174 -47.46 26.47 -14.59
CA GLU A 174 -47.07 26.86 -15.95
C GLU A 174 -46.25 28.16 -16.05
N THR A 175 -46.33 29.01 -15.04
CA THR A 175 -45.57 30.26 -15.04
C THR A 175 -44.11 30.03 -14.61
N VAL A 176 -43.87 28.86 -14.01
CA VAL A 176 -42.56 28.49 -13.51
C VAL A 176 -41.63 28.13 -14.65
N PRO A 177 -40.40 28.68 -14.64
CA PRO A 177 -39.43 28.49 -15.74
C PRO A 177 -39.37 27.04 -16.25
N PRO A 178 -39.14 26.87 -17.56
CA PRO A 178 -39.14 25.54 -18.19
C PRO A 178 -38.05 24.64 -17.62
N ALA A 179 -36.94 25.24 -17.18
CA ALA A 179 -35.87 24.48 -16.54
C ALA A 179 -36.35 23.88 -15.21
N VAL A 180 -37.16 24.66 -14.50
CA VAL A 180 -37.77 24.20 -13.26
C VAL A 180 -38.75 23.07 -13.52
N THR A 181 -39.48 23.18 -14.62
CA THR A 181 -40.50 22.19 -14.97
C THR A 181 -39.88 20.83 -15.32
N ARG A 182 -38.78 20.86 -16.08
CA ARG A 182 -38.12 19.63 -16.55
C ARG A 182 -37.60 18.78 -15.43
N SER A 183 -37.15 19.44 -14.35
CA SER A 183 -36.51 18.77 -13.23
C SER A 183 -37.45 17.92 -12.38
N PHE A 184 -38.41 18.58 -11.73
CA PHE A 184 -39.37 17.89 -10.88
C PHE A 184 -40.11 16.82 -11.68
N ALA A 185 -40.32 17.10 -12.95
CA ALA A 185 -40.81 16.13 -13.91
C ALA A 185 -40.13 14.78 -13.71
N ALA A 186 -38.83 14.83 -13.44
CA ALA A 186 -38.00 13.64 -13.30
C ALA A 186 -37.92 13.13 -11.85
N LEU A 187 -38.04 14.06 -10.91
CA LEU A 187 -37.86 13.79 -9.49
C LEU A 187 -38.54 12.51 -8.99
N ILE A 188 -39.79 12.25 -9.40
CA ILE A 188 -40.48 11.06 -8.93
C ILE A 188 -39.98 9.78 -9.62
N PRO A 189 -40.00 9.75 -10.96
CA PRO A 189 -39.48 8.54 -11.62
C PRO A 189 -38.07 8.24 -11.12
N GLY A 190 -37.19 9.23 -11.20
CA GLY A 190 -35.83 9.07 -10.74
C GLY A 190 -35.72 8.46 -9.35
N PHE A 191 -36.43 9.04 -8.39
CA PHE A 191 -36.42 8.52 -7.02
C PHE A 191 -36.89 7.08 -6.94
N ILE A 192 -37.99 6.77 -7.62
CA ILE A 192 -38.48 5.40 -7.66
C ILE A 192 -37.42 4.49 -8.28
N VAL A 193 -36.79 4.97 -9.33
CA VAL A 193 -35.75 4.19 -10.01
C VAL A 193 -34.65 3.75 -9.05
N VAL A 194 -33.95 4.69 -8.42
CA VAL A 194 -32.89 4.31 -7.48
C VAL A 194 -33.41 3.40 -6.39
N THR A 195 -34.57 3.74 -5.83
CA THR A 195 -35.20 2.92 -4.80
C THR A 195 -35.23 1.47 -5.28
N VAL A 196 -35.43 1.30 -6.58
CA VAL A 196 -35.45 -0.05 -7.15
C VAL A 196 -34.06 -0.68 -7.16
N VAL A 197 -33.13 -0.06 -7.89
CA VAL A 197 -31.79 -0.62 -8.03
C VAL A 197 -31.11 -0.81 -6.67
N TRP A 198 -31.25 0.19 -5.80
CA TRP A 198 -30.80 0.12 -4.42
C TRP A 198 -31.21 -1.20 -3.79
N ILE A 199 -32.51 -1.49 -3.84
CA ILE A 199 -33.06 -2.77 -3.39
C ILE A 199 -32.43 -3.96 -4.10
N ILE A 200 -32.28 -3.86 -5.42
CA ILE A 200 -31.65 -4.92 -6.19
C ILE A 200 -30.21 -5.16 -5.72
N ARG A 201 -29.63 -4.16 -5.06
CA ARG A 201 -28.32 -4.32 -4.45
C ARG A 201 -28.44 -5.04 -3.11
N LEU A 202 -29.16 -4.42 -2.18
CA LEU A 202 -29.37 -4.98 -0.85
C LEU A 202 -29.76 -6.46 -0.87
N ILE A 203 -30.29 -6.92 -2.00
CA ILE A 203 -30.59 -8.34 -2.13
C ILE A 203 -29.28 -9.12 -2.26
N PHE A 204 -28.54 -8.88 -3.34
CA PHE A 204 -27.29 -9.61 -3.59
C PHE A 204 -26.25 -9.42 -2.50
N GLU A 205 -26.34 -8.33 -1.75
CA GLU A 205 -25.47 -8.14 -0.60
C GLU A 205 -25.90 -9.09 0.52
N HIS A 206 -26.73 -10.06 0.15
CA HIS A 206 -27.19 -11.12 1.05
C HIS A 206 -27.12 -12.47 0.33
N THR A 207 -26.02 -12.70 -0.39
CA THR A 207 -25.86 -13.93 -1.18
C THR A 207 -24.42 -14.45 -1.25
N THR A 208 -24.23 -15.54 -2.00
CA THR A 208 -22.91 -16.08 -2.27
C THR A 208 -22.15 -15.13 -3.19
N PHE A 209 -22.88 -14.14 -3.70
CA PHE A 209 -22.32 -13.24 -4.68
C PHE A 209 -21.88 -11.93 -4.02
N GLY A 210 -22.62 -11.51 -3.00
CA GLY A 210 -22.24 -10.34 -2.24
C GLY A 210 -22.57 -9.03 -2.92
N SER A 211 -22.26 -8.93 -4.21
CA SER A 211 -22.54 -7.70 -4.96
C SER A 211 -23.08 -7.94 -6.38
N ILE A 212 -23.59 -6.87 -7.00
CA ILE A 212 -24.12 -6.97 -8.35
C ILE A 212 -23.02 -7.27 -9.36
N HIS A 213 -21.96 -6.46 -9.34
CA HIS A 213 -20.82 -6.68 -10.23
C HIS A 213 -20.34 -8.13 -10.20
N ASN A 214 -20.69 -8.84 -9.13
CA ASN A 214 -20.20 -10.19 -8.93
C ASN A 214 -21.11 -11.23 -9.57
N VAL A 215 -22.37 -11.27 -9.15
CA VAL A 215 -23.30 -12.25 -9.70
C VAL A 215 -23.25 -12.17 -11.22
N VAL A 216 -23.23 -10.95 -11.73
CA VAL A 216 -23.21 -10.70 -13.17
C VAL A 216 -21.92 -11.21 -13.80
N GLY A 217 -20.80 -10.96 -13.12
CA GLY A 217 -19.52 -11.45 -13.60
C GLY A 217 -19.52 -12.96 -13.75
N LYS A 218 -19.91 -13.64 -12.68
CA LYS A 218 -19.90 -15.10 -12.65
C LYS A 218 -20.84 -15.71 -13.67
N LEU A 219 -22.12 -15.40 -13.54
CA LEU A 219 -23.14 -16.06 -14.35
C LEU A 219 -23.11 -15.70 -15.84
N LEU A 220 -22.71 -14.47 -16.17
CA LEU A 220 -22.79 -13.98 -17.54
C LEU A 220 -21.46 -13.60 -18.17
N GLN A 221 -20.76 -12.64 -17.55
CA GLN A 221 -19.54 -12.09 -18.14
C GLN A 221 -18.38 -13.09 -18.22
N GLU A 222 -18.40 -14.13 -17.40
CA GLU A 222 -17.30 -15.10 -17.42
C GLU A 222 -17.49 -16.21 -18.45
N PRO A 223 -18.68 -16.84 -18.48
CA PRO A 223 -18.94 -17.88 -19.48
C PRO A 223 -19.00 -17.35 -20.92
N LEU A 224 -19.77 -16.29 -21.15
CA LEU A 224 -19.86 -15.71 -22.48
C LEU A 224 -18.50 -15.23 -22.96
N SER A 225 -17.62 -14.90 -22.02
CA SER A 225 -16.27 -14.46 -22.33
C SER A 225 -15.44 -15.57 -22.99
N ILE A 226 -15.68 -16.81 -22.55
CA ILE A 226 -14.92 -17.95 -23.05
C ILE A 226 -15.42 -18.41 -24.41
N LEU A 227 -16.74 -18.33 -24.62
CA LEU A 227 -17.33 -18.58 -25.93
C LEU A 227 -16.80 -17.58 -26.94
N GLY A 228 -16.72 -16.31 -26.53
CA GLY A 228 -16.20 -15.26 -27.37
C GLY A 228 -14.75 -15.48 -27.79
N ALA A 229 -13.94 -16.01 -26.88
CA ALA A 229 -12.53 -16.27 -27.16
C ALA A 229 -12.35 -17.63 -27.84
N SER A 230 -13.46 -18.31 -28.07
CA SER A 230 -13.45 -19.61 -28.74
C SER A 230 -13.19 -19.45 -30.23
N LEU A 231 -12.83 -20.54 -30.91
CA LEU A 231 -12.67 -20.47 -32.35
C LEU A 231 -14.03 -20.38 -33.02
N TRP A 232 -14.97 -21.22 -32.58
CA TRP A 232 -16.34 -21.13 -33.06
C TRP A 232 -16.87 -19.71 -32.85
N GLY A 233 -16.62 -19.16 -31.68
CA GLY A 233 -17.08 -17.82 -31.35
C GLY A 233 -16.51 -16.74 -32.27
N ALA A 234 -15.40 -17.06 -32.93
CA ALA A 234 -14.80 -16.14 -33.88
C ALA A 234 -15.09 -16.60 -35.31
N VAL A 235 -15.94 -17.61 -35.43
CA VAL A 235 -16.29 -18.13 -36.75
C VAL A 235 -17.82 -18.11 -37.00
N ILE A 236 -18.60 -18.44 -35.99
CA ILE A 236 -20.04 -18.22 -36.09
C ILE A 236 -20.25 -16.73 -36.22
N ALA A 237 -19.46 -15.97 -35.45
CA ALA A 237 -19.59 -14.52 -35.44
C ALA A 237 -19.16 -13.88 -36.76
N VAL A 238 -18.09 -14.40 -37.37
CA VAL A 238 -17.61 -13.83 -38.62
C VAL A 238 -18.47 -14.30 -39.80
N ILE A 239 -19.03 -15.49 -39.71
CA ILE A 239 -19.97 -15.95 -40.71
C ILE A 239 -21.24 -15.12 -40.63
N LEU A 240 -21.77 -15.00 -39.42
CA LEU A 240 -22.92 -14.14 -39.14
C LEU A 240 -22.75 -12.74 -39.74
N VAL A 241 -21.53 -12.22 -39.70
CA VAL A 241 -21.26 -10.87 -40.17
C VAL A 241 -21.38 -10.77 -41.68
N HIS A 242 -21.03 -11.82 -42.39
CA HIS A 242 -20.99 -11.74 -43.85
C HIS A 242 -22.27 -12.21 -44.57
N VAL A 243 -22.92 -13.25 -44.08
CA VAL A 243 -24.22 -13.63 -44.65
C VAL A 243 -25.20 -12.53 -44.34
N LEU A 244 -24.82 -11.64 -43.43
CA LEU A 244 -25.67 -10.52 -43.08
C LEU A 244 -25.46 -9.34 -44.05
N TRP A 245 -24.24 -9.19 -44.56
CA TRP A 245 -23.98 -8.24 -45.64
C TRP A 245 -24.57 -8.81 -46.94
N ALA A 246 -24.67 -10.14 -46.98
CA ALA A 246 -25.21 -10.80 -48.16
C ALA A 246 -26.68 -10.44 -48.33
N CYS A 247 -27.21 -9.65 -47.40
CA CYS A 247 -28.59 -9.18 -47.49
C CYS A 247 -28.59 -7.66 -47.54
N GLY A 248 -27.41 -7.06 -47.50
CA GLY A 248 -27.30 -5.61 -47.60
C GLY A 248 -27.22 -4.88 -46.26
N ILE A 249 -27.33 -5.62 -45.16
CA ILE A 249 -27.18 -5.03 -43.83
C ILE A 249 -25.72 -4.99 -43.33
N HIS A 250 -25.39 -3.93 -42.59
CA HIS A 250 -24.07 -3.75 -42.02
C HIS A 250 -23.79 -4.81 -40.96
N GLY A 251 -23.32 -5.97 -41.39
CA GLY A 251 -23.14 -7.11 -40.51
C GLY A 251 -22.19 -6.85 -39.36
N ALA A 252 -21.12 -6.13 -39.63
CA ALA A 252 -20.14 -5.84 -38.60
C ALA A 252 -20.81 -5.05 -37.48
N THR A 253 -21.52 -3.99 -37.85
CA THR A 253 -22.18 -3.14 -36.88
C THR A 253 -23.19 -3.91 -36.03
N ILE A 254 -23.83 -4.92 -36.63
CA ILE A 254 -24.85 -5.68 -35.91
C ILE A 254 -24.25 -6.71 -34.96
N VAL A 255 -23.45 -7.62 -35.50
CA VAL A 255 -22.71 -8.58 -34.70
C VAL A 255 -21.91 -7.84 -33.63
N GLY A 256 -21.06 -6.92 -34.09
CA GLY A 256 -20.29 -6.06 -33.22
C GLY A 256 -21.03 -5.58 -31.99
N GLY A 257 -21.92 -4.61 -32.17
CA GLY A 257 -22.66 -4.04 -31.05
C GLY A 257 -23.48 -5.04 -30.24
N VAL A 258 -23.22 -6.32 -30.43
CA VAL A 258 -23.90 -7.38 -29.70
C VAL A 258 -22.86 -8.28 -29.07
N MET A 259 -21.71 -8.39 -29.74
CA MET A 259 -20.57 -9.13 -29.25
C MET A 259 -19.65 -8.28 -28.40
N SER A 260 -19.26 -7.12 -28.93
CA SER A 260 -18.16 -6.30 -28.38
C SER A 260 -18.07 -6.13 -26.84
N PRO A 261 -19.20 -6.21 -26.12
CA PRO A 261 -19.09 -6.30 -24.65
C PRO A 261 -18.25 -7.51 -24.20
N ILE A 262 -17.88 -8.36 -25.14
CA ILE A 262 -17.03 -9.51 -24.82
C ILE A 262 -15.70 -9.35 -25.55
N TRP A 263 -15.76 -9.01 -26.83
CA TRP A 263 -14.56 -8.78 -27.62
C TRP A 263 -13.65 -7.72 -27.00
N LEU A 264 -14.21 -6.75 -26.30
CA LEU A 264 -13.36 -5.72 -25.73
C LEU A 264 -13.12 -5.87 -24.23
N SER A 265 -13.63 -6.95 -23.66
CA SER A 265 -13.18 -7.42 -22.34
C SER A 265 -11.87 -8.15 -22.57
N LEU A 266 -11.88 -9.03 -23.57
CA LEU A 266 -10.70 -9.78 -23.96
C LEU A 266 -9.58 -8.84 -24.37
N MET A 267 -9.92 -7.72 -24.98
CA MET A 267 -8.92 -6.76 -25.43
C MET A 267 -8.40 -5.91 -24.28
N ASP A 268 -9.17 -5.82 -23.21
CA ASP A 268 -8.73 -5.10 -22.02
C ASP A 268 -7.75 -5.99 -21.26
N GLN A 269 -8.08 -7.28 -21.17
CA GLN A 269 -7.24 -8.23 -20.44
C GLN A 269 -6.04 -8.69 -21.26
N ASN A 270 -5.97 -8.28 -22.51
CA ASN A 270 -4.75 -8.41 -23.28
C ASN A 270 -3.90 -7.17 -22.99
N ARG A 271 -4.58 -6.07 -22.67
CA ARG A 271 -3.90 -4.82 -22.39
C ARG A 271 -3.37 -4.82 -20.97
N ILE A 272 -4.14 -5.40 -20.05
CA ILE A 272 -3.71 -5.51 -18.66
C ILE A 272 -2.32 -6.15 -18.63
N ALA A 273 -2.16 -7.26 -19.34
CA ALA A 273 -0.90 -7.98 -19.44
C ALA A 273 0.15 -7.13 -20.16
N PHE A 274 -0.12 -6.85 -21.42
CA PHE A 274 0.83 -6.15 -22.28
C PHE A 274 1.70 -5.08 -21.61
N GLN A 275 1.08 -4.10 -20.94
CA GLN A 275 1.87 -3.00 -20.34
C GLN A 275 2.39 -3.35 -18.95
N ALA A 276 2.34 -4.63 -18.63
CA ALA A 276 3.02 -5.20 -17.47
C ALA A 276 3.98 -6.29 -17.96
N GLY A 277 4.41 -6.14 -19.23
CA GLY A 277 5.39 -7.00 -19.87
C GLY A 277 5.14 -8.49 -19.81
N GLN A 278 3.87 -8.88 -19.90
CA GLN A 278 3.52 -10.30 -19.83
C GLN A 278 3.08 -10.88 -21.17
N ASP A 279 3.01 -12.20 -21.22
CA ASP A 279 2.46 -12.90 -22.37
C ASP A 279 0.97 -12.61 -22.46
N VAL A 280 0.56 -11.99 -23.56
CA VAL A 280 -0.84 -11.58 -23.74
C VAL A 280 -1.78 -12.76 -23.97
N PRO A 281 -2.70 -12.98 -23.03
CA PRO A 281 -3.48 -14.22 -22.90
C PRO A 281 -4.34 -14.62 -24.10
N ASN A 282 -5.34 -13.83 -24.47
CA ASN A 282 -6.31 -14.21 -25.51
C ASN A 282 -5.93 -13.91 -26.96
N THR A 283 -6.36 -14.80 -27.86
CA THR A 283 -6.15 -14.62 -29.30
C THR A 283 -7.21 -13.71 -29.88
N ILE A 284 -8.45 -13.93 -29.46
CA ILE A 284 -9.59 -13.23 -30.01
C ILE A 284 -9.87 -11.91 -29.30
N THR A 285 -9.56 -10.81 -29.98
CA THR A 285 -9.97 -9.50 -29.51
C THR A 285 -10.66 -8.72 -30.62
N ALA A 286 -11.19 -7.55 -30.25
CA ALA A 286 -11.82 -6.66 -31.20
C ALA A 286 -10.93 -6.46 -32.43
N GLN A 287 -9.62 -6.36 -32.23
CA GLN A 287 -8.73 -6.07 -33.36
C GLN A 287 -8.21 -7.33 -34.06
N PHE A 288 -8.58 -8.50 -33.54
CA PHE A 288 -8.23 -9.74 -34.21
C PHE A 288 -8.81 -9.69 -35.60
N PHE A 289 -10.08 -9.30 -35.65
CA PHE A 289 -10.82 -9.22 -36.90
C PHE A 289 -10.47 -7.96 -37.71
N ASP A 290 -10.68 -6.79 -37.11
CA ASP A 290 -10.50 -5.51 -37.82
C ASP A 290 -9.14 -5.36 -38.50
N LEU A 291 -8.11 -5.94 -37.89
CA LEU A 291 -6.74 -5.72 -38.37
C LEU A 291 -6.16 -6.87 -39.20
N TRP A 292 -6.67 -8.08 -38.99
CA TRP A 292 -6.18 -9.22 -39.75
C TRP A 292 -7.23 -9.89 -40.66
N ILE A 293 -8.49 -9.89 -40.24
CA ILE A 293 -9.54 -10.48 -41.08
C ILE A 293 -10.21 -9.47 -42.02
N TYR A 294 -11.02 -8.57 -41.46
CA TYR A 294 -11.66 -7.52 -42.24
C TYR A 294 -10.64 -6.58 -42.83
N MET A 295 -9.83 -7.08 -43.76
CA MET A 295 -8.67 -6.31 -44.21
C MET A 295 -9.00 -5.13 -45.13
N GLY A 296 -9.67 -5.39 -46.23
CA GLY A 296 -10.10 -4.29 -47.08
C GLY A 296 -11.40 -3.66 -46.58
N GLY A 297 -12.15 -4.43 -45.80
CA GLY A 297 -13.45 -3.99 -45.31
C GLY A 297 -14.34 -5.18 -44.98
N SER A 298 -15.19 -5.57 -45.90
CA SER A 298 -16.16 -6.63 -45.62
C SER A 298 -15.57 -8.03 -45.72
N GLY A 299 -14.70 -8.27 -46.68
CA GLY A 299 -14.09 -9.57 -46.80
C GLY A 299 -12.78 -9.55 -47.55
N ALA A 300 -11.70 -9.18 -46.87
CA ALA A 300 -10.42 -8.95 -47.52
C ALA A 300 -10.67 -8.24 -48.83
N THR A 301 -11.69 -7.38 -48.83
CA THR A 301 -12.06 -6.66 -50.04
C THR A 301 -10.88 -5.99 -50.76
N LEU A 302 -9.89 -5.59 -49.97
CA LEU A 302 -8.71 -4.93 -50.49
C LEU A 302 -8.03 -5.76 -51.56
N ALA A 303 -7.94 -7.07 -51.31
CA ALA A 303 -7.33 -7.99 -52.26
C ALA A 303 -8.10 -8.02 -53.58
N LEU A 304 -9.42 -8.19 -53.48
CA LEU A 304 -10.29 -8.19 -54.65
C LEU A 304 -10.19 -6.87 -55.41
N VAL A 305 -10.00 -5.78 -54.68
CA VAL A 305 -9.85 -4.48 -55.29
C VAL A 305 -8.52 -4.35 -56.02
N VAL A 306 -7.44 -4.77 -55.36
CA VAL A 306 -6.13 -4.76 -55.99
C VAL A 306 -6.17 -5.48 -57.33
N GLY A 307 -6.77 -6.67 -57.33
CA GLY A 307 -6.97 -7.43 -58.55
C GLY A 307 -7.59 -6.62 -59.67
N MET A 308 -8.59 -5.80 -59.34
CA MET A 308 -9.23 -4.95 -60.34
C MET A 308 -8.26 -3.92 -60.92
N LEU A 309 -7.43 -3.32 -60.08
CA LEU A 309 -6.44 -2.38 -60.58
C LEU A 309 -5.35 -3.04 -61.44
N LEU A 310 -5.15 -4.34 -61.22
CA LEU A 310 -4.12 -5.07 -61.97
C LEU A 310 -4.65 -5.79 -63.21
N PHE A 311 -5.80 -6.46 -63.06
CA PHE A 311 -6.34 -7.29 -64.13
C PHE A 311 -7.69 -6.77 -64.66
N ALA A 312 -7.74 -5.46 -64.92
CA ALA A 312 -8.99 -4.79 -65.25
C ALA A 312 -9.36 -4.87 -66.72
N ARG A 313 -9.89 -6.02 -67.13
CA ARG A 313 -10.30 -6.18 -68.52
C ARG A 313 -11.42 -5.20 -68.86
N SER A 314 -12.54 -5.28 -68.14
CA SER A 314 -13.70 -4.44 -68.44
C SER A 314 -13.45 -2.96 -68.14
N GLN A 315 -14.24 -2.09 -68.75
CA GLN A 315 -14.09 -0.66 -68.57
C GLN A 315 -14.63 -0.23 -67.21
N GLN A 316 -15.52 -1.04 -66.65
CA GLN A 316 -16.16 -0.71 -65.38
C GLN A 316 -15.36 -1.16 -64.16
N LEU A 317 -15.01 -2.44 -64.11
CA LEU A 317 -14.21 -2.95 -62.99
C LEU A 317 -12.86 -2.25 -62.93
N LYS A 318 -12.44 -1.67 -64.05
CA LYS A 318 -11.19 -0.92 -64.11
C LYS A 318 -11.31 0.41 -63.39
N SER A 319 -12.48 1.03 -63.51
CA SER A 319 -12.70 2.35 -62.90
C SER A 319 -13.33 2.22 -61.52
N LEU A 320 -13.89 1.06 -61.22
CA LEU A 320 -14.33 0.78 -59.86
C LEU A 320 -13.07 0.70 -59.01
N GLY A 321 -12.14 -0.14 -59.44
CA GLY A 321 -10.86 -0.27 -58.77
C GLY A 321 -10.19 1.07 -58.60
N ARG A 322 -10.20 1.89 -59.66
CA ARG A 322 -9.55 3.18 -59.62
C ARG A 322 -10.17 4.10 -58.56
N LEU A 323 -11.41 3.79 -58.17
CA LEU A 323 -12.14 4.62 -57.22
C LEU A 323 -12.57 3.88 -55.96
N SER A 324 -11.75 2.93 -55.51
CA SER A 324 -12.05 2.25 -54.25
C SER A 324 -10.84 1.64 -53.51
N ILE A 325 -9.63 1.89 -53.99
CA ILE A 325 -8.46 1.59 -53.15
C ILE A 325 -8.25 2.71 -52.16
N ALA A 326 -8.60 3.92 -52.56
CA ALA A 326 -8.53 5.05 -51.64
C ALA A 326 -9.28 4.71 -50.36
N PRO A 327 -10.60 4.42 -50.45
CA PRO A 327 -11.35 4.04 -49.26
C PRO A 327 -10.99 2.64 -48.78
N GLY A 328 -10.56 1.78 -49.70
CA GLY A 328 -10.16 0.43 -49.35
C GLY A 328 -8.94 0.38 -48.43
N ILE A 329 -7.95 1.21 -48.74
CA ILE A 329 -6.77 1.39 -47.89
C ILE A 329 -7.17 1.58 -46.45
N PHE A 330 -8.25 2.35 -46.24
CA PHE A 330 -8.73 2.68 -44.91
C PHE A 330 -9.86 1.77 -44.46
N ASN A 331 -10.04 0.67 -45.19
CA ASN A 331 -10.91 -0.40 -44.74
C ASN A 331 -12.40 -0.12 -44.89
N ILE A 332 -12.73 0.91 -45.66
CA ILE A 332 -14.11 1.17 -46.07
C ILE A 332 -14.30 0.67 -47.50
N ASN A 333 -15.36 -0.10 -47.71
CA ASN A 333 -15.50 -0.80 -48.97
C ASN A 333 -16.91 -0.73 -49.53
N GLU A 334 -17.67 0.27 -49.12
CA GLU A 334 -19.04 0.42 -49.60
C GLU A 334 -19.06 0.39 -51.12
N MET A 335 -18.24 1.23 -51.75
CA MET A 335 -18.13 1.27 -53.20
C MET A 335 -18.14 -0.12 -53.82
N VAL A 336 -17.59 -1.09 -53.12
CA VAL A 336 -17.45 -2.44 -53.67
C VAL A 336 -18.63 -3.32 -53.29
N THR A 337 -18.84 -3.52 -51.99
CA THR A 337 -19.94 -4.33 -51.51
C THR A 337 -21.21 -4.01 -52.32
N PHE A 338 -21.54 -2.72 -52.40
CA PHE A 338 -22.78 -2.23 -53.01
C PHE A 338 -22.62 -1.82 -54.47
N GLY A 339 -21.42 -1.40 -54.85
CA GLY A 339 -21.17 -0.82 -56.16
C GLY A 339 -20.93 -1.73 -57.37
N MET A 340 -20.46 -2.96 -57.15
CA MET A 340 -20.34 -3.95 -58.22
C MET A 340 -21.30 -5.09 -57.94
N PRO A 341 -22.31 -4.82 -57.12
CA PRO A 341 -23.16 -5.65 -56.27
C PRO A 341 -22.63 -7.05 -55.88
N ILE A 342 -21.67 -7.09 -54.95
CA ILE A 342 -21.38 -8.34 -54.27
C ILE A 342 -22.63 -8.62 -53.46
N VAL A 343 -23.24 -7.54 -52.97
CA VAL A 343 -24.29 -7.58 -51.95
C VAL A 343 -25.36 -8.67 -52.02
N MET A 344 -25.95 -8.91 -53.19
CA MET A 344 -26.90 -10.01 -53.29
C MET A 344 -26.56 -10.98 -54.40
N ASN A 345 -25.53 -10.65 -55.18
CA ASN A 345 -25.06 -11.52 -56.25
C ASN A 345 -24.41 -12.80 -55.71
N PRO A 346 -24.74 -13.95 -56.33
CA PRO A 346 -24.26 -15.26 -55.88
C PRO A 346 -23.01 -15.79 -56.60
N LEU A 347 -22.28 -14.95 -57.30
CA LEU A 347 -20.94 -15.34 -57.74
C LEU A 347 -19.93 -14.79 -56.73
N LEU A 348 -19.72 -13.48 -56.76
CA LEU A 348 -18.85 -12.79 -55.80
C LEU A 348 -19.17 -13.10 -54.36
N LEU A 349 -20.35 -13.66 -54.09
CA LEU A 349 -20.71 -13.88 -52.70
C LEU A 349 -20.00 -15.11 -52.15
N ILE A 350 -19.59 -16.01 -53.06
CA ILE A 350 -18.90 -17.22 -52.65
C ILE A 350 -17.56 -16.90 -51.97
N PRO A 351 -16.69 -16.13 -52.63
CA PRO A 351 -15.43 -15.77 -51.99
C PRO A 351 -15.63 -14.73 -50.88
N PHE A 352 -16.62 -13.87 -51.05
CA PHE A 352 -16.93 -12.86 -50.05
C PHE A 352 -17.13 -13.50 -48.68
N ILE A 353 -17.85 -14.61 -48.63
CA ILE A 353 -18.09 -15.31 -47.38
C ILE A 353 -16.95 -16.22 -46.96
N VAL A 354 -16.37 -16.93 -47.92
CA VAL A 354 -15.30 -17.88 -47.60
C VAL A 354 -14.03 -17.18 -47.11
N VAL A 355 -13.41 -16.36 -47.95
CA VAL A 355 -12.12 -15.77 -47.60
C VAL A 355 -11.97 -15.34 -46.14
N PRO A 356 -12.94 -14.60 -45.60
CA PRO A 356 -12.89 -14.31 -44.16
C PRO A 356 -12.79 -15.59 -43.32
N VAL A 357 -13.81 -16.44 -43.36
CA VAL A 357 -13.79 -17.65 -42.54
C VAL A 357 -12.52 -18.50 -42.76
N VAL A 358 -11.91 -18.38 -43.93
CA VAL A 358 -10.57 -18.94 -44.13
C VAL A 358 -9.57 -18.14 -43.30
N LEU A 359 -9.36 -16.88 -43.68
CA LEU A 359 -8.40 -16.01 -43.00
C LEU A 359 -8.50 -16.08 -41.47
N THR A 360 -9.69 -16.35 -40.96
CA THR A 360 -9.90 -16.43 -39.52
C THR A 360 -9.15 -17.60 -38.92
N ILE A 361 -9.27 -18.76 -39.56
CA ILE A 361 -8.58 -19.96 -39.10
C ILE A 361 -7.07 -19.84 -39.33
N VAL A 362 -6.70 -19.34 -40.50
CA VAL A 362 -5.30 -19.15 -40.85
C VAL A 362 -4.68 -18.01 -40.04
N SER A 363 -5.32 -17.65 -38.93
CA SER A 363 -4.78 -16.63 -38.03
C SER A 363 -5.01 -17.07 -36.60
N TYR A 364 -6.15 -17.71 -36.36
CA TYR A 364 -6.43 -18.24 -35.03
C TYR A 364 -5.46 -19.36 -34.70
N PHE A 365 -4.86 -19.95 -35.73
CA PHE A 365 -3.83 -20.94 -35.49
C PHE A 365 -2.45 -20.31 -35.58
N ALA A 366 -2.20 -19.52 -36.62
CA ALA A 366 -0.95 -18.77 -36.69
C ALA A 366 -0.63 -18.09 -35.35
N MET A 367 -1.68 -17.79 -34.58
CA MET A 367 -1.50 -17.10 -33.30
C MET A 367 -1.43 -18.06 -32.10
N GLU A 368 -2.11 -19.20 -32.19
CA GLU A 368 -1.96 -20.24 -31.17
C GLU A 368 -0.63 -20.98 -31.31
N TRP A 369 -0.25 -21.25 -32.55
CA TRP A 369 1.05 -21.85 -32.84
C TRP A 369 2.17 -20.87 -32.52
N GLY A 370 1.87 -19.81 -31.78
CA GLY A 370 2.88 -18.83 -31.40
C GLY A 370 3.69 -18.27 -32.57
N LEU A 371 3.28 -18.60 -33.79
CA LEU A 371 3.96 -18.12 -34.99
C LEU A 371 3.72 -16.62 -35.18
N VAL A 372 2.59 -16.14 -34.67
CA VAL A 372 2.21 -14.73 -34.76
C VAL A 372 1.83 -14.17 -33.39
N ALA A 373 2.19 -12.90 -33.18
CA ALA A 373 1.93 -12.22 -31.93
C ALA A 373 0.45 -11.91 -31.74
N ARG A 374 -0.07 -12.27 -30.56
CA ARG A 374 -1.42 -11.89 -30.20
C ARG A 374 -1.56 -10.37 -30.20
N PRO A 375 -2.80 -9.86 -30.25
CA PRO A 375 -2.98 -8.40 -30.24
C PRO A 375 -2.58 -7.81 -28.90
N SER A 376 -1.74 -6.78 -28.96
CA SER A 376 -1.30 -6.10 -27.76
C SER A 376 -2.50 -5.73 -26.92
N GLY A 377 -3.56 -5.30 -27.58
CA GLY A 377 -4.75 -4.87 -26.88
C GLY A 377 -4.88 -3.36 -26.93
N ALA A 378 -3.96 -2.73 -27.65
CA ALA A 378 -4.11 -1.33 -27.96
C ALA A 378 -5.23 -1.30 -28.97
N ALA A 379 -6.36 -0.72 -28.58
CA ALA A 379 -7.49 -0.59 -29.48
C ALA A 379 -7.13 0.37 -30.58
N VAL A 380 -6.58 -0.14 -31.68
CA VAL A 380 -6.31 0.72 -32.82
C VAL A 380 -7.46 0.63 -33.81
N THR A 381 -7.94 1.79 -34.26
CA THR A 381 -9.23 1.87 -34.94
C THR A 381 -9.27 1.01 -36.20
N TRP A 382 -10.45 0.46 -36.49
CA TRP A 382 -10.62 -0.43 -37.63
C TRP A 382 -10.28 0.24 -38.95
N THR A 383 -10.17 1.57 -38.95
CA THR A 383 -9.91 2.28 -40.20
C THR A 383 -8.43 2.36 -40.55
N THR A 384 -7.59 1.74 -39.74
CA THR A 384 -6.14 1.85 -39.95
C THR A 384 -5.64 1.01 -41.13
N PRO A 385 -4.89 1.64 -42.05
CA PRO A 385 -4.34 1.02 -43.25
C PRO A 385 -3.60 -0.28 -42.94
N ILE A 386 -3.47 -1.13 -43.95
CA ILE A 386 -3.21 -2.55 -43.73
C ILE A 386 -1.90 -2.91 -43.05
N LEU A 387 -0.76 -2.45 -43.56
CA LEU A 387 0.54 -2.91 -43.05
C LEU A 387 0.85 -2.37 -41.65
N PHE A 388 0.73 -1.05 -41.49
CA PHE A 388 0.90 -0.41 -40.19
C PHE A 388 0.00 -1.03 -39.13
N SER A 389 -1.18 -1.48 -39.56
CA SER A 389 -2.16 -2.09 -38.68
C SER A 389 -1.60 -3.30 -37.93
N GLY A 390 -1.05 -4.25 -38.68
CA GLY A 390 -0.55 -5.49 -38.10
C GLY A 390 0.65 -5.23 -37.23
N TYR A 391 1.38 -4.18 -37.54
CA TYR A 391 2.51 -3.77 -36.70
C TYR A 391 2.00 -3.33 -35.33
N LEU A 392 1.35 -2.16 -35.31
CA LEU A 392 0.85 -1.55 -34.08
C LEU A 392 -0.14 -2.42 -33.34
N GLY A 393 -0.87 -3.25 -34.08
CA GLY A 393 -1.90 -4.08 -33.49
C GLY A 393 -1.34 -5.18 -32.62
N SER A 394 -0.05 -5.45 -32.80
CA SER A 394 0.70 -6.46 -32.05
C SER A 394 1.60 -5.82 -31.02
N GLY A 395 1.56 -4.50 -30.93
CA GLY A 395 2.46 -3.75 -30.07
C GLY A 395 3.87 -3.76 -30.62
N GLY A 396 4.00 -3.54 -31.93
CA GLY A 396 5.29 -3.41 -32.57
C GLY A 396 5.96 -4.69 -33.04
N LYS A 397 5.27 -5.83 -32.90
CA LYS A 397 5.84 -7.09 -33.36
C LYS A 397 5.64 -7.24 -34.88
N ILE A 398 6.59 -7.86 -35.56
CA ILE A 398 6.57 -7.93 -37.02
C ILE A 398 5.87 -9.20 -37.51
N SER A 399 5.67 -10.15 -36.61
CA SER A 399 4.94 -11.36 -36.95
C SER A 399 3.48 -11.01 -37.28
N GLY A 400 3.15 -9.73 -37.21
CA GLY A 400 1.81 -9.26 -37.52
C GLY A 400 1.74 -8.68 -38.92
N VAL A 401 2.77 -7.91 -39.26
CA VAL A 401 2.90 -7.37 -40.60
C VAL A 401 3.01 -8.49 -41.62
N ILE A 402 3.37 -9.69 -41.15
CA ILE A 402 3.47 -10.84 -42.04
C ILE A 402 2.16 -11.61 -42.15
N LEU A 403 1.48 -11.83 -41.02
CA LEU A 403 0.22 -12.57 -41.06
C LEU A 403 -0.67 -11.92 -42.11
N GLN A 404 -0.63 -10.59 -42.14
CA GLN A 404 -1.34 -9.84 -43.17
C GLN A 404 -0.87 -10.25 -44.55
N LEU A 405 0.40 -10.01 -44.85
CA LEU A 405 0.95 -10.36 -46.15
C LEU A 405 0.53 -11.74 -46.63
N VAL A 406 0.63 -12.74 -45.77
CA VAL A 406 0.15 -14.08 -46.10
C VAL A 406 -1.37 -14.08 -46.28
N ASN A 407 -2.06 -13.39 -45.38
CA ASN A 407 -3.51 -13.24 -45.43
C ASN A 407 -4.02 -12.51 -46.68
N PHE A 408 -3.39 -11.38 -46.99
CA PHE A 408 -3.74 -10.60 -48.17
C PHE A 408 -3.33 -11.32 -49.44
N ALA A 409 -2.27 -12.12 -49.36
CA ALA A 409 -1.88 -12.95 -50.47
C ALA A 409 -2.95 -14.01 -50.69
N LEU A 410 -3.38 -14.62 -49.59
CA LEU A 410 -4.32 -15.72 -49.60
C LEU A 410 -5.68 -15.33 -50.18
N ALA A 411 -6.13 -14.13 -49.87
CA ALA A 411 -7.41 -13.63 -50.39
C ALA A 411 -7.33 -13.44 -51.90
N PHE A 412 -6.24 -12.80 -52.32
CA PHE A 412 -5.97 -12.50 -53.73
C PHE A 412 -6.12 -13.72 -54.63
N VAL A 413 -6.01 -14.91 -54.07
CA VAL A 413 -6.05 -16.11 -54.89
C VAL A 413 -7.28 -16.97 -54.62
N ILE A 414 -8.21 -16.45 -53.83
CA ILE A 414 -9.53 -17.07 -53.73
C ILE A 414 -10.53 -16.15 -54.43
N TYR A 415 -10.11 -14.90 -54.63
CA TYR A 415 -10.94 -13.91 -55.33
C TYR A 415 -10.63 -13.92 -56.81
N LEU A 416 -9.34 -13.99 -57.14
CA LEU A 416 -8.92 -13.87 -58.53
C LEU A 416 -9.74 -14.68 -59.56
N PRO A 417 -10.13 -15.92 -59.22
CA PRO A 417 -10.96 -16.72 -60.15
C PRO A 417 -12.34 -16.10 -60.39
N PHE A 418 -12.99 -15.67 -59.32
CA PHE A 418 -14.29 -15.02 -59.45
C PHE A 418 -14.16 -13.64 -60.08
N LEU A 419 -13.19 -12.85 -59.62
CA LEU A 419 -12.95 -11.54 -60.22
C LEU A 419 -12.74 -11.66 -61.71
N LYS A 420 -12.25 -12.83 -62.15
CA LYS A 420 -12.06 -13.09 -63.58
C LYS A 420 -13.40 -13.42 -64.22
N ILE A 421 -14.06 -14.46 -63.70
CA ILE A 421 -15.38 -14.86 -64.19
C ILE A 421 -16.32 -13.68 -64.37
N TRP A 422 -16.39 -12.83 -63.35
CA TRP A 422 -17.24 -11.65 -63.38
C TRP A 422 -16.79 -10.69 -64.48
N ASP A 423 -15.51 -10.34 -64.48
CA ASP A 423 -14.96 -9.43 -65.47
C ASP A 423 -15.29 -9.94 -66.87
N LYS A 424 -15.23 -11.26 -67.04
CA LYS A 424 -15.61 -11.90 -68.28
C LYS A 424 -17.00 -11.43 -68.67
N GLN A 425 -17.96 -11.69 -67.79
CA GLN A 425 -19.34 -11.31 -68.05
C GLN A 425 -19.47 -9.82 -68.41
N LYS A 426 -18.73 -8.97 -67.72
CA LYS A 426 -18.90 -7.52 -67.86
C LYS A 426 -18.32 -6.92 -69.15
N ILE A 427 -17.40 -7.61 -69.80
CA ILE A 427 -16.93 -7.13 -71.10
C ILE A 427 -17.92 -7.54 -72.18
N ALA A 428 -18.52 -8.71 -72.01
CA ALA A 428 -19.54 -9.19 -72.95
C ALA A 428 -20.66 -8.17 -73.03
N GLU A 429 -21.36 -7.98 -71.92
CA GLU A 429 -22.49 -7.08 -71.89
C GLU A 429 -22.07 -5.63 -72.09
N GLU A 430 -20.80 -5.41 -72.39
CA GLU A 430 -20.30 -4.07 -72.59
C GLU A 430 -19.90 -3.91 -74.06
N LYS A 431 -19.74 -5.04 -74.73
CA LYS A 431 -19.52 -5.07 -76.17
C LYS A 431 -20.87 -5.09 -76.89
N GLY A 432 -21.76 -5.96 -76.42
CA GLY A 432 -23.04 -6.19 -77.06
C GLY A 432 -23.11 -7.66 -77.45
N GLU A 433 -22.55 -8.49 -76.59
CA GLU A 433 -22.37 -9.90 -76.87
C GLU A 433 -22.99 -10.74 -75.76
N ALA A 434 -22.65 -12.02 -75.71
CA ALA A 434 -23.14 -12.91 -74.67
C ALA A 434 -22.02 -13.81 -74.14
N ARG B 3 -38.22 52.05 -10.99
CA ARG B 3 -38.20 52.21 -12.41
C ARG B 3 -36.93 53.02 -12.77
N PHE B 4 -36.63 54.04 -12.00
CA PHE B 4 -35.68 55.09 -12.36
C PHE B 4 -34.21 54.67 -12.55
N LEU B 5 -33.64 54.01 -11.54
CA LEU B 5 -32.23 53.59 -11.56
C LEU B 5 -32.01 52.32 -12.39
N GLU B 6 -32.80 52.17 -13.44
CA GLU B 6 -32.72 51.01 -14.34
C GLU B 6 -31.72 51.18 -15.50
N LYS B 7 -31.21 52.39 -15.70
CA LYS B 7 -30.12 52.60 -16.64
C LYS B 7 -28.76 52.36 -15.97
N TYR B 8 -28.76 51.61 -14.87
CA TYR B 8 -27.55 51.36 -14.10
C TYR B 8 -27.44 49.91 -13.66
N VAL B 9 -28.57 49.33 -13.25
CA VAL B 9 -28.63 47.94 -12.83
C VAL B 9 -29.06 47.04 -13.97
N MET B 10 -30.05 47.46 -14.75
CA MET B 10 -30.66 46.53 -15.69
C MET B 10 -29.87 46.27 -16.99
N PRO B 11 -28.88 47.11 -17.31
CA PRO B 11 -28.05 46.70 -18.45
C PRO B 11 -27.01 45.67 -18.01
N VAL B 12 -26.47 45.84 -16.80
CA VAL B 12 -25.49 44.91 -16.26
C VAL B 12 -26.13 43.56 -15.97
N ALA B 13 -27.36 43.60 -15.44
CA ALA B 13 -28.11 42.39 -15.14
C ALA B 13 -28.36 41.58 -16.41
N GLY B 14 -28.53 42.28 -17.53
CA GLY B 14 -28.74 41.64 -18.81
C GLY B 14 -27.48 40.99 -19.36
N LYS B 15 -26.34 41.66 -19.17
CA LYS B 15 -25.07 41.16 -19.66
C LYS B 15 -24.58 39.94 -18.87
N VAL B 16 -25.03 39.84 -17.63
CA VAL B 16 -24.67 38.72 -16.77
C VAL B 16 -25.52 37.49 -17.05
N ALA B 17 -26.83 37.71 -17.19
CA ALA B 17 -27.76 36.61 -17.39
C ALA B 17 -27.58 36.02 -18.78
N GLU B 18 -26.89 36.76 -19.66
CA GLU B 18 -26.65 36.29 -21.02
C GLU B 18 -25.26 35.67 -21.15
N GLN B 19 -24.36 36.01 -20.24
CA GLN B 19 -23.02 35.44 -20.24
C GLN B 19 -23.10 33.92 -20.38
N ARG B 20 -22.47 33.39 -21.43
CA ARG B 20 -22.58 31.99 -21.78
C ARG B 20 -21.93 31.03 -20.79
N HIS B 21 -20.99 31.54 -20.00
CA HIS B 21 -20.24 30.67 -19.13
C HIS B 21 -20.90 30.51 -17.78
N LEU B 22 -21.32 31.62 -17.18
CA LEU B 22 -22.14 31.54 -15.98
C LEU B 22 -23.44 30.82 -16.32
N LEU B 23 -23.89 31.01 -17.57
CA LEU B 23 -25.08 30.35 -18.09
C LEU B 23 -24.87 28.85 -18.16
N ALA B 24 -23.76 28.46 -18.79
CA ALA B 24 -23.43 27.05 -18.97
C ALA B 24 -23.35 26.35 -17.61
N ILE B 25 -22.61 26.96 -16.69
CA ILE B 25 -22.47 26.45 -15.32
C ILE B 25 -23.81 26.43 -14.61
N ARG B 26 -24.47 27.58 -14.62
CA ARG B 26 -25.76 27.78 -13.95
C ARG B 26 -26.78 26.72 -14.35
N ASP B 27 -26.90 26.50 -15.65
CA ASP B 27 -27.92 25.59 -16.18
C ASP B 27 -27.48 24.14 -15.99
N GLY B 28 -26.23 23.85 -16.36
CA GLY B 28 -25.69 22.51 -16.21
C GLY B 28 -25.83 21.99 -14.79
N LEU B 29 -25.69 22.89 -13.82
CA LEU B 29 -25.80 22.51 -12.42
C LEU B 29 -27.18 21.97 -12.04
N VAL B 30 -28.21 22.37 -12.78
CA VAL B 30 -29.57 21.90 -12.52
C VAL B 30 -29.67 20.39 -12.66
N LEU B 31 -28.71 19.81 -13.39
CA LEU B 31 -28.72 18.38 -13.62
C LEU B 31 -28.54 17.63 -12.32
N THR B 32 -27.98 18.30 -11.32
CA THR B 32 -27.69 17.66 -10.04
C THR B 32 -28.90 17.66 -9.10
N MET B 33 -29.71 18.71 -9.20
CA MET B 33 -30.80 18.98 -8.25
C MET B 33 -31.71 17.79 -7.90
N PRO B 34 -32.41 17.24 -8.89
CA PRO B 34 -33.29 16.12 -8.55
C PRO B 34 -32.56 15.04 -7.76
N PHE B 35 -31.24 14.94 -7.97
CA PHE B 35 -30.43 13.91 -7.29
C PHE B 35 -30.12 14.27 -5.85
N LEU B 36 -29.52 15.45 -5.65
CA LEU B 36 -29.22 15.94 -4.31
C LEU B 36 -30.45 15.87 -3.44
N ILE B 37 -31.62 15.83 -4.09
CA ILE B 37 -32.89 15.63 -3.39
C ILE B 37 -33.14 14.16 -3.09
N ILE B 38 -33.11 13.32 -4.13
CA ILE B 38 -33.32 11.89 -3.95
C ILE B 38 -32.43 11.38 -2.84
N GLY B 39 -31.19 11.85 -2.83
CA GLY B 39 -30.22 11.45 -1.83
C GLY B 39 -30.52 11.97 -0.44
N SER B 40 -31.36 13.00 -0.36
CA SER B 40 -31.73 13.58 0.93
C SER B 40 -32.93 12.89 1.56
N ILE B 41 -33.72 12.21 0.74
CA ILE B 41 -34.84 11.43 1.26
C ILE B 41 -34.29 10.22 2.00
N PHE B 42 -33.15 9.71 1.52
CA PHE B 42 -32.46 8.62 2.19
C PHE B 42 -31.63 9.13 3.37
N LEU B 43 -30.92 10.23 3.15
CA LEU B 43 -30.17 10.89 4.22
C LEU B 43 -31.06 11.10 5.44
N ILE B 44 -32.21 11.73 5.23
CA ILE B 44 -33.06 12.13 6.35
C ILE B 44 -34.16 11.13 6.68
N ILE B 45 -33.95 9.87 6.32
CA ILE B 45 -34.85 8.81 6.74
C ILE B 45 -34.07 7.94 7.70
N SER B 46 -32.77 8.21 7.74
CA SER B 46 -31.83 7.42 8.52
C SER B 46 -31.29 8.24 9.67
N THR B 47 -31.46 9.55 9.58
CA THR B 47 -30.98 10.45 10.62
C THR B 47 -32.13 11.16 11.34
N LEU B 48 -33.37 10.80 11.00
CA LEU B 48 -34.54 11.41 11.64
C LEU B 48 -34.56 11.07 13.13
N PRO B 49 -34.50 12.11 13.99
CA PRO B 49 -34.34 11.98 15.45
C PRO B 49 -35.62 11.60 16.22
N ILE B 50 -36.54 10.90 15.57
CA ILE B 50 -37.75 10.42 16.22
C ILE B 50 -37.44 9.54 17.45
N PRO B 51 -38.19 9.76 18.54
CA PRO B 51 -38.06 9.17 19.88
C PRO B 51 -37.84 7.65 19.90
N GLY B 52 -38.74 6.88 19.30
CA GLY B 52 -38.57 5.44 19.17
C GLY B 52 -38.35 5.03 17.73
N TYR B 53 -37.30 5.57 17.12
CA TYR B 53 -37.01 5.39 15.72
C TYR B 53 -35.66 4.70 15.54
N SER B 54 -34.66 5.23 16.21
CA SER B 54 -33.32 4.65 16.21
C SER B 54 -33.40 3.15 16.48
N GLU B 55 -34.43 2.73 17.21
CA GLU B 55 -34.61 1.32 17.54
C GLU B 55 -35.75 0.71 16.72
N PHE B 56 -36.78 1.50 16.48
CA PHE B 56 -37.91 1.10 15.65
C PHE B 56 -37.40 0.32 14.43
N MET B 57 -36.48 0.93 13.70
CA MET B 57 -35.95 0.33 12.48
C MET B 57 -34.94 -0.77 12.78
N ALA B 58 -34.32 -0.70 13.96
CA ALA B 58 -33.31 -1.69 14.34
C ALA B 58 -33.91 -3.09 14.40
N SER B 59 -35.10 -3.21 14.98
CA SER B 59 -35.75 -4.50 15.13
C SER B 59 -36.00 -5.19 13.79
N LEU B 60 -36.71 -4.50 12.90
CA LEU B 60 -37.16 -5.07 11.64
C LEU B 60 -36.00 -5.47 10.72
N PHE B 61 -35.13 -4.51 10.39
CA PHE B 61 -33.99 -4.73 9.52
C PHE B 61 -32.87 -5.48 10.24
N GLY B 62 -32.26 -4.82 11.23
CA GLY B 62 -31.13 -5.37 11.96
C GLY B 62 -30.39 -4.31 12.74
N LYS B 63 -29.14 -4.59 13.08
CA LYS B 63 -28.31 -3.67 13.87
C LYS B 63 -27.82 -2.50 13.02
N ASN B 64 -27.25 -2.83 11.86
CA ASN B 64 -26.81 -1.83 10.90
C ASN B 64 -27.89 -1.51 9.88
N TRP B 65 -29.06 -1.13 10.38
CA TRP B 65 -30.19 -0.72 9.55
C TRP B 65 -29.86 0.60 8.88
N ASN B 66 -28.70 1.15 9.23
CA ASN B 66 -28.38 2.55 8.94
C ASN B 66 -27.40 2.70 7.79
N VAL B 67 -26.68 1.64 7.48
CA VAL B 67 -25.63 1.71 6.46
C VAL B 67 -26.21 1.64 5.05
N ALA B 68 -27.27 0.87 4.89
CA ALA B 68 -27.93 0.75 3.59
C ALA B 68 -28.42 2.12 3.19
N LEU B 69 -29.07 2.80 4.12
CA LEU B 69 -29.65 4.12 3.86
C LEU B 69 -28.58 5.17 3.57
N GLY B 70 -27.33 4.74 3.50
CA GLY B 70 -26.24 5.64 3.19
C GLY B 70 -25.74 5.42 1.77
N TYR B 71 -26.26 4.38 1.12
CA TYR B 71 -25.87 4.06 -0.24
C TYR B 71 -26.25 5.15 -1.25
N PRO B 72 -27.56 5.45 -1.38
CA PRO B 72 -27.98 6.49 -2.33
C PRO B 72 -27.27 7.82 -2.09
N VAL B 73 -26.91 8.10 -0.84
CA VAL B 73 -26.23 9.34 -0.49
C VAL B 73 -24.82 9.35 -1.08
N SER B 74 -24.22 8.17 -1.15
CA SER B 74 -22.92 8.01 -1.76
C SER B 74 -23.04 8.28 -3.26
N ALA B 75 -24.05 7.69 -3.89
CA ALA B 75 -24.23 7.76 -5.34
C ALA B 75 -24.67 9.14 -5.84
N THR B 76 -25.12 10.00 -4.93
CA THR B 76 -25.61 11.31 -5.32
C THR B 76 -24.74 12.46 -4.81
N PHE B 77 -24.59 12.53 -3.49
CA PHE B 77 -23.85 13.60 -2.84
C PHE B 77 -22.34 13.55 -3.09
N ASN B 78 -21.80 12.34 -3.20
CA ASN B 78 -20.35 12.15 -3.44
C ASN B 78 -20.01 12.10 -4.93
N ILE B 79 -20.92 12.59 -5.74
CA ILE B 79 -20.78 12.46 -7.18
C ILE B 79 -21.30 13.75 -7.84
N MET B 80 -21.89 14.63 -7.03
CA MET B 80 -22.30 15.94 -7.48
C MET B 80 -21.47 16.43 -8.66
N ALA B 81 -20.17 16.60 -8.46
CA ALA B 81 -19.32 17.21 -9.48
C ALA B 81 -19.12 16.37 -10.73
N LEU B 82 -19.36 15.07 -10.62
CA LEU B 82 -19.26 14.20 -11.78
C LEU B 82 -20.41 14.50 -12.72
N ILE B 83 -21.62 14.33 -12.21
CA ILE B 83 -22.84 14.75 -12.90
C ILE B 83 -22.70 16.18 -13.38
N ALA B 84 -22.46 17.10 -12.46
CA ALA B 84 -22.26 18.50 -12.79
C ALA B 84 -21.27 18.74 -13.92
N VAL B 85 -20.26 17.89 -14.04
CA VAL B 85 -19.31 18.08 -15.14
C VAL B 85 -19.94 17.72 -16.49
N PHE B 86 -20.74 16.66 -16.52
CA PHE B 86 -21.45 16.31 -17.75
C PHE B 86 -22.35 17.47 -18.11
N GLY B 87 -23.29 17.76 -17.23
CA GLY B 87 -24.20 18.88 -17.41
C GLY B 87 -23.55 20.09 -18.05
N ILE B 88 -22.61 20.71 -17.32
CA ILE B 88 -22.03 21.96 -17.78
C ILE B 88 -21.47 21.89 -19.20
N ALA B 89 -20.66 20.87 -19.49
CA ALA B 89 -20.07 20.75 -20.82
C ALA B 89 -21.17 20.56 -21.86
N TYR B 90 -22.06 19.63 -21.57
CA TYR B 90 -23.18 19.33 -22.43
C TYR B 90 -23.93 20.58 -22.82
N ARG B 91 -24.23 21.42 -21.83
CA ARG B 91 -24.98 22.65 -22.08
C ARG B 91 -24.18 23.64 -22.91
N LEU B 92 -22.97 23.97 -22.47
CA LEU B 92 -22.13 24.86 -23.25
C LEU B 92 -21.96 24.23 -24.63
N GLY B 93 -22.24 22.94 -24.70
CA GLY B 93 -22.22 22.23 -25.96
C GLY B 93 -23.38 22.67 -26.82
N GLU B 94 -24.61 22.34 -26.38
CA GLU B 94 -25.83 22.77 -27.07
C GLU B 94 -25.71 24.21 -27.54
N TYR B 95 -25.22 25.06 -26.63
CA TYR B 95 -24.99 26.47 -26.91
C TYR B 95 -24.19 26.70 -28.19
N TYR B 96 -22.98 26.18 -28.24
CA TYR B 96 -22.08 26.41 -29.37
C TYR B 96 -22.49 25.67 -30.64
N LYS B 97 -23.64 24.99 -30.57
CA LYS B 97 -24.15 24.22 -31.70
C LYS B 97 -23.11 23.20 -32.16
N VAL B 98 -22.53 22.48 -31.20
CA VAL B 98 -21.65 21.36 -31.51
C VAL B 98 -22.34 20.09 -31.02
N ASP B 99 -21.62 18.97 -31.12
CA ASP B 99 -22.14 17.70 -30.68
C ASP B 99 -22.20 17.71 -29.15
N ALA B 100 -23.40 17.77 -28.58
CA ALA B 100 -23.52 17.88 -27.12
C ALA B 100 -23.16 16.58 -26.43
N LEU B 101 -23.80 15.48 -26.82
CA LEU B 101 -23.46 14.17 -26.29
C LEU B 101 -21.95 14.01 -26.18
N ALA B 102 -21.24 14.46 -27.21
CA ALA B 102 -19.78 14.38 -27.23
C ALA B 102 -19.19 15.33 -26.21
N SER B 103 -19.47 16.63 -26.35
CA SER B 103 -18.85 17.62 -25.49
C SER B 103 -19.05 17.27 -24.01
N GLY B 104 -20.17 16.61 -23.72
CA GLY B 104 -20.56 16.28 -22.36
C GLY B 104 -20.03 14.97 -21.83
N ALA B 105 -19.47 14.15 -22.71
CA ALA B 105 -18.79 12.92 -22.33
C ALA B 105 -17.31 13.19 -22.38
N LEU B 106 -16.87 13.99 -23.35
CA LEU B 106 -15.48 14.37 -23.41
C LEU B 106 -15.06 14.88 -22.05
N SER B 107 -15.91 15.71 -21.43
CA SER B 107 -15.57 16.35 -20.16
C SER B 107 -15.76 15.41 -18.99
N LEU B 108 -16.59 14.38 -19.13
CA LEU B 108 -16.62 13.33 -18.13
C LEU B 108 -15.25 12.68 -18.13
N VAL B 109 -14.80 12.27 -19.31
CA VAL B 109 -13.46 11.71 -19.47
C VAL B 109 -12.39 12.67 -19.01
N THR B 110 -12.42 13.90 -19.52
CA THR B 110 -11.43 14.90 -19.14
C THR B 110 -11.32 15.09 -17.65
N PHE B 111 -12.46 15.24 -16.98
CA PHE B 111 -12.50 15.37 -15.55
C PHE B 111 -11.68 14.28 -14.92
N LEU B 112 -12.08 13.03 -15.18
CA LEU B 112 -11.34 11.90 -14.64
C LEU B 112 -9.84 11.99 -14.96
N LEU B 113 -9.48 12.23 -16.21
CA LEU B 113 -8.07 12.43 -16.56
C LEU B 113 -7.39 13.46 -15.65
N ALA B 114 -8.13 14.48 -15.26
CA ALA B 114 -7.57 15.55 -14.44
C ALA B 114 -7.32 15.13 -13.00
N THR B 115 -8.15 14.24 -12.48
CA THR B 115 -8.01 13.80 -11.10
C THR B 115 -7.41 12.40 -11.04
N PRO B 116 -6.39 12.21 -10.17
CA PRO B 116 -5.53 11.03 -10.11
C PRO B 116 -6.26 9.81 -9.56
N PHE B 117 -6.03 8.66 -10.19
CA PHE B 117 -6.68 7.41 -9.78
C PHE B 117 -5.88 6.70 -8.69
N GLN B 118 -5.73 7.36 -7.54
CA GLN B 118 -4.94 6.85 -6.43
C GLN B 118 -5.18 7.63 -5.14
N VAL B 119 -5.17 6.92 -4.03
CA VAL B 119 -5.26 7.56 -2.71
C VAL B 119 -4.04 7.17 -1.88
N ALA B 120 -3.48 8.15 -1.16
CA ALA B 120 -2.28 7.90 -0.34
C ALA B 120 -2.54 8.00 1.15
N TYR B 121 -2.25 6.92 1.86
CA TYR B 121 -2.21 6.91 3.32
C TYR B 121 -0.79 7.22 3.79
N ILE B 122 -0.67 8.12 4.76
CA ILE B 122 0.63 8.52 5.27
C ILE B 122 0.76 8.10 6.73
N MET B 123 1.98 7.76 7.15
CA MET B 123 2.26 7.43 8.55
C MET B 123 2.55 8.72 9.32
N PRO B 124 1.87 8.91 10.47
CA PRO B 124 1.83 10.22 11.13
C PRO B 124 3.23 10.78 11.40
N GLY B 125 3.58 11.88 10.74
CA GLY B 125 4.88 12.51 10.91
C GLY B 125 6.02 11.52 10.78
N THR B 126 6.10 10.85 9.63
CA THR B 126 7.18 9.91 9.37
C THR B 126 7.68 10.04 7.93
N LYS B 127 6.97 10.82 7.13
CA LYS B 127 7.38 11.07 5.75
C LYS B 127 7.59 9.77 4.96
N GLU B 128 6.74 8.79 5.21
CA GLU B 128 6.66 7.58 4.40
C GLU B 128 5.21 7.09 4.39
N SER B 129 4.85 6.27 3.42
CA SER B 129 3.44 6.06 3.10
C SER B 129 3.16 4.80 2.32
N ILE B 130 1.88 4.42 2.27
CA ILE B 130 1.40 3.42 1.32
C ILE B 130 0.36 4.06 0.43
N LEU B 131 0.06 3.42 -0.69
CA LEU B 131 -0.91 4.04 -1.59
C LEU B 131 -1.73 3.04 -2.40
N VAL B 132 -3.06 3.22 -2.35
CA VAL B 132 -3.98 2.42 -3.13
C VAL B 132 -4.14 3.00 -4.54
N ASP B 133 -4.08 2.13 -5.55
CA ASP B 133 -4.13 2.56 -6.94
C ASP B 133 -5.36 1.99 -7.62
N GLY B 134 -5.57 2.39 -8.86
CA GLY B 134 -6.78 2.01 -9.58
C GLY B 134 -7.95 2.35 -8.68
N VAL B 135 -7.94 3.58 -8.19
CA VAL B 135 -8.94 4.02 -7.23
C VAL B 135 -9.37 5.46 -7.56
N ILE B 136 -10.66 5.65 -7.81
CA ILE B 136 -11.22 6.98 -8.03
C ILE B 136 -11.57 7.57 -6.68
N PRO B 137 -10.76 8.51 -6.18
CA PRO B 137 -11.01 9.11 -4.87
C PRO B 137 -12.37 9.79 -4.81
N ALA B 138 -13.33 9.14 -4.16
CA ALA B 138 -14.74 9.56 -4.19
C ALA B 138 -15.02 10.86 -3.45
N ALA B 139 -13.98 11.60 -3.10
CA ALA B 139 -14.15 12.87 -2.43
C ALA B 139 -13.79 13.95 -3.42
N LEU B 140 -13.10 13.55 -4.48
CA LEU B 140 -12.75 14.45 -5.57
C LEU B 140 -13.85 14.49 -6.61
N MET B 141 -14.86 13.64 -6.41
CA MET B 141 -16.07 13.63 -7.22
C MET B 141 -17.12 14.52 -6.59
N GLY B 142 -17.18 14.50 -5.27
CA GLY B 142 -18.21 15.21 -4.53
C GLY B 142 -18.14 16.72 -4.56
N SER B 143 -18.85 17.34 -3.63
CA SER B 143 -19.04 18.79 -3.60
C SER B 143 -17.75 19.60 -3.64
N GLN B 144 -16.62 18.95 -3.36
CA GLN B 144 -15.36 19.67 -3.29
C GLN B 144 -14.64 19.77 -4.63
N GLY B 145 -15.27 19.25 -5.67
CA GLY B 145 -14.63 19.21 -6.96
C GLY B 145 -15.34 19.98 -8.05
N LEU B 146 -16.58 20.40 -7.80
CA LEU B 146 -17.30 21.09 -8.85
C LEU B 146 -16.73 22.47 -9.15
N PHE B 147 -15.61 22.80 -8.51
CA PHE B 147 -14.88 23.99 -8.89
C PHE B 147 -13.91 23.65 -10.01
N VAL B 148 -13.45 22.41 -10.04
CA VAL B 148 -12.64 21.93 -11.15
C VAL B 148 -13.55 21.33 -12.21
N ALA B 149 -14.72 20.88 -11.80
CA ALA B 149 -15.73 20.43 -12.76
C ALA B 149 -16.05 21.56 -13.74
N MET B 150 -16.36 22.74 -13.20
CA MET B 150 -16.49 23.95 -14.01
C MET B 150 -15.26 24.13 -14.87
N ILE B 151 -14.16 24.58 -14.26
CA ILE B 151 -12.93 24.89 -14.99
C ILE B 151 -12.66 23.93 -16.16
N ILE B 152 -12.67 22.63 -15.90
CA ILE B 152 -12.29 21.70 -16.97
C ILE B 152 -13.38 21.47 -18.00
N ALA B 153 -14.64 21.44 -17.57
CA ALA B 153 -15.75 21.34 -18.52
C ALA B 153 -15.77 22.53 -19.48
N ILE B 154 -15.64 23.72 -18.91
CA ILE B 154 -15.52 24.94 -19.71
C ILE B 154 -14.26 24.97 -20.59
N ILE B 155 -13.13 24.51 -20.06
CA ILE B 155 -11.89 24.47 -20.83
C ILE B 155 -11.98 23.45 -21.96
N SER B 156 -12.53 22.27 -21.64
CA SER B 156 -12.63 21.20 -22.62
C SER B 156 -13.58 21.59 -23.73
N THR B 157 -14.85 21.76 -23.38
CA THR B 157 -15.87 22.09 -24.37
C THR B 157 -15.50 23.33 -25.21
N GLU B 158 -14.87 24.31 -24.57
CA GLU B 158 -14.46 25.52 -25.29
C GLU B 158 -13.43 25.21 -26.37
N ILE B 159 -12.42 24.42 -26.03
CA ILE B 159 -11.42 23.98 -27.01
C ILE B 159 -12.06 23.04 -28.03
N TYR B 160 -13.03 22.25 -27.58
CA TYR B 160 -13.63 21.24 -28.42
C TYR B 160 -14.47 21.85 -29.54
N ARG B 161 -15.21 22.90 -29.21
CA ARG B 161 -16.04 23.53 -30.23
C ARG B 161 -15.18 24.33 -31.19
N PHE B 162 -14.16 25.00 -30.66
CA PHE B 162 -13.28 25.81 -31.50
C PHE B 162 -12.60 24.94 -32.55
N LEU B 163 -12.52 23.65 -32.30
CA LEU B 163 -11.81 22.78 -33.21
C LEU B 163 -12.69 22.23 -34.33
N VAL B 164 -13.94 21.91 -34.02
CA VAL B 164 -14.89 21.51 -35.06
C VAL B 164 -15.24 22.72 -35.91
N GLN B 165 -15.33 23.88 -35.27
CA GLN B 165 -15.61 25.13 -35.97
C GLN B 165 -14.45 25.55 -36.85
N LYS B 166 -13.24 25.13 -36.50
CA LYS B 166 -12.10 25.34 -37.37
C LYS B 166 -12.06 24.22 -38.40
N LYS B 167 -13.15 23.47 -38.45
CA LYS B 167 -13.28 22.36 -39.39
C LYS B 167 -12.15 21.34 -39.33
N MET B 168 -11.35 21.38 -38.26
CA MET B 168 -10.31 20.37 -38.02
C MET B 168 -10.96 19.03 -37.64
N ILE B 169 -11.22 18.21 -38.64
CA ILE B 169 -12.15 17.11 -38.48
C ILE B 169 -11.82 15.94 -39.39
N ILE B 170 -12.14 14.73 -38.94
CA ILE B 170 -12.09 13.57 -39.82
C ILE B 170 -13.29 13.58 -40.76
N LYS B 171 -13.01 13.42 -42.05
CA LYS B 171 -14.02 13.58 -43.09
C LYS B 171 -14.46 12.22 -43.67
N MET B 172 -15.29 11.49 -42.94
CA MET B 172 -15.72 10.16 -43.37
C MET B 172 -16.61 10.17 -44.61
N PRO B 173 -16.35 9.25 -45.55
CA PRO B 173 -17.11 9.05 -46.80
C PRO B 173 -18.62 9.04 -46.53
N GLU B 174 -19.38 9.57 -47.48
CA GLU B 174 -20.82 9.74 -47.30
C GLU B 174 -21.57 8.42 -47.25
N THR B 175 -20.99 7.38 -47.86
CA THR B 175 -21.62 6.07 -47.94
C THR B 175 -21.68 5.35 -46.60
N VAL B 176 -20.71 5.64 -45.74
CA VAL B 176 -20.59 5.03 -44.41
C VAL B 176 -21.69 5.51 -43.48
N PRO B 177 -22.26 4.59 -42.67
CA PRO B 177 -23.33 4.93 -41.72
C PRO B 177 -23.13 6.27 -41.04
N PRO B 178 -24.20 6.82 -40.45
CA PRO B 178 -24.11 8.14 -39.82
C PRO B 178 -23.45 8.09 -38.43
N ALA B 179 -23.66 7.01 -37.69
CA ALA B 179 -22.96 6.81 -36.43
C ALA B 179 -21.46 6.93 -36.67
N VAL B 180 -20.97 6.17 -37.64
CA VAL B 180 -19.57 6.21 -38.02
C VAL B 180 -19.10 7.63 -38.32
N THR B 181 -19.91 8.43 -39.01
CA THR B 181 -19.48 9.77 -39.40
C THR B 181 -19.29 10.67 -38.17
N ARG B 182 -20.22 10.56 -37.22
CA ARG B 182 -20.19 11.40 -36.01
C ARG B 182 -19.00 11.06 -35.13
N SER B 183 -18.83 9.77 -34.84
CA SER B 183 -17.70 9.31 -34.04
C SER B 183 -16.42 9.92 -34.53
N PHE B 184 -16.00 9.49 -35.72
CA PHE B 184 -14.73 9.95 -36.29
C PHE B 184 -14.60 11.46 -36.43
N ALA B 185 -15.72 12.16 -36.53
CA ALA B 185 -15.69 13.62 -36.50
C ALA B 185 -14.98 14.05 -35.23
N ALA B 186 -15.51 13.59 -34.10
CA ALA B 186 -14.99 13.94 -32.77
C ALA B 186 -13.52 13.59 -32.57
N LEU B 187 -13.11 12.42 -33.06
CA LEU B 187 -11.78 11.89 -32.80
C LEU B 187 -10.70 12.97 -32.73
N ILE B 188 -10.53 13.75 -33.77
CA ILE B 188 -9.42 14.73 -33.76
C ILE B 188 -9.54 15.81 -32.69
N PRO B 189 -10.69 16.49 -32.59
CA PRO B 189 -10.80 17.44 -31.48
C PRO B 189 -10.62 16.72 -30.15
N GLY B 190 -11.41 15.68 -29.92
CA GLY B 190 -11.31 14.88 -28.71
C GLY B 190 -9.87 14.61 -28.32
N PHE B 191 -9.12 14.01 -29.23
CA PHE B 191 -7.71 13.72 -28.98
C PHE B 191 -7.01 14.96 -28.46
N ILE B 192 -7.02 16.04 -29.24
CA ILE B 192 -6.37 17.28 -28.84
C ILE B 192 -6.82 17.79 -27.47
N VAL B 193 -8.10 17.64 -27.16
CA VAL B 193 -8.57 18.07 -25.85
C VAL B 193 -7.92 17.28 -24.73
N VAL B 194 -8.07 15.95 -24.72
CA VAL B 194 -7.44 15.15 -23.67
C VAL B 194 -5.96 15.51 -23.55
N THR B 195 -5.31 15.71 -24.70
CA THR B 195 -3.89 16.04 -24.73
C THR B 195 -3.61 17.33 -23.97
N VAL B 196 -4.47 18.34 -24.16
CA VAL B 196 -4.27 19.61 -23.48
C VAL B 196 -4.44 19.45 -21.98
N VAL B 197 -5.59 18.90 -21.57
CA VAL B 197 -5.86 18.66 -20.15
C VAL B 197 -4.74 17.85 -19.54
N TRP B 198 -4.40 16.74 -20.19
CA TRP B 198 -3.27 15.93 -19.80
C TRP B 198 -2.03 16.78 -19.53
N ILE B 199 -1.59 17.53 -20.54
CA ILE B 199 -0.44 18.41 -20.40
C ILE B 199 -0.61 19.44 -19.29
N ILE B 200 -1.83 19.93 -19.09
CA ILE B 200 -2.13 20.81 -17.98
C ILE B 200 -1.86 20.09 -16.67
N ARG B 201 -2.34 18.86 -16.56
CA ARG B 201 -2.09 18.06 -15.37
C ARG B 201 -0.59 17.92 -15.13
N LEU B 202 0.12 17.29 -16.08
CA LEU B 202 1.56 17.08 -15.93
C LEU B 202 2.25 18.33 -15.39
N ILE B 203 1.80 19.51 -15.79
CA ILE B 203 2.39 20.74 -15.30
C ILE B 203 2.23 20.94 -13.78
N PHE B 204 1.01 20.89 -13.27
CA PHE B 204 0.79 21.01 -11.83
C PHE B 204 1.26 19.76 -11.08
N GLU B 205 1.43 18.70 -11.85
CA GLU B 205 2.03 17.45 -11.41
C GLU B 205 3.47 17.79 -10.98
N HIS B 206 3.95 18.94 -11.46
CA HIS B 206 5.31 19.39 -11.23
C HIS B 206 5.37 20.75 -10.55
N THR B 207 4.44 21.03 -9.65
CA THR B 207 4.48 22.26 -8.87
C THR B 207 4.33 21.93 -7.39
N THR B 208 4.25 22.95 -6.55
CA THR B 208 4.04 22.75 -5.12
C THR B 208 2.79 21.91 -4.88
N PHE B 209 1.63 22.46 -5.26
CA PHE B 209 0.38 21.70 -5.27
C PHE B 209 0.49 20.61 -6.32
N GLY B 210 0.26 19.37 -5.92
CA GLY B 210 0.50 18.23 -6.78
C GLY B 210 -0.60 17.92 -7.77
N SER B 211 -1.82 18.31 -7.42
CA SER B 211 -2.99 18.05 -8.25
C SER B 211 -3.42 19.28 -9.02
N ILE B 212 -4.40 19.07 -9.89
CA ILE B 212 -5.18 20.16 -10.46
C ILE B 212 -6.18 20.60 -9.41
N HIS B 213 -6.88 19.63 -8.83
CA HIS B 213 -7.90 19.88 -7.81
C HIS B 213 -7.32 20.72 -6.68
N ASN B 214 -6.02 20.55 -6.45
CA ASN B 214 -5.34 21.13 -5.30
C ASN B 214 -5.07 22.61 -5.52
N VAL B 215 -4.39 22.94 -6.60
CA VAL B 215 -4.09 24.33 -6.92
C VAL B 215 -5.39 25.10 -7.02
N VAL B 216 -6.41 24.42 -7.53
CA VAL B 216 -7.72 25.02 -7.73
C VAL B 216 -8.45 25.21 -6.40
N GLY B 217 -8.25 24.26 -5.50
CA GLY B 217 -8.85 24.35 -4.18
C GLY B 217 -8.13 25.29 -3.24
N LYS B 218 -6.83 25.47 -3.46
CA LYS B 218 -6.02 26.31 -2.57
C LYS B 218 -6.17 27.80 -2.91
N LEU B 219 -6.20 28.10 -4.20
CA LEU B 219 -6.25 29.48 -4.67
C LEU B 219 -7.67 29.91 -5.04
N LEU B 220 -8.58 28.96 -5.16
CA LEU B 220 -9.94 29.29 -5.55
C LEU B 220 -10.98 28.76 -4.56
N GLN B 221 -11.29 27.47 -4.66
CA GLN B 221 -12.36 26.87 -3.86
C GLN B 221 -12.32 27.29 -2.40
N GLU B 222 -11.13 27.32 -1.80
CA GLU B 222 -10.97 27.60 -0.36
C GLU B 222 -11.31 29.03 0.05
N PRO B 223 -10.54 30.02 -0.46
CA PRO B 223 -10.76 31.41 -0.03
C PRO B 223 -12.13 31.93 -0.46
N LEU B 224 -12.71 31.35 -1.50
CA LEU B 224 -14.02 31.77 -1.95
C LEU B 224 -15.13 31.18 -1.08
N SER B 225 -14.89 29.96 -0.58
CA SER B 225 -15.82 29.38 0.38
C SER B 225 -15.87 30.28 1.61
N ILE B 226 -14.79 31.00 1.86
CA ILE B 226 -14.70 31.92 2.97
C ILE B 226 -15.57 33.18 2.74
N LEU B 227 -15.34 33.88 1.63
CA LEU B 227 -16.18 35.02 1.28
C LEU B 227 -17.65 34.60 1.27
N GLY B 228 -17.87 33.32 0.95
CA GLY B 228 -19.21 32.77 0.80
C GLY B 228 -19.99 32.65 2.10
N ALA B 229 -19.37 32.07 3.13
CA ALA B 229 -20.06 31.90 4.39
C ALA B 229 -20.01 33.17 5.21
N SER B 230 -19.48 34.23 4.61
CA SER B 230 -19.45 35.55 5.23
C SER B 230 -20.87 36.01 5.56
N LEU B 231 -21.01 37.00 6.43
CA LEU B 231 -22.31 37.62 6.62
C LEU B 231 -22.55 38.57 5.48
N TRP B 232 -21.49 39.24 5.04
CA TRP B 232 -21.56 40.06 3.85
C TRP B 232 -21.78 39.19 2.62
N GLY B 233 -21.35 37.95 2.68
CA GLY B 233 -21.57 37.02 1.59
C GLY B 233 -23.03 36.66 1.45
N ALA B 234 -23.70 36.40 2.58
CA ALA B 234 -25.11 36.05 2.58
C ALA B 234 -25.98 37.27 2.31
N VAL B 235 -25.56 38.42 2.80
CA VAL B 235 -26.32 39.65 2.55
C VAL B 235 -26.19 40.08 1.08
N ILE B 236 -24.97 40.25 0.59
CA ILE B 236 -24.76 40.74 -0.75
C ILE B 236 -25.36 39.83 -1.82
N ALA B 237 -25.47 38.55 -1.49
CA ALA B 237 -26.12 37.61 -2.42
C ALA B 237 -27.62 37.84 -2.42
N VAL B 238 -28.20 37.88 -1.22
CA VAL B 238 -29.64 38.13 -1.08
C VAL B 238 -30.04 39.48 -1.67
N ILE B 239 -29.17 40.47 -1.51
CA ILE B 239 -29.43 41.80 -2.04
C ILE B 239 -29.28 41.88 -3.56
N LEU B 240 -28.47 40.99 -4.13
CA LEU B 240 -28.38 40.86 -5.58
C LEU B 240 -29.57 40.07 -6.11
N VAL B 241 -29.90 38.99 -5.40
CA VAL B 241 -30.99 38.11 -5.81
C VAL B 241 -32.28 38.87 -6.00
N HIS B 242 -32.45 39.97 -5.28
CA HIS B 242 -33.71 40.70 -5.30
C HIS B 242 -33.74 41.94 -6.17
N VAL B 243 -32.63 42.67 -6.25
CA VAL B 243 -32.56 43.80 -7.17
C VAL B 243 -32.31 43.31 -8.60
N LEU B 244 -32.47 42.00 -8.79
CA LEU B 244 -32.53 41.43 -10.12
C LEU B 244 -33.99 41.17 -10.46
N TRP B 245 -34.71 40.57 -9.52
CA TRP B 245 -36.15 40.43 -9.63
C TRP B 245 -36.77 41.80 -9.88
N ALA B 246 -36.18 42.82 -9.27
CA ALA B 246 -36.65 44.18 -9.41
C ALA B 246 -36.72 44.56 -10.89
N CYS B 247 -35.77 44.08 -11.67
CA CYS B 247 -35.74 44.34 -13.10
C CYS B 247 -36.44 43.22 -13.84
N GLY B 248 -37.19 42.41 -13.10
CA GLY B 248 -38.00 41.37 -13.70
C GLY B 248 -37.23 40.13 -14.10
N ILE B 249 -35.99 40.02 -13.62
CA ILE B 249 -35.18 38.81 -13.82
C ILE B 249 -35.25 37.85 -12.63
N HIS B 250 -34.77 36.63 -12.83
CA HIS B 250 -34.86 35.61 -11.80
C HIS B 250 -33.55 35.52 -11.03
N GLY B 251 -33.27 36.52 -10.21
CA GLY B 251 -32.03 36.55 -9.45
C GLY B 251 -31.71 35.24 -8.76
N ALA B 252 -32.73 34.58 -8.22
CA ALA B 252 -32.54 33.34 -7.49
C ALA B 252 -31.72 32.33 -8.28
N THR B 253 -32.06 32.14 -9.54
CA THR B 253 -31.31 31.19 -10.36
C THR B 253 -30.05 31.83 -10.92
N ILE B 254 -30.10 33.15 -11.17
CA ILE B 254 -28.93 33.87 -11.66
C ILE B 254 -27.76 33.92 -10.65
N VAL B 255 -28.01 34.47 -9.47
CA VAL B 255 -27.03 34.42 -8.39
C VAL B 255 -26.82 32.97 -7.96
N GLY B 256 -27.91 32.30 -7.59
CA GLY B 256 -27.86 30.89 -7.25
C GLY B 256 -26.93 30.12 -8.16
N GLY B 257 -26.91 30.49 -9.43
CA GLY B 257 -26.11 29.77 -10.41
C GLY B 257 -24.64 30.09 -10.33
N VAL B 258 -24.32 31.28 -9.83
CA VAL B 258 -22.93 31.65 -9.62
C VAL B 258 -22.43 31.10 -8.28
N MET B 259 -23.25 31.26 -7.25
CA MET B 259 -22.85 30.95 -5.89
C MET B 259 -23.12 29.52 -5.42
N SER B 260 -23.79 28.71 -6.23
CA SER B 260 -24.12 27.36 -5.75
C SER B 260 -22.88 26.44 -5.63
N PRO B 261 -21.88 26.60 -6.52
CA PRO B 261 -20.64 25.84 -6.33
C PRO B 261 -20.05 26.03 -4.93
N ILE B 262 -20.48 27.08 -4.23
CA ILE B 262 -20.00 27.32 -2.88
C ILE B 262 -21.07 26.93 -1.87
N TRP B 263 -22.32 27.28 -2.16
CA TRP B 263 -23.40 27.03 -1.21
C TRP B 263 -23.67 25.55 -0.99
N LEU B 264 -23.34 24.70 -1.96
CA LEU B 264 -23.47 23.27 -1.72
C LEU B 264 -22.15 22.60 -1.25
N SER B 265 -21.03 23.26 -1.47
CA SER B 265 -19.78 22.81 -0.85
C SER B 265 -19.92 22.93 0.66
N LEU B 266 -20.32 24.12 1.14
CA LEU B 266 -20.56 24.35 2.56
C LEU B 266 -21.67 23.45 3.05
N MET B 267 -22.75 23.36 2.27
CA MET B 267 -23.87 22.48 2.62
C MET B 267 -23.37 21.08 2.87
N ASP B 268 -22.48 20.61 2.01
CA ASP B 268 -22.04 19.22 2.05
C ASP B 268 -21.24 18.94 3.31
N GLN B 269 -20.29 19.82 3.61
CA GLN B 269 -19.53 19.74 4.85
C GLN B 269 -20.47 19.50 6.00
N ASN B 270 -21.42 20.41 6.21
CA ASN B 270 -22.42 20.25 7.26
C ASN B 270 -23.06 18.86 7.24
N ARG B 271 -23.36 18.38 6.04
CA ARG B 271 -24.00 17.09 5.87
C ARG B 271 -23.13 15.96 6.39
N ILE B 272 -21.84 16.00 6.06
CA ILE B 272 -20.89 14.98 6.49
C ILE B 272 -20.77 14.95 8.01
N ALA B 273 -20.55 16.11 8.61
CA ALA B 273 -20.49 16.22 10.06
C ALA B 273 -21.74 15.59 10.68
N PHE B 274 -22.90 16.11 10.30
CA PHE B 274 -24.17 15.67 10.86
C PHE B 274 -24.35 14.14 10.92
N GLN B 275 -24.15 13.45 9.80
CA GLN B 275 -24.45 12.02 9.74
C GLN B 275 -23.39 11.20 10.45
N ALA B 276 -22.76 11.81 11.45
CA ALA B 276 -21.77 11.16 12.30
C ALA B 276 -21.75 11.79 13.69
N GLY B 277 -22.93 12.27 14.11
CA GLY B 277 -23.12 12.85 15.44
C GLY B 277 -22.24 14.03 15.80
N GLN B 278 -21.74 14.74 14.79
CA GLN B 278 -20.81 15.84 15.03
C GLN B 278 -21.49 17.22 14.95
N ASP B 279 -20.76 18.26 15.36
CA ASP B 279 -21.22 19.64 15.32
C ASP B 279 -21.28 20.12 13.88
N VAL B 280 -22.36 20.81 13.53
CA VAL B 280 -22.56 21.33 12.18
C VAL B 280 -21.95 22.73 12.02
N PRO B 281 -20.82 22.81 11.29
CA PRO B 281 -19.88 23.94 11.16
C PRO B 281 -20.44 25.22 10.57
N ASN B 282 -21.13 25.15 9.44
CA ASN B 282 -21.56 26.36 8.73
C ASN B 282 -23.00 26.80 9.01
N THR B 283 -23.24 28.10 8.88
CA THR B 283 -24.59 28.64 8.90
C THR B 283 -25.07 28.83 7.46
N ILE B 284 -24.24 29.50 6.67
CA ILE B 284 -24.52 29.72 5.26
C ILE B 284 -24.37 28.43 4.45
N THR B 285 -25.50 27.80 4.13
CA THR B 285 -25.54 26.78 3.10
C THR B 285 -26.55 27.20 2.04
N ALA B 286 -26.92 26.26 1.17
CA ALA B 286 -27.91 26.54 0.15
C ALA B 286 -29.28 26.69 0.82
N GLN B 287 -29.64 25.68 1.60
CA GLN B 287 -30.93 25.65 2.28
C GLN B 287 -31.02 26.66 3.41
N PHE B 288 -29.98 27.47 3.57
CA PHE B 288 -30.05 28.55 4.54
C PHE B 288 -31.06 29.53 4.02
N PHE B 289 -30.72 30.14 2.88
CA PHE B 289 -31.61 31.07 2.22
C PHE B 289 -32.92 30.38 1.84
N ASP B 290 -32.81 29.24 1.15
CA ASP B 290 -33.97 28.54 0.61
C ASP B 290 -35.09 28.34 1.62
N LEU B 291 -34.75 28.17 2.90
CA LEU B 291 -35.76 27.80 3.90
C LEU B 291 -36.03 28.84 5.00
N TRP B 292 -35.12 29.79 5.18
CA TRP B 292 -35.27 30.75 6.27
C TRP B 292 -35.32 32.20 5.79
N ILE B 293 -35.17 32.39 4.49
CA ILE B 293 -35.22 33.72 3.90
C ILE B 293 -36.22 33.78 2.76
N TYR B 294 -35.97 32.96 1.73
CA TYR B 294 -36.87 32.85 0.59
C TYR B 294 -38.11 32.05 0.99
N MET B 295 -38.89 32.58 1.93
CA MET B 295 -39.97 31.81 2.53
C MET B 295 -41.20 31.65 1.63
N GLY B 296 -41.89 32.75 1.35
CA GLY B 296 -42.96 32.67 0.39
C GLY B 296 -42.46 32.40 -1.02
N GLY B 297 -41.32 33.00 -1.36
CA GLY B 297 -40.78 32.93 -2.71
C GLY B 297 -39.50 33.72 -2.89
N SER B 298 -39.59 35.04 -2.93
CA SER B 298 -38.42 35.87 -3.21
C SER B 298 -38.45 37.20 -2.46
N GLY B 299 -39.59 37.53 -1.88
CA GLY B 299 -39.63 38.48 -0.78
C GLY B 299 -39.85 37.48 0.34
N ALA B 300 -40.31 37.91 1.49
CA ALA B 300 -40.87 36.90 2.38
C ALA B 300 -42.30 36.68 1.92
N THR B 301 -42.50 36.85 0.60
CA THR B 301 -43.81 36.85 -0.07
C THR B 301 -44.99 36.13 0.60
N LEU B 302 -44.74 34.97 1.20
CA LEU B 302 -45.81 34.20 1.84
C LEU B 302 -46.58 35.06 2.84
N ALA B 303 -45.84 35.85 3.63
CA ALA B 303 -46.43 36.79 4.57
C ALA B 303 -47.30 37.81 3.83
N LEU B 304 -46.71 38.48 2.85
CA LEU B 304 -47.44 39.45 2.04
C LEU B 304 -48.73 38.86 1.49
N VAL B 305 -48.70 37.59 1.15
CA VAL B 305 -49.87 36.92 0.59
C VAL B 305 -50.95 36.63 1.65
N VAL B 306 -50.52 36.43 2.89
CA VAL B 306 -51.46 36.26 3.99
C VAL B 306 -52.05 37.62 4.37
N GLY B 307 -51.28 38.69 4.12
CA GLY B 307 -51.73 40.04 4.39
C GLY B 307 -52.68 40.61 3.35
N MET B 308 -52.77 39.90 2.22
CA MET B 308 -53.76 40.24 1.22
C MET B 308 -55.00 39.41 1.54
N LEU B 309 -54.77 38.14 1.84
CA LEU B 309 -55.85 37.24 2.19
C LEU B 309 -56.49 37.64 3.54
N LEU B 310 -55.91 38.63 4.21
CA LEU B 310 -56.39 39.03 5.53
C LEU B 310 -56.87 40.48 5.65
N PHE B 311 -56.16 41.40 5.02
CA PHE B 311 -56.36 42.83 5.25
C PHE B 311 -56.70 43.59 3.96
N ALA B 312 -56.79 42.85 2.86
CA ALA B 312 -56.95 43.48 1.56
C ALA B 312 -58.41 43.80 1.29
N ARG B 313 -58.74 45.08 1.34
CA ARG B 313 -60.11 45.51 1.13
C ARG B 313 -60.53 45.44 -0.36
N SER B 314 -59.66 45.92 -1.24
CA SER B 314 -59.94 45.95 -2.68
C SER B 314 -60.15 44.56 -3.27
N GLN B 315 -60.82 44.48 -4.42
CA GLN B 315 -61.08 43.22 -5.11
C GLN B 315 -59.83 42.69 -5.81
N GLN B 316 -59.01 43.62 -6.28
CA GLN B 316 -57.83 43.30 -7.09
C GLN B 316 -56.83 42.42 -6.35
N LEU B 317 -56.60 42.72 -5.07
CA LEU B 317 -55.65 41.98 -4.24
C LEU B 317 -56.32 40.82 -3.51
N LYS B 318 -57.51 41.06 -2.98
CA LYS B 318 -58.28 40.01 -2.30
C LYS B 318 -58.37 38.78 -3.19
N SER B 319 -58.14 38.99 -4.48
CA SER B 319 -58.15 37.93 -5.48
C SER B 319 -56.75 37.40 -5.77
N LEU B 320 -55.78 38.31 -5.92
CA LEU B 320 -54.40 37.88 -6.16
C LEU B 320 -53.91 37.00 -5.03
N GLY B 321 -54.31 37.34 -3.80
CA GLY B 321 -53.95 36.55 -2.64
C GLY B 321 -54.82 35.33 -2.50
N ARG B 322 -55.98 35.35 -3.17
CA ARG B 322 -56.88 34.21 -3.17
C ARG B 322 -56.29 33.13 -4.07
N LEU B 323 -55.57 33.55 -5.11
CA LEU B 323 -55.04 32.66 -6.13
C LEU B 323 -53.56 32.33 -5.97
N SER B 324 -52.92 32.90 -4.95
CA SER B 324 -51.48 32.69 -4.80
C SER B 324 -50.99 32.30 -3.40
N ILE B 325 -51.83 31.64 -2.61
CA ILE B 325 -51.28 30.95 -1.45
C ILE B 325 -50.72 29.61 -1.89
N ALA B 326 -51.39 28.95 -2.84
CA ALA B 326 -50.91 27.65 -3.32
C ALA B 326 -49.50 27.73 -3.88
N PRO B 327 -49.28 28.52 -4.94
CA PRO B 327 -47.90 28.59 -5.41
C PRO B 327 -46.99 29.16 -4.32
N GLY B 328 -47.54 29.96 -3.41
CA GLY B 328 -46.77 30.51 -2.29
C GLY B 328 -46.40 29.52 -1.19
N ILE B 329 -47.40 28.79 -0.69
CA ILE B 329 -47.19 27.76 0.31
C ILE B 329 -46.00 26.88 -0.08
N PHE B 330 -45.80 26.71 -1.38
CA PHE B 330 -44.71 25.89 -1.88
C PHE B 330 -43.54 26.74 -2.35
N ASN B 331 -43.55 28.01 -1.99
CA ASN B 331 -42.41 28.90 -2.19
C ASN B 331 -42.17 29.33 -3.63
N ILE B 332 -43.26 29.29 -4.41
CA ILE B 332 -43.31 29.74 -5.80
C ILE B 332 -44.13 31.03 -5.87
N ASN B 333 -43.57 32.10 -6.43
CA ASN B 333 -44.22 33.39 -6.30
C ASN B 333 -44.32 34.29 -7.53
N GLU B 334 -44.11 33.73 -8.73
CA GLU B 334 -44.28 34.51 -9.95
C GLU B 334 -45.61 35.26 -9.97
N MET B 335 -46.63 34.62 -9.42
CA MET B 335 -47.98 35.17 -9.40
C MET B 335 -48.00 36.56 -8.75
N VAL B 336 -47.19 36.73 -7.71
CA VAL B 336 -47.17 37.97 -6.95
C VAL B 336 -46.18 38.98 -7.50
N THR B 337 -44.91 38.59 -7.58
CA THR B 337 -43.90 39.52 -8.06
C THR B 337 -44.34 40.17 -9.37
N PHE B 338 -45.02 39.40 -10.21
CA PHE B 338 -45.37 39.88 -11.54
C PHE B 338 -46.82 40.35 -11.64
N GLY B 339 -47.65 39.85 -10.73
CA GLY B 339 -49.05 40.21 -10.71
C GLY B 339 -49.43 41.49 -9.96
N MET B 340 -48.86 41.68 -8.77
CA MET B 340 -49.23 42.80 -7.91
C MET B 340 -49.26 44.13 -8.65
N PRO B 341 -48.17 44.45 -9.36
CA PRO B 341 -46.92 43.71 -9.44
C PRO B 341 -45.95 44.21 -8.39
N ILE B 342 -44.84 43.49 -8.20
CA ILE B 342 -43.76 43.99 -7.37
C ILE B 342 -42.61 44.41 -8.27
N VAL B 343 -42.43 43.69 -9.38
CA VAL B 343 -41.39 44.01 -10.35
C VAL B 343 -41.48 45.46 -10.81
N MET B 344 -40.37 46.18 -10.70
CA MET B 344 -40.29 47.56 -11.16
C MET B 344 -41.31 48.51 -10.48
N ASN B 345 -41.78 48.12 -9.30
CA ASN B 345 -42.76 48.90 -8.58
C ASN B 345 -42.19 49.61 -7.35
N PRO B 346 -41.93 50.92 -7.50
CA PRO B 346 -41.33 51.77 -6.46
C PRO B 346 -41.81 51.49 -5.03
N LEU B 347 -43.07 51.74 -4.71
CA LEU B 347 -43.55 51.52 -3.35
C LEU B 347 -43.25 50.12 -2.84
N LEU B 348 -43.76 49.11 -3.53
CA LEU B 348 -43.66 47.73 -3.05
C LEU B 348 -42.25 47.15 -3.12
N LEU B 349 -41.42 47.73 -3.98
CA LEU B 349 -40.07 47.22 -4.14
C LEU B 349 -39.25 47.43 -2.85
N ILE B 350 -39.68 48.38 -2.02
CA ILE B 350 -38.98 48.68 -0.76
C ILE B 350 -38.96 47.51 0.21
N PRO B 351 -40.13 47.06 0.67
CA PRO B 351 -40.12 45.90 1.58
C PRO B 351 -39.69 44.63 0.88
N PHE B 352 -39.79 44.60 -0.46
CA PHE B 352 -39.37 43.44 -1.24
C PHE B 352 -37.86 43.19 -1.15
N ILE B 353 -37.07 44.26 -1.07
CA ILE B 353 -35.62 44.14 -0.87
C ILE B 353 -35.26 44.08 0.61
N VAL B 354 -35.84 44.99 1.39
CA VAL B 354 -35.56 45.08 2.83
C VAL B 354 -35.85 43.81 3.60
N VAL B 355 -37.04 43.24 3.42
CA VAL B 355 -37.46 42.10 4.23
C VAL B 355 -36.47 40.92 4.25
N PRO B 356 -35.88 40.58 3.10
CA PRO B 356 -34.88 39.50 3.11
C PRO B 356 -33.56 39.86 3.82
N VAL B 357 -33.06 41.08 3.69
CA VAL B 357 -31.84 41.40 4.43
C VAL B 357 -32.14 41.30 5.93
N VAL B 358 -33.26 41.88 6.34
CA VAL B 358 -33.66 41.82 7.75
C VAL B 358 -33.93 40.38 8.20
N LEU B 359 -34.32 39.52 7.27
CA LEU B 359 -34.52 38.11 7.61
C LEU B 359 -33.23 37.32 7.52
N THR B 360 -32.24 37.85 6.80
CA THR B 360 -30.97 37.17 6.70
C THR B 360 -30.15 37.44 7.97
N ILE B 361 -30.02 38.71 8.31
CA ILE B 361 -29.31 39.11 9.51
C ILE B 361 -29.87 38.38 10.71
N VAL B 362 -31.18 38.48 10.94
CA VAL B 362 -31.82 37.75 12.03
C VAL B 362 -31.49 36.27 12.01
N SER B 363 -31.89 35.60 10.93
CA SER B 363 -31.68 34.15 10.82
C SER B 363 -30.22 33.77 11.03
N TYR B 364 -29.32 34.54 10.41
CA TYR B 364 -27.90 34.33 10.54
C TYR B 364 -27.49 34.19 12.01
N PHE B 365 -27.74 35.25 12.78
CA PHE B 365 -27.34 35.29 14.18
C PHE B 365 -28.00 34.18 14.99
N ALA B 366 -29.32 34.05 14.90
CA ALA B 366 -29.99 32.98 15.63
C ALA B 366 -29.16 31.69 15.65
N MET B 367 -28.58 31.35 14.50
CA MET B 367 -27.83 30.11 14.38
C MET B 367 -26.42 30.18 14.99
N GLU B 368 -25.80 31.37 14.99
CA GLU B 368 -24.51 31.59 15.66
C GLU B 368 -24.64 31.67 17.19
N TRP B 369 -25.41 32.64 17.67
CA TRP B 369 -25.85 32.69 19.06
C TRP B 369 -26.28 31.30 19.56
N GLY B 370 -26.53 30.38 18.62
CA GLY B 370 -26.88 29.01 18.97
C GLY B 370 -28.29 28.81 19.49
N LEU B 371 -29.11 29.85 19.40
CA LEU B 371 -30.53 29.77 19.79
C LEU B 371 -31.29 28.86 18.83
N VAL B 372 -30.87 28.92 17.57
CA VAL B 372 -31.51 28.17 16.48
C VAL B 372 -30.51 27.23 15.81
N ALA B 373 -30.90 25.97 15.64
CA ALA B 373 -30.06 24.96 15.04
C ALA B 373 -29.50 25.40 13.69
N ARG B 374 -28.43 24.74 13.24
CA ARG B 374 -27.88 24.99 11.90
C ARG B 374 -28.51 24.05 10.87
N PRO B 375 -28.29 24.33 9.57
CA PRO B 375 -28.80 23.38 8.58
C PRO B 375 -28.03 22.06 8.70
N SER B 376 -28.75 20.94 8.73
CA SER B 376 -28.09 19.65 8.81
C SER B 376 -27.24 19.41 7.58
N GLY B 377 -27.71 19.88 6.43
CA GLY B 377 -26.97 19.71 5.18
C GLY B 377 -27.69 18.81 4.22
N ALA B 378 -28.74 18.17 4.72
CA ALA B 378 -29.67 17.47 3.87
C ALA B 378 -30.27 18.51 2.92
N ALA B 379 -30.01 18.35 1.63
CA ALA B 379 -30.47 19.31 0.64
C ALA B 379 -31.96 19.18 0.42
N VAL B 380 -32.74 19.75 1.33
CA VAL B 380 -34.18 19.77 1.16
C VAL B 380 -34.54 20.87 0.16
N THR B 381 -35.48 20.57 -0.73
CA THR B 381 -35.72 21.42 -1.91
C THR B 381 -36.32 22.78 -1.60
N TRP B 382 -36.03 23.76 -2.46
CA TRP B 382 -36.51 25.13 -2.28
C TRP B 382 -38.03 25.24 -2.22
N THR B 383 -38.73 24.21 -2.71
CA THR B 383 -40.19 24.20 -2.69
C THR B 383 -40.72 23.34 -1.55
N THR B 384 -40.41 23.71 -0.32
CA THR B 384 -40.90 22.95 0.82
C THR B 384 -41.73 23.84 1.73
N PRO B 385 -42.98 23.43 1.99
CA PRO B 385 -43.92 24.17 2.86
C PRO B 385 -43.23 24.71 4.12
N ILE B 386 -43.48 25.98 4.41
CA ILE B 386 -42.71 26.74 5.38
C ILE B 386 -42.41 26.04 6.71
N LEU B 387 -43.39 25.36 7.29
CA LEU B 387 -43.15 24.79 8.63
C LEU B 387 -42.40 23.46 8.62
N PHE B 388 -42.79 22.55 7.73
CA PHE B 388 -42.06 21.29 7.57
C PHE B 388 -40.63 21.54 7.11
N SER B 389 -40.42 22.64 6.39
CA SER B 389 -39.11 22.97 5.83
C SER B 389 -38.08 23.29 6.91
N GLY B 390 -38.47 24.10 7.88
CA GLY B 390 -37.56 24.51 8.93
C GLY B 390 -37.12 23.37 9.82
N TYR B 391 -38.08 22.55 10.22
CA TYR B 391 -37.82 21.35 11.01
C TYR B 391 -36.82 20.44 10.30
N LEU B 392 -37.18 20.02 9.09
CA LEU B 392 -36.38 19.07 8.31
C LEU B 392 -35.02 19.62 7.86
N GLY B 393 -34.92 20.94 7.81
CA GLY B 393 -33.68 21.57 7.38
C GLY B 393 -32.62 21.61 8.47
N SER B 394 -33.07 21.48 9.72
CA SER B 394 -32.18 21.46 10.86
C SER B 394 -31.86 20.01 11.23
N GLY B 395 -32.00 19.12 10.26
CA GLY B 395 -31.86 17.71 10.51
C GLY B 395 -32.74 17.28 11.66
N GLY B 396 -33.98 17.74 11.65
CA GLY B 396 -34.96 17.35 12.67
C GLY B 396 -34.92 18.13 13.97
N LYS B 397 -34.61 19.42 13.90
CA LYS B 397 -34.52 20.23 15.11
C LYS B 397 -35.55 21.35 15.14
N ILE B 398 -36.47 21.29 16.10
CA ILE B 398 -37.57 22.25 16.21
C ILE B 398 -37.09 23.68 16.43
N SER B 399 -35.84 23.85 16.85
CA SER B 399 -35.27 25.18 16.98
C SER B 399 -35.30 25.94 15.64
N GLY B 400 -35.59 25.23 14.57
CA GLY B 400 -35.62 25.82 13.24
C GLY B 400 -37.02 26.27 12.83
N VAL B 401 -38.02 25.58 13.36
CA VAL B 401 -39.42 25.95 13.14
C VAL B 401 -39.73 27.30 13.78
N ILE B 402 -39.16 27.56 14.96
CA ILE B 402 -39.39 28.82 15.66
C ILE B 402 -38.69 30.00 14.98
N LEU B 403 -37.60 29.73 14.28
CA LEU B 403 -36.93 30.78 13.52
C LEU B 403 -37.84 31.26 12.39
N GLN B 404 -38.55 30.32 11.75
CA GLN B 404 -39.44 30.67 10.66
C GLN B 404 -40.65 31.44 11.14
N LEU B 405 -41.38 30.87 12.10
CA LEU B 405 -42.51 31.56 12.72
C LEU B 405 -42.10 32.97 13.12
N VAL B 406 -40.83 33.12 13.51
CA VAL B 406 -40.29 34.43 13.86
C VAL B 406 -40.12 35.31 12.62
N ASN B 407 -39.51 34.75 11.58
CA ASN B 407 -39.29 35.49 10.35
C ASN B 407 -40.61 35.84 9.68
N PHE B 408 -41.50 34.85 9.59
CA PHE B 408 -42.86 35.03 9.10
C PHE B 408 -43.51 36.26 9.73
N ALA B 409 -43.44 36.33 11.05
CA ALA B 409 -44.00 37.44 11.82
C ALA B 409 -43.32 38.76 11.47
N LEU B 410 -41.98 38.75 11.42
CA LEU B 410 -41.22 39.94 11.08
C LEU B 410 -41.59 40.51 9.71
N ALA B 411 -41.72 39.62 8.72
CA ALA B 411 -42.06 40.02 7.36
C ALA B 411 -43.50 40.50 7.32
N PHE B 412 -44.39 39.72 7.94
CA PHE B 412 -45.81 40.04 7.94
C PHE B 412 -46.10 41.44 8.49
N VAL B 413 -45.16 42.01 9.21
CA VAL B 413 -45.35 43.34 9.77
C VAL B 413 -44.61 44.42 8.98
N ILE B 414 -43.54 44.07 8.29
CA ILE B 414 -42.84 45.06 7.48
C ILE B 414 -43.65 45.33 6.21
N TYR B 415 -44.25 44.27 5.67
CA TYR B 415 -45.09 44.37 4.46
C TYR B 415 -46.38 45.10 4.81
N LEU B 416 -47.08 44.61 5.83
CA LEU B 416 -48.43 45.08 6.14
C LEU B 416 -48.72 46.54 5.83
N PRO B 417 -47.94 47.48 6.39
CA PRO B 417 -48.22 48.90 6.15
C PRO B 417 -48.01 49.32 4.69
N PHE B 418 -47.07 48.67 4.01
CA PHE B 418 -46.82 48.94 2.59
C PHE B 418 -48.00 48.49 1.73
N LEU B 419 -48.58 47.34 2.07
CA LEU B 419 -49.66 46.76 1.30
C LEU B 419 -50.96 47.50 1.58
N LYS B 420 -51.11 48.02 2.80
CA LYS B 420 -52.24 48.90 3.10
C LYS B 420 -52.23 50.05 2.12
N ILE B 421 -51.07 50.68 1.95
CA ILE B 421 -50.92 51.82 1.05
C ILE B 421 -51.24 51.48 -0.41
N TRP B 422 -51.09 50.21 -0.77
CA TRP B 422 -51.36 49.73 -2.12
C TRP B 422 -52.86 49.50 -2.24
N ASP B 423 -53.37 48.60 -1.42
CA ASP B 423 -54.79 48.28 -1.33
C ASP B 423 -55.62 49.55 -1.44
N LYS B 424 -55.20 50.61 -0.75
CA LYS B 424 -55.92 51.88 -0.79
C LYS B 424 -55.82 52.58 -2.15
N GLN B 425 -54.64 52.54 -2.77
CA GLN B 425 -54.48 53.06 -4.13
C GLN B 425 -55.34 52.26 -5.09
N LYS B 426 -55.47 50.97 -4.80
CA LYS B 426 -56.21 50.06 -5.67
C LYS B 426 -57.71 50.21 -5.56
N ILE B 427 -58.23 50.37 -4.35
CA ILE B 427 -59.66 50.54 -4.21
C ILE B 427 -60.08 51.87 -4.82
N ALA B 428 -59.13 52.81 -4.88
CA ALA B 428 -59.38 54.10 -5.51
C ALA B 428 -59.69 53.95 -6.99
N GLU B 429 -58.76 53.37 -7.75
CA GLU B 429 -58.95 53.20 -9.19
C GLU B 429 -60.01 52.15 -9.50
N GLU B 430 -60.36 51.34 -8.50
CA GLU B 430 -61.40 50.34 -8.66
C GLU B 430 -62.80 50.95 -8.60
N LYS B 431 -62.86 52.23 -8.26
CA LYS B 431 -64.08 53.00 -8.37
C LYS B 431 -63.84 54.02 -9.48
N GLY B 432 -62.95 53.67 -10.40
CA GLY B 432 -62.60 54.52 -11.52
C GLY B 432 -62.47 55.99 -11.16
N GLU B 433 -61.40 56.31 -10.46
CA GLU B 433 -61.23 57.64 -9.92
C GLU B 433 -60.39 58.56 -10.82
N ALA B 434 -59.51 57.97 -11.62
CA ALA B 434 -58.54 58.75 -12.39
C ALA B 434 -57.51 59.39 -11.47
N ARG C 3 51.38 21.23 29.65
CA ARG C 3 51.56 19.91 30.25
C ARG C 3 51.53 19.96 31.77
N PHE C 4 51.45 21.16 32.35
CA PHE C 4 51.35 21.27 33.80
C PHE C 4 49.93 21.01 34.31
N LEU C 5 48.93 21.62 33.67
CA LEU C 5 47.55 21.51 34.15
C LEU C 5 46.98 20.10 34.00
N GLU C 6 47.85 19.12 33.79
CA GLU C 6 47.40 17.73 33.66
C GLU C 6 47.33 17.04 35.03
N LYS C 7 47.09 17.83 36.07
CA LYS C 7 46.61 17.31 37.33
C LYS C 7 45.15 17.70 37.37
N TYR C 8 44.70 18.28 36.25
CA TYR C 8 43.35 18.81 36.09
C TYR C 8 42.49 17.90 35.21
N VAL C 9 42.91 17.72 33.96
CA VAL C 9 42.12 16.98 32.98
C VAL C 9 42.42 15.47 33.00
N MET C 10 43.70 15.11 32.97
CA MET C 10 44.10 13.70 32.93
C MET C 10 43.49 12.79 34.01
N PRO C 11 43.12 13.34 35.17
CA PRO C 11 42.57 12.47 36.22
C PRO C 11 41.12 12.09 35.97
N VAL C 12 40.33 13.04 35.47
CA VAL C 12 38.91 12.78 35.21
C VAL C 12 38.70 12.11 33.85
N ALA C 13 39.59 12.39 32.90
CA ALA C 13 39.54 11.72 31.61
C ALA C 13 39.64 10.22 31.83
N GLY C 14 40.61 9.81 32.64
CA GLY C 14 40.80 8.42 32.95
C GLY C 14 39.63 7.84 33.72
N LYS C 15 39.00 8.67 34.56
CA LYS C 15 37.84 8.25 35.34
C LYS C 15 36.68 7.92 34.41
N VAL C 16 36.68 8.56 33.25
CA VAL C 16 35.65 8.32 32.23
C VAL C 16 35.92 7.01 31.50
N ALA C 17 37.06 6.92 30.84
CA ALA C 17 37.41 5.73 30.07
C ALA C 17 37.24 4.44 30.89
N GLU C 18 37.09 4.58 32.20
CA GLU C 18 36.93 3.43 33.09
C GLU C 18 35.50 3.28 33.58
N GLN C 19 34.66 4.27 33.30
CA GLN C 19 33.24 4.18 33.63
C GLN C 19 32.59 3.07 32.79
N ARG C 20 31.99 2.11 33.46
CA ARG C 20 31.57 0.87 32.81
C ARG C 20 30.56 1.05 31.69
N HIS C 21 29.41 1.62 32.01
CA HIS C 21 28.34 1.79 31.04
C HIS C 21 28.86 2.47 29.78
N LEU C 22 29.39 3.68 29.95
CA LEU C 22 30.03 4.41 28.86
C LEU C 22 30.95 3.52 28.04
N LEU C 23 31.62 2.60 28.72
CA LEU C 23 32.54 1.67 28.08
C LEU C 23 31.79 0.56 27.33
N ALA C 24 30.69 0.11 27.90
CA ALA C 24 29.86 -0.90 27.26
C ALA C 24 29.22 -0.32 25.99
N ILE C 25 28.71 0.90 26.12
CA ILE C 25 28.16 1.63 24.98
C ILE C 25 29.25 1.83 23.95
N ARG C 26 30.39 2.36 24.40
CA ARG C 26 31.48 2.69 23.51
C ARG C 26 31.87 1.51 22.64
N ASP C 27 31.82 0.32 23.24
CA ASP C 27 32.42 -0.88 22.65
C ASP C 27 31.42 -1.75 21.91
N GLY C 28 30.15 -1.60 22.28
CA GLY C 28 29.08 -2.26 21.54
C GLY C 28 28.91 -1.61 20.19
N LEU C 29 28.86 -0.28 20.19
CA LEU C 29 28.72 0.46 18.94
C LEU C 29 29.77 0.07 17.91
N VAL C 30 30.88 -0.49 18.36
CA VAL C 30 31.95 -0.91 17.46
C VAL C 30 31.54 -2.16 16.67
N LEU C 31 30.56 -2.89 17.20
CA LEU C 31 30.05 -4.08 16.52
C LEU C 31 29.25 -3.67 15.29
N THR C 32 28.85 -2.41 15.23
CA THR C 32 28.06 -1.92 14.11
C THR C 32 28.96 -1.41 12.99
N MET C 33 30.14 -0.90 13.35
CA MET C 33 31.01 -0.22 12.40
C MET C 33 31.22 -0.95 11.07
N PRO C 34 31.74 -2.18 11.10
CA PRO C 34 32.05 -2.83 9.82
C PRO C 34 30.81 -3.03 8.95
N PHE C 35 29.62 -3.01 9.54
CA PHE C 35 28.41 -3.19 8.75
C PHE C 35 28.09 -1.91 7.98
N LEU C 36 28.11 -0.77 8.66
CA LEU C 36 27.88 0.50 7.98
C LEU C 36 28.92 0.69 6.87
N ILE C 37 30.13 0.22 7.10
CA ILE C 37 31.18 0.27 6.08
C ILE C 37 30.77 -0.58 4.89
N ILE C 38 30.31 -1.80 5.18
CA ILE C 38 29.88 -2.71 4.14
C ILE C 38 28.68 -2.11 3.40
N GLY C 39 27.60 -1.84 4.13
CA GLY C 39 26.43 -1.23 3.55
C GLY C 39 26.79 -0.05 2.67
N SER C 40 27.61 0.85 3.19
CA SER C 40 27.97 2.07 2.47
C SER C 40 28.72 1.83 1.16
N ILE C 41 29.32 0.67 0.97
CA ILE C 41 29.92 0.36 -0.33
C ILE C 41 28.83 0.31 -1.39
N PHE C 42 27.77 -0.44 -1.11
CA PHE C 42 26.66 -0.50 -2.04
C PHE C 42 26.03 0.88 -2.22
N LEU C 43 25.74 1.53 -1.10
CA LEU C 43 25.11 2.85 -1.11
C LEU C 43 25.85 3.82 -2.03
N ILE C 44 27.15 3.62 -2.26
CA ILE C 44 27.89 4.51 -3.15
C ILE C 44 28.27 3.92 -4.50
N ILE C 45 28.28 2.60 -4.63
CA ILE C 45 28.31 2.00 -5.95
C ILE C 45 26.99 2.38 -6.63
N SER C 46 26.02 2.78 -5.83
CA SER C 46 24.65 2.97 -6.28
C SER C 46 24.25 4.44 -6.42
N THR C 47 25.17 5.36 -6.15
CA THR C 47 24.82 6.78 -6.24
C THR C 47 25.94 7.66 -6.78
N LEU C 48 26.80 7.10 -7.62
CA LEU C 48 27.89 7.89 -8.18
C LEU C 48 27.46 8.74 -9.38
N PRO C 49 27.63 10.07 -9.27
CA PRO C 49 27.23 11.09 -10.25
C PRO C 49 27.95 10.96 -11.59
N ILE C 50 28.88 10.03 -11.72
CA ILE C 50 29.56 9.80 -12.99
C ILE C 50 28.52 9.76 -14.11
N PRO C 51 28.57 10.75 -15.02
CA PRO C 51 27.52 10.96 -16.04
C PRO C 51 27.24 9.75 -16.91
N GLY C 52 28.30 9.02 -17.29
CA GLY C 52 28.16 7.81 -18.08
C GLY C 52 28.10 6.57 -17.20
N TYR C 53 27.14 6.54 -16.29
CA TYR C 53 27.03 5.46 -15.32
C TYR C 53 25.57 5.15 -15.01
N SER C 54 24.85 6.16 -14.52
CA SER C 54 23.45 6.02 -14.12
C SER C 54 22.61 5.23 -15.13
N GLU C 55 22.82 5.53 -16.41
CA GLU C 55 22.08 4.87 -17.49
C GLU C 55 22.86 3.67 -18.04
N PHE C 56 24.13 3.59 -17.65
CA PHE C 56 24.98 2.46 -18.04
C PHE C 56 24.66 1.22 -17.22
N MET C 57 24.61 1.37 -15.91
CA MET C 57 24.26 0.26 -15.03
C MET C 57 22.83 -0.21 -15.30
N ALA C 58 22.05 0.67 -15.92
CA ALA C 58 20.65 0.37 -16.22
C ALA C 58 20.52 -0.51 -17.47
N SER C 59 21.58 -0.60 -18.26
CA SER C 59 21.55 -1.38 -19.49
C SER C 59 21.89 -2.84 -19.24
N LEU C 60 22.85 -3.07 -18.34
CA LEU C 60 23.31 -4.43 -18.05
C LEU C 60 22.33 -5.17 -17.16
N PHE C 61 21.94 -4.54 -16.05
CA PHE C 61 21.17 -5.22 -15.01
C PHE C 61 19.71 -4.76 -14.93
N GLY C 62 19.24 -4.09 -15.97
CA GLY C 62 17.85 -3.67 -16.05
C GLY C 62 17.60 -2.23 -15.68
N LYS C 63 16.40 -1.74 -15.96
CA LYS C 63 16.06 -0.37 -15.62
C LYS C 63 16.00 -0.24 -14.10
N ASN C 64 15.60 -1.32 -13.45
CA ASN C 64 15.55 -1.35 -12.00
C ASN C 64 16.71 -2.11 -11.34
N TRP C 65 17.81 -1.39 -11.15
CA TRP C 65 18.98 -1.94 -10.48
C TRP C 65 19.14 -1.26 -9.13
N ASN C 66 18.96 0.07 -9.12
CA ASN C 66 19.16 0.87 -7.92
C ASN C 66 18.39 0.39 -6.69
N VAL C 67 17.52 -0.59 -6.89
CA VAL C 67 16.74 -1.13 -5.78
C VAL C 67 17.47 -2.30 -5.11
N ALA C 68 18.25 -3.03 -5.89
CA ALA C 68 19.03 -4.13 -5.37
C ALA C 68 20.21 -3.61 -4.54
N LEU C 69 20.88 -2.60 -5.08
CA LEU C 69 21.95 -1.94 -4.35
C LEU C 69 21.39 -1.26 -3.13
N GLY C 70 20.08 -1.35 -2.96
CA GLY C 70 19.42 -0.79 -1.80
C GLY C 70 19.20 -1.82 -0.71
N TYR C 71 19.33 -3.10 -1.06
CA TYR C 71 19.11 -4.19 -0.11
C TYR C 71 20.14 -4.18 1.04
N PRO C 72 21.42 -4.43 0.72
CA PRO C 72 22.47 -4.36 1.75
C PRO C 72 22.27 -3.17 2.68
N VAL C 73 21.98 -2.02 2.12
CA VAL C 73 21.85 -0.80 2.90
C VAL C 73 20.75 -0.88 3.95
N SER C 74 19.68 -1.61 3.61
CA SER C 74 18.57 -1.80 4.54
C SER C 74 18.90 -2.79 5.66
N ALA C 75 19.85 -3.68 5.40
CA ALA C 75 20.22 -4.74 6.33
C ALA C 75 21.32 -4.28 7.29
N THR C 76 21.91 -3.13 6.98
CA THR C 76 22.93 -2.57 7.83
C THR C 76 22.43 -1.27 8.48
N PHE C 77 22.43 -0.19 7.70
CA PHE C 77 22.00 1.12 8.18
C PHE C 77 20.65 1.09 8.86
N ASN C 78 19.68 0.45 8.22
CA ASN C 78 18.31 0.46 8.73
C ASN C 78 18.16 -0.39 9.96
N ILE C 79 19.28 -0.85 10.49
CA ILE C 79 19.21 -1.86 11.52
C ILE C 79 20.37 -1.79 12.50
N MET C 80 21.06 -0.64 12.52
CA MET C 80 22.11 -0.38 13.51
C MET C 80 21.68 -0.80 14.91
N ALA C 81 20.69 -0.11 15.45
CA ALA C 81 20.26 -0.36 16.83
C ALA C 81 20.02 -1.82 17.14
N LEU C 82 19.50 -2.58 16.18
CA LEU C 82 19.21 -3.99 16.45
C LEU C 82 20.52 -4.69 16.80
N ILE C 83 21.57 -4.37 16.05
CA ILE C 83 22.92 -4.85 16.36
C ILE C 83 23.39 -4.25 17.69
N ALA C 84 23.35 -2.93 17.78
CA ALA C 84 23.90 -2.22 18.94
C ALA C 84 23.41 -2.73 20.30
N VAL C 85 22.12 -3.00 20.45
CA VAL C 85 21.62 -3.48 21.74
C VAL C 85 22.29 -4.78 22.10
N PHE C 86 22.68 -5.55 21.10
CA PHE C 86 23.39 -6.78 21.38
C PHE C 86 24.77 -6.41 21.86
N GLY C 87 25.58 -5.89 20.93
CA GLY C 87 26.91 -5.42 21.26
C GLY C 87 27.05 -4.80 22.63
N ILE C 88 26.18 -3.83 22.94
CA ILE C 88 26.24 -3.15 24.23
C ILE C 88 25.93 -4.09 25.38
N ALA C 89 24.81 -4.79 25.31
CA ALA C 89 24.40 -5.69 26.38
C ALA C 89 25.33 -6.89 26.55
N TYR C 90 25.92 -7.32 25.44
CA TYR C 90 26.87 -8.41 25.46
C TYR C 90 28.12 -7.97 26.19
N ARG C 91 28.53 -6.73 25.96
CA ARG C 91 29.72 -6.19 26.58
C ARG C 91 29.53 -5.94 28.07
N LEU C 92 28.55 -5.13 28.42
CA LEU C 92 28.24 -4.86 29.82
C LEU C 92 28.07 -6.18 30.55
N GLY C 93 27.90 -7.25 29.78
CA GLY C 93 27.81 -8.60 30.32
C GLY C 93 29.17 -9.16 30.62
N GLU C 94 30.07 -9.07 29.64
CA GLU C 94 31.46 -9.46 29.85
C GLU C 94 32.03 -8.75 31.08
N TYR C 95 31.78 -7.46 31.19
CA TYR C 95 32.22 -6.67 32.34
C TYR C 95 31.82 -7.31 33.65
N TYR C 96 30.53 -7.58 33.83
CA TYR C 96 30.06 -8.18 35.07
C TYR C 96 30.38 -9.67 35.16
N LYS C 97 31.27 -10.13 34.28
CA LYS C 97 31.64 -11.54 34.22
C LYS C 97 30.45 -12.47 34.39
N VAL C 98 29.46 -12.28 33.51
CA VAL C 98 28.30 -13.16 33.42
C VAL C 98 28.21 -13.76 32.02
N ASP C 99 27.19 -14.60 31.81
CA ASP C 99 26.90 -15.14 30.51
C ASP C 99 26.60 -13.99 29.55
N ALA C 100 27.43 -13.83 28.52
CA ALA C 100 27.25 -12.72 27.58
C ALA C 100 26.38 -13.15 26.41
N LEU C 101 26.60 -14.35 25.89
CA LEU C 101 25.73 -14.86 24.84
C LEU C 101 24.29 -14.75 25.29
N ALA C 102 24.08 -14.80 26.60
CA ALA C 102 22.75 -14.68 27.17
C ALA C 102 22.34 -13.22 27.31
N SER C 103 23.15 -12.44 28.00
CA SER C 103 22.77 -11.05 28.29
C SER C 103 22.53 -10.24 27.01
N GLY C 104 23.15 -10.67 25.92
CA GLY C 104 22.99 -10.02 24.62
C GLY C 104 21.71 -10.46 23.96
N ALA C 105 21.55 -11.78 23.83
CA ALA C 105 20.31 -12.35 23.34
C ALA C 105 19.15 -11.83 24.16
N LEU C 106 19.40 -11.52 25.43
CA LEU C 106 18.35 -11.00 26.27
C LEU C 106 17.88 -9.63 25.80
N SER C 107 18.83 -8.79 25.37
CA SER C 107 18.50 -7.41 25.02
C SER C 107 18.13 -7.26 23.55
N LEU C 108 18.35 -8.31 22.76
CA LEU C 108 17.77 -8.36 21.43
C LEU C 108 16.29 -8.59 21.66
N VAL C 109 15.98 -9.64 22.44
CA VAL C 109 14.60 -9.96 22.78
C VAL C 109 13.90 -8.83 23.51
N THR C 110 14.64 -8.04 24.25
CA THR C 110 14.01 -6.99 25.04
C THR C 110 13.77 -5.71 24.24
N PHE C 111 14.69 -5.40 23.34
CA PHE C 111 14.53 -4.27 22.45
C PHE C 111 13.22 -4.43 21.72
N LEU C 112 13.08 -5.58 21.06
CA LEU C 112 11.88 -5.86 20.30
C LEU C 112 10.63 -5.79 21.16
N LEU C 113 10.73 -6.24 22.41
CA LEU C 113 9.60 -6.13 23.34
C LEU C 113 9.28 -4.67 23.65
N ALA C 114 10.27 -3.81 23.50
CA ALA C 114 10.11 -2.41 23.84
C ALA C 114 9.48 -1.63 22.69
N THR C 115 9.71 -2.11 21.47
CA THR C 115 9.20 -1.42 20.29
C THR C 115 8.16 -2.28 19.53
N PRO C 116 6.94 -1.75 19.37
CA PRO C 116 5.73 -2.51 19.04
C PRO C 116 5.67 -3.03 17.61
N PHE C 117 5.08 -4.21 17.43
CA PHE C 117 5.00 -4.87 16.14
C PHE C 117 3.77 -4.42 15.35
N GLN C 118 3.73 -3.12 15.11
CA GLN C 118 2.51 -2.46 14.68
C GLN C 118 2.86 -1.10 14.08
N VAL C 119 2.40 -0.86 12.87
CA VAL C 119 2.57 0.43 12.24
C VAL C 119 1.24 0.98 11.75
N ALA C 120 0.86 2.15 12.24
CA ALA C 120 -0.42 2.75 11.88
C ALA C 120 -0.23 3.84 10.85
N TYR C 121 -0.85 3.67 9.68
CA TYR C 121 -0.88 4.72 8.66
C TYR C 121 -2.18 5.51 8.80
N ILE C 122 -2.23 6.68 8.17
CA ILE C 122 -3.40 7.54 8.25
C ILE C 122 -3.61 8.29 6.93
N MET C 123 -4.84 8.65 6.61
CA MET C 123 -5.12 9.47 5.44
C MET C 123 -5.33 10.91 5.87
N PRO C 124 -4.45 11.82 5.42
CA PRO C 124 -4.41 13.20 5.91
C PRO C 124 -5.79 13.82 6.11
N GLY C 125 -6.11 14.14 7.36
CA GLY C 125 -7.37 14.78 7.71
C GLY C 125 -8.60 13.99 7.29
N THR C 126 -8.61 12.70 7.62
CA THR C 126 -9.72 11.83 7.22
C THR C 126 -10.29 11.08 8.41
N LYS C 127 -9.52 11.02 9.50
CA LYS C 127 -9.86 10.19 10.65
C LYS C 127 -9.94 8.73 10.23
N GLU C 128 -9.46 8.43 9.03
CA GLU C 128 -9.54 7.10 8.46
C GLU C 128 -8.16 6.46 8.43
N SER C 129 -8.04 5.26 9.01
CA SER C 129 -6.73 4.66 9.20
C SER C 129 -6.63 3.21 8.74
N ILE C 130 -5.49 2.89 8.14
CA ILE C 130 -5.13 1.53 7.78
C ILE C 130 -3.97 1.07 8.67
N LEU C 131 -4.11 -0.11 9.25
CA LEU C 131 -3.22 -0.54 10.32
C LEU C 131 -2.61 -1.95 10.11
N VAL C 132 -1.29 -1.98 9.89
CA VAL C 132 -0.58 -3.24 9.71
C VAL C 132 -0.09 -3.81 11.04
N ASP C 133 -0.57 -5.00 11.38
CA ASP C 133 -0.16 -5.68 12.61
C ASP C 133 0.68 -6.90 12.25
N GLY C 134 1.50 -7.35 13.21
CA GLY C 134 2.40 -8.46 12.97
C GLY C 134 3.60 -8.03 12.17
N VAL C 135 4.22 -6.94 12.60
CA VAL C 135 5.27 -6.35 11.79
C VAL C 135 6.21 -5.42 12.58
N ILE C 136 7.53 -5.59 12.39
CA ILE C 136 8.55 -4.77 13.05
C ILE C 136 8.91 -3.55 12.22
N PRO C 137 8.65 -2.35 12.77
CA PRO C 137 8.89 -1.07 12.10
C PRO C 137 10.37 -0.82 11.84
N ALA C 138 10.85 -1.13 10.64
CA ALA C 138 12.29 -1.06 10.36
C ALA C 138 12.91 0.33 10.45
N ALA C 139 12.15 1.28 10.98
CA ALA C 139 12.66 2.62 11.21
C ALA C 139 13.19 2.69 12.62
N LEU C 140 12.59 1.87 13.48
CA LEU C 140 12.98 1.78 14.88
C LEU C 140 14.20 0.89 15.11
N MET C 141 14.53 0.09 14.10
CA MET C 141 15.70 -0.77 14.15
C MET C 141 16.88 0.04 13.66
N GLY C 142 16.60 1.21 13.13
CA GLY C 142 17.64 2.05 12.55
C GLY C 142 18.28 3.04 13.50
N SER C 143 18.97 4.04 12.94
CA SER C 143 19.65 5.04 13.74
C SER C 143 18.71 5.69 14.76
N GLN C 144 17.44 5.81 14.40
CA GLN C 144 16.48 6.49 15.26
C GLN C 144 16.27 5.79 16.61
N GLY C 145 16.89 4.62 16.76
CA GLY C 145 16.61 3.80 17.93
C GLY C 145 17.81 3.51 18.81
N LEU C 146 19.01 3.71 18.28
CA LEU C 146 20.19 3.33 19.06
C LEU C 146 20.30 4.09 20.38
N PHE C 147 19.42 5.04 20.60
CA PHE C 147 19.33 5.66 21.92
C PHE C 147 18.50 4.79 22.87
N VAL C 148 17.35 4.29 22.43
CA VAL C 148 16.62 3.35 23.28
C VAL C 148 17.36 2.03 23.30
N ALA C 149 18.23 1.86 22.32
CA ALA C 149 19.09 0.70 22.30
C ALA C 149 19.87 0.71 23.60
N MET C 150 20.73 1.72 23.73
CA MET C 150 21.46 1.93 24.97
C MET C 150 20.56 1.68 26.16
N ILE C 151 19.64 2.60 26.41
CA ILE C 151 18.82 2.55 27.61
C ILE C 151 18.31 1.16 28.02
N ILE C 152 17.76 0.39 27.10
CA ILE C 152 17.25 -0.92 27.51
C ILE C 152 18.36 -1.97 27.59
N ALA C 153 19.35 -1.88 26.71
CA ALA C 153 20.49 -2.80 26.76
C ALA C 153 21.21 -2.70 28.10
N ILE C 154 21.27 -1.51 28.66
CA ILE C 154 21.86 -1.31 29.98
C ILE C 154 20.89 -1.76 31.08
N ILE C 155 19.66 -1.25 31.04
CA ILE C 155 18.63 -1.65 32.01
C ILE C 155 18.45 -3.17 32.07
N SER C 156 18.47 -3.81 30.91
CA SER C 156 18.34 -5.28 30.85
C SER C 156 19.54 -5.97 31.48
N THR C 157 20.70 -5.81 30.84
CA THR C 157 21.93 -6.43 31.31
C THR C 157 22.16 -6.17 32.80
N GLU C 158 21.90 -4.95 33.24
CA GLU C 158 22.08 -4.57 34.64
C GLU C 158 21.25 -5.45 35.59
N ILE C 159 19.92 -5.38 35.47
CA ILE C 159 19.03 -6.19 36.30
C ILE C 159 19.37 -7.67 36.21
N TYR C 160 19.77 -8.10 35.02
CA TYR C 160 20.11 -9.49 34.79
C TYR C 160 21.17 -10.00 35.75
N ARG C 161 22.34 -9.39 35.68
CA ARG C 161 23.47 -9.82 36.52
C ARG C 161 23.16 -9.69 38.00
N PHE C 162 22.50 -8.61 38.40
CA PHE C 162 22.15 -8.43 39.79
C PHE C 162 21.39 -9.65 40.30
N LEU C 163 20.58 -10.23 39.44
CA LEU C 163 19.86 -11.45 39.78
C LEU C 163 20.79 -12.65 39.75
N VAL C 164 21.58 -12.78 38.68
CA VAL C 164 22.55 -13.85 38.58
C VAL C 164 23.53 -13.82 39.76
N GLN C 165 23.93 -12.63 40.16
CA GLN C 165 24.83 -12.45 41.29
C GLN C 165 24.14 -12.73 42.62
N LYS C 166 22.93 -12.20 42.79
CA LYS C 166 22.17 -12.48 44.01
C LYS C 166 21.71 -13.93 44.01
N LYS C 167 22.29 -14.72 43.12
CA LYS C 167 22.06 -16.17 43.08
C LYS C 167 20.57 -16.55 43.01
N MET C 168 19.82 -15.85 42.15
CA MET C 168 18.40 -16.15 41.97
C MET C 168 18.19 -17.01 40.72
N ILE C 169 18.50 -18.28 40.89
CA ILE C 169 18.74 -19.18 39.77
C ILE C 169 17.95 -20.48 39.91
N ILE C 170 17.58 -21.07 38.79
CA ILE C 170 17.11 -22.45 38.82
C ILE C 170 18.34 -23.34 38.93
N LYS C 171 18.55 -23.92 40.11
CA LYS C 171 19.67 -24.80 40.36
C LYS C 171 19.38 -26.20 39.82
N MET C 172 20.26 -26.68 38.94
CA MET C 172 20.03 -27.93 38.24
C MET C 172 20.98 -29.07 38.65
N PRO C 173 20.43 -30.27 38.87
CA PRO C 173 21.14 -31.54 39.08
C PRO C 173 22.47 -31.63 38.35
N GLU C 174 23.53 -31.96 39.09
CA GLU C 174 24.89 -31.98 38.57
C GLU C 174 25.10 -32.91 37.37
N THR C 175 24.42 -34.06 37.41
CA THR C 175 24.55 -35.05 36.35
C THR C 175 24.08 -34.53 34.99
N VAL C 176 23.26 -33.48 35.04
CA VAL C 176 22.57 -32.93 33.87
C VAL C 176 23.49 -32.10 32.96
N PRO C 177 23.52 -32.44 31.66
CA PRO C 177 24.42 -31.85 30.66
C PRO C 177 24.56 -30.35 30.82
N PRO C 178 25.75 -29.80 30.53
CA PRO C 178 26.03 -28.40 30.88
C PRO C 178 25.22 -27.38 30.04
N ALA C 179 24.66 -27.81 28.91
CA ALA C 179 23.76 -26.94 28.17
C ALA C 179 22.49 -26.73 28.99
N VAL C 180 21.98 -27.82 29.54
CA VAL C 180 20.80 -27.78 30.40
C VAL C 180 21.03 -26.88 31.60
N THR C 181 22.25 -26.89 32.14
CA THR C 181 22.50 -26.11 33.35
C THR C 181 22.64 -24.62 33.04
N ARG C 182 23.27 -24.29 31.91
CA ARG C 182 23.45 -22.89 31.54
C ARG C 182 22.11 -22.24 31.28
N SER C 183 21.19 -23.02 30.72
CA SER C 183 19.88 -22.52 30.30
C SER C 183 19.01 -22.08 31.46
N PHE C 184 18.50 -23.05 32.22
CA PHE C 184 17.59 -22.75 33.31
C PHE C 184 18.21 -21.78 34.32
N ALA C 185 19.54 -21.68 34.25
CA ALA C 185 20.29 -20.75 35.09
C ALA C 185 19.84 -19.31 34.83
N ALA C 186 19.56 -19.00 33.57
CA ALA C 186 19.13 -17.67 33.15
C ALA C 186 17.62 -17.51 33.21
N LEU C 187 16.90 -18.63 33.11
CA LEU C 187 15.44 -18.61 33.03
C LEU C 187 14.80 -17.61 34.00
N ILE C 188 15.09 -17.73 35.30
CA ILE C 188 14.49 -16.82 36.28
C ILE C 188 14.91 -15.37 36.03
N PRO C 189 16.22 -15.10 36.02
CA PRO C 189 16.69 -13.75 35.71
C PRO C 189 16.01 -13.22 34.44
N GLY C 190 16.10 -13.98 33.35
CA GLY C 190 15.48 -13.61 32.09
C GLY C 190 14.00 -13.25 32.26
N PHE C 191 13.23 -14.17 32.81
CA PHE C 191 11.81 -13.93 33.04
C PHE C 191 11.58 -12.62 33.76
N ILE C 192 12.20 -12.46 34.93
CA ILE C 192 12.05 -11.25 35.72
C ILE C 192 12.42 -10.02 34.89
N VAL C 193 13.44 -10.15 34.05
CA VAL C 193 13.89 -9.03 33.23
C VAL C 193 12.82 -8.60 32.22
N VAL C 194 12.40 -9.50 31.33
CA VAL C 194 11.39 -9.12 30.35
C VAL C 194 10.19 -8.56 31.10
N THR C 195 9.90 -9.13 32.27
CA THR C 195 8.77 -8.66 33.06
C THR C 195 8.93 -7.18 33.41
N VAL C 196 10.15 -6.78 33.75
CA VAL C 196 10.41 -5.38 34.07
C VAL C 196 10.23 -4.52 32.82
N VAL C 197 11.02 -4.81 31.80
CA VAL C 197 10.97 -4.02 30.57
C VAL C 197 9.54 -3.91 30.05
N TRP C 198 8.82 -5.01 30.14
CA TRP C 198 7.43 -5.07 29.70
C TRP C 198 6.56 -4.07 30.45
N ILE C 199 6.62 -4.13 31.78
CA ILE C 199 5.90 -3.20 32.63
C ILE C 199 6.26 -1.75 32.30
N ILE C 200 7.52 -1.50 32.00
CA ILE C 200 7.94 -0.17 31.58
C ILE C 200 7.19 0.24 30.32
N ARG C 201 7.03 -0.69 29.39
CA ARG C 201 6.26 -0.40 28.18
C ARG C 201 4.84 -0.01 28.56
N LEU C 202 4.18 -0.86 29.33
CA LEU C 202 2.81 -0.59 29.73
C LEU C 202 2.65 0.80 30.32
N ILE C 203 3.62 1.25 31.11
CA ILE C 203 3.54 2.57 31.73
C ILE C 203 3.44 3.66 30.66
N PHE C 204 4.28 3.59 29.65
CA PHE C 204 4.26 4.58 28.58
C PHE C 204 3.17 4.28 27.55
N GLU C 205 2.69 3.04 27.54
CA GLU C 205 1.54 2.67 26.74
C GLU C 205 0.37 3.54 27.20
N HIS C 206 0.51 4.09 28.41
CA HIS C 206 -0.53 4.92 29.02
C HIS C 206 -0.04 6.35 29.30
N THR C 207 0.45 7.05 28.28
CA THR C 207 0.84 8.45 28.41
C THR C 207 0.82 9.23 27.10
N THR C 208 1.20 10.51 27.18
CA THR C 208 1.36 11.39 26.03
C THR C 208 2.24 10.76 24.96
N PHE C 209 3.03 9.77 25.37
CA PHE C 209 4.05 9.22 24.50
C PHE C 209 3.62 7.93 23.78
N GLY C 210 2.79 7.15 24.45
CA GLY C 210 2.28 5.91 23.86
C GLY C 210 3.30 4.80 23.84
N SER C 211 4.52 5.11 23.39
CA SER C 211 5.56 4.10 23.29
C SER C 211 6.89 4.56 23.86
N ILE C 212 7.70 3.59 24.28
CA ILE C 212 9.01 3.87 24.88
C ILE C 212 9.92 4.64 23.94
N HIS C 213 9.98 4.21 22.68
CA HIS C 213 10.82 4.85 21.68
C HIS C 213 10.57 6.37 21.62
N ASN C 214 9.32 6.76 21.85
CA ASN C 214 8.90 8.15 21.72
C ASN C 214 9.29 9.00 22.93
N VAL C 215 9.10 8.45 24.11
CA VAL C 215 9.49 9.12 25.35
C VAL C 215 10.93 9.52 25.24
N VAL C 216 11.73 8.57 24.74
CA VAL C 216 13.17 8.75 24.62
C VAL C 216 13.53 9.78 23.56
N GLY C 217 13.18 9.50 22.31
CA GLY C 217 13.49 10.39 21.21
C GLY C 217 13.00 11.81 21.43
N LYS C 218 12.00 11.96 22.30
CA LYS C 218 11.42 13.27 22.59
C LYS C 218 12.29 14.08 23.55
N LEU C 219 12.38 13.62 24.79
CA LEU C 219 13.13 14.33 25.81
C LEU C 219 14.60 13.98 25.82
N LEU C 220 15.04 13.12 24.90
CA LEU C 220 16.43 12.69 24.91
C LEU C 220 17.15 12.76 23.56
N GLN C 221 16.64 12.07 22.54
CA GLN C 221 17.35 12.01 21.27
C GLN C 221 17.31 13.33 20.49
N GLU C 222 16.11 13.88 20.29
CA GLU C 222 15.96 15.11 19.51
C GLU C 222 16.77 16.28 20.06
N PRO C 223 16.65 16.57 21.36
CA PRO C 223 17.43 17.67 21.95
C PRO C 223 18.93 17.53 21.74
N LEU C 224 19.53 16.47 22.27
CA LEU C 224 20.97 16.25 22.18
C LEU C 224 21.40 16.14 20.72
N SER C 225 20.52 15.60 19.88
CA SER C 225 20.77 15.50 18.45
C SER C 225 21.08 16.88 17.90
N ILE C 226 20.41 17.89 18.48
CA ILE C 226 20.55 19.26 18.01
C ILE C 226 21.75 19.95 18.62
N LEU C 227 22.11 19.57 19.84
CA LEU C 227 23.32 20.09 20.47
C LEU C 227 24.55 19.57 19.73
N GLY C 228 24.53 18.27 19.45
CA GLY C 228 25.61 17.63 18.73
C GLY C 228 25.77 18.15 17.31
N ALA C 229 24.71 18.77 16.80
CA ALA C 229 24.73 19.36 15.45
C ALA C 229 25.33 20.77 15.46
N SER C 230 25.28 21.41 16.63
CA SER C 230 25.76 22.77 16.81
C SER C 230 27.24 22.90 16.51
N LEU C 231 27.68 24.10 16.13
CA LEU C 231 29.10 24.32 15.90
C LEU C 231 29.88 24.19 17.20
N TRP C 232 29.29 24.67 18.29
CA TRP C 232 29.90 24.48 19.60
C TRP C 232 29.98 22.99 19.93
N GLY C 233 29.01 22.23 19.45
CA GLY C 233 28.98 20.79 19.69
C GLY C 233 29.95 20.03 18.81
N ALA C 234 30.52 20.72 17.84
CA ALA C 234 31.51 20.12 16.97
C ALA C 234 32.90 20.57 17.41
N VAL C 235 33.01 21.86 17.73
CA VAL C 235 34.27 22.44 18.15
C VAL C 235 34.63 22.01 19.57
N ILE C 236 33.62 21.69 20.38
CA ILE C 236 33.88 21.17 21.72
C ILE C 236 34.33 19.71 21.68
N ALA C 237 33.72 18.93 20.80
CA ALA C 237 34.12 17.53 20.64
C ALA C 237 35.52 17.41 20.05
N VAL C 238 35.82 18.22 19.04
CA VAL C 238 37.14 18.16 18.41
C VAL C 238 38.23 18.64 19.36
N ILE C 239 37.90 19.61 20.21
CA ILE C 239 38.82 19.99 21.27
C ILE C 239 39.08 18.78 22.16
N LEU C 240 38.06 18.36 22.90
CA LEU C 240 38.15 17.21 23.80
C LEU C 240 38.95 16.05 23.23
N VAL C 241 38.67 15.69 21.98
CA VAL C 241 39.37 14.59 21.33
C VAL C 241 40.89 14.74 21.43
N HIS C 242 41.35 15.98 21.43
CA HIS C 242 42.79 16.24 21.42
C HIS C 242 43.42 16.50 22.79
N VAL C 243 42.62 17.03 23.72
CA VAL C 243 43.10 17.26 25.07
C VAL C 243 43.12 15.93 25.84
N LEU C 244 42.56 14.89 25.24
CA LEU C 244 42.75 13.54 25.77
C LEU C 244 44.02 12.97 25.16
N TRP C 245 44.15 13.11 23.85
CA TRP C 245 45.37 12.68 23.18
C TRP C 245 46.58 13.40 23.76
N ALA C 246 46.34 14.54 24.40
CA ALA C 246 47.42 15.18 25.12
C ALA C 246 47.86 14.28 26.26
N CYS C 247 46.95 14.02 27.19
CA CYS C 247 47.26 13.15 28.32
C CYS C 247 47.73 11.75 27.90
N GLY C 248 47.70 11.47 26.60
CA GLY C 248 48.15 10.17 26.11
C GLY C 248 47.02 9.18 25.82
N ILE C 249 45.79 9.56 26.16
CA ILE C 249 44.62 8.74 25.85
C ILE C 249 44.21 8.86 24.39
N HIS C 250 43.50 7.84 23.90
CA HIS C 250 42.95 7.83 22.54
C HIS C 250 41.62 8.54 22.56
N GLY C 251 41.65 9.87 22.43
CA GLY C 251 40.47 10.70 22.55
C GLY C 251 39.40 10.44 21.49
N ALA C 252 39.85 10.09 20.30
CA ALA C 252 38.92 9.75 19.23
C ALA C 252 37.91 8.73 19.72
N THR C 253 38.37 7.64 20.34
CA THR C 253 37.48 6.55 20.74
C THR C 253 36.72 6.83 22.02
N ILE C 254 37.15 7.83 22.79
CA ILE C 254 36.45 8.13 24.03
C ILE C 254 35.34 9.13 23.74
N VAL C 255 35.71 10.26 23.14
CA VAL C 255 34.74 11.24 22.68
C VAL C 255 33.74 10.62 21.70
N GLY C 256 34.27 9.99 20.65
CA GLY C 256 33.46 9.30 19.66
C GLY C 256 32.50 8.28 20.25
N GLY C 257 32.91 7.65 21.35
CA GLY C 257 32.08 6.64 21.97
C GLY C 257 30.93 7.24 22.75
N VAL C 258 31.05 8.54 23.06
CA VAL C 258 30.02 9.23 23.81
C VAL C 258 29.07 9.95 22.86
N MET C 259 29.59 10.33 21.70
CA MET C 259 28.81 11.07 20.71
C MET C 259 28.08 10.17 19.71
N SER C 260 28.82 9.28 19.06
CA SER C 260 28.33 8.60 17.85
C SER C 260 26.85 8.14 17.80
N PRO C 261 26.22 7.87 18.96
CA PRO C 261 24.77 7.70 18.87
C PRO C 261 24.13 8.91 18.19
N ILE C 262 24.76 10.05 18.35
CA ILE C 262 24.26 11.30 17.79
C ILE C 262 24.95 11.61 16.46
N TRP C 263 26.27 11.54 16.43
CA TRP C 263 27.03 11.80 15.21
C TRP C 263 26.61 10.91 14.03
N LEU C 264 25.95 9.79 14.29
CA LEU C 264 25.47 8.99 13.16
C LEU C 264 23.94 8.92 13.07
N SER C 265 23.25 9.40 14.09
CA SER C 265 21.83 9.71 13.94
C SER C 265 21.72 10.70 12.78
N LEU C 266 22.62 11.69 12.77
CA LEU C 266 22.71 12.69 11.72
C LEU C 266 23.24 12.08 10.44
N MET C 267 24.32 11.34 10.55
CA MET C 267 24.86 10.64 9.40
C MET C 267 23.75 9.90 8.66
N ASP C 268 22.81 9.34 9.41
CA ASP C 268 21.75 8.54 8.82
C ASP C 268 20.78 9.39 8.01
N GLN C 269 20.25 10.44 8.64
CA GLN C 269 19.30 11.30 7.94
C GLN C 269 19.93 12.00 6.74
N ASN C 270 21.18 12.43 6.84
CA ASN C 270 21.86 12.91 5.65
C ASN C 270 21.81 11.85 4.57
N ARG C 271 21.91 10.59 4.99
CA ARG C 271 21.88 9.48 4.06
C ARG C 271 20.49 9.33 3.45
N ILE C 272 19.48 9.30 4.32
CA ILE C 272 18.09 9.17 3.87
C ILE C 272 17.78 10.17 2.77
N ALA C 273 17.90 11.46 3.07
CA ALA C 273 17.73 12.50 2.06
C ALA C 273 18.52 12.17 0.81
N PHE C 274 19.84 12.33 0.87
CA PHE C 274 20.73 12.04 -0.25
C PHE C 274 20.28 10.86 -1.12
N GLN C 275 19.79 9.80 -0.47
CA GLN C 275 19.44 8.55 -1.16
C GLN C 275 18.18 8.71 -2.03
N ALA C 276 17.49 9.82 -1.82
CA ALA C 276 16.30 10.18 -2.60
C ALA C 276 16.63 11.32 -3.58
N GLY C 277 17.92 11.58 -3.76
CA GLY C 277 18.40 12.61 -4.66
C GLY C 277 18.19 14.03 -4.15
N GLN C 278 17.78 14.16 -2.90
CA GLN C 278 17.47 15.47 -2.32
C GLN C 278 18.63 16.14 -1.58
N ASP C 279 18.41 17.39 -1.18
CA ASP C 279 19.41 18.17 -0.46
C ASP C 279 19.61 17.58 0.93
N VAL C 280 20.87 17.58 1.38
CA VAL C 280 21.30 16.90 2.60
C VAL C 280 21.39 17.85 3.80
N PRO C 281 20.65 17.52 4.88
CA PRO C 281 20.31 18.37 6.03
C PRO C 281 21.42 18.84 6.98
N ASN C 282 22.21 17.92 7.52
CA ASN C 282 23.20 18.29 8.54
C ASN C 282 24.62 18.41 8.04
N THR C 283 25.33 19.44 8.53
CA THR C 283 26.73 19.62 8.22
C THR C 283 27.54 18.66 9.07
N ILE C 284 27.21 18.65 10.36
CA ILE C 284 27.92 17.84 11.34
C ILE C 284 27.44 16.38 11.36
N THR C 285 28.15 15.53 10.62
CA THR C 285 27.99 14.09 10.75
C THR C 285 29.32 13.44 11.08
N ALA C 286 29.27 12.21 11.58
CA ALA C 286 30.47 11.45 11.86
C ALA C 286 31.54 11.68 10.80
N GLN C 287 31.19 11.43 9.53
CA GLN C 287 32.15 11.51 8.43
C GLN C 287 32.75 12.91 8.28
N PHE C 288 32.07 13.90 8.83
CA PHE C 288 32.53 15.28 8.79
C PHE C 288 33.91 15.40 9.39
N PHE C 289 34.01 15.08 10.68
CA PHE C 289 35.29 15.08 11.38
C PHE C 289 36.28 14.16 10.68
N ASP C 290 35.97 12.87 10.66
CA ASP C 290 36.84 11.83 10.11
C ASP C 290 37.54 12.24 8.82
N LEU C 291 36.79 12.82 7.90
CA LEU C 291 37.27 12.96 6.53
C LEU C 291 37.83 14.35 6.21
N TRP C 292 37.43 15.35 6.97
CA TRP C 292 37.85 16.72 6.68
C TRP C 292 38.67 17.36 7.80
N ILE C 293 38.56 16.81 9.01
CA ILE C 293 39.35 17.33 10.12
C ILE C 293 40.48 16.37 10.51
N TYR C 294 40.12 15.18 10.94
CA TYR C 294 41.12 14.17 11.33
C TYR C 294 41.85 13.62 10.10
N MET C 295 42.53 14.49 9.37
CA MET C 295 43.10 14.09 8.09
C MET C 295 44.23 13.10 8.20
N GLY C 296 45.30 13.48 8.90
CA GLY C 296 46.34 12.51 9.19
C GLY C 296 45.88 11.52 10.24
N GLY C 297 45.30 12.04 11.32
CA GLY C 297 44.84 11.22 12.42
C GLY C 297 44.41 12.04 13.61
N SER C 298 45.37 12.53 14.40
CA SER C 298 45.04 13.26 15.62
C SER C 298 45.06 14.77 15.41
N GLY C 299 46.12 15.29 14.79
CA GLY C 299 46.11 16.68 14.35
C GLY C 299 45.72 16.62 12.89
N ALA C 300 46.09 17.62 12.10
CA ALA C 300 46.00 17.42 10.66
C ALA C 300 47.27 16.68 10.27
N THR C 301 47.72 15.80 11.16
CA THR C 301 49.03 15.16 11.11
C THR C 301 49.66 14.86 9.74
N LEU C 302 48.85 14.74 8.70
CA LEU C 302 49.36 14.35 7.40
C LEU C 302 50.25 15.43 6.77
N ALA C 303 49.99 16.68 7.12
CA ALA C 303 50.81 17.81 6.64
C ALA C 303 52.09 17.88 7.47
N LEU C 304 51.98 17.53 8.74
CA LEU C 304 53.11 17.49 9.64
C LEU C 304 54.12 16.43 9.21
N VAL C 305 53.62 15.27 8.79
CA VAL C 305 54.48 14.20 8.31
C VAL C 305 55.20 14.62 7.04
N VAL C 306 54.43 15.06 6.04
CA VAL C 306 55.01 15.53 4.79
C VAL C 306 56.02 16.63 5.10
N GLY C 307 55.64 17.57 5.97
CA GLY C 307 56.53 18.63 6.40
C GLY C 307 57.88 18.10 6.88
N MET C 308 57.85 16.94 7.55
CA MET C 308 59.09 16.28 7.91
C MET C 308 59.74 15.74 6.62
N LEU C 309 58.98 14.97 5.85
CA LEU C 309 59.45 14.42 4.59
C LEU C 309 60.10 15.43 3.64
N LEU C 310 59.70 16.69 3.72
CA LEU C 310 60.14 17.71 2.78
C LEU C 310 61.22 18.64 3.33
N PHE C 311 61.16 18.90 4.64
CA PHE C 311 62.00 19.92 5.27
C PHE C 311 62.84 19.44 6.45
N ALA C 312 62.89 18.13 6.67
CA ALA C 312 63.60 17.58 7.82
C ALA C 312 65.10 17.52 7.59
N ARG C 313 65.85 18.17 8.47
CA ARG C 313 67.29 18.15 8.42
C ARG C 313 67.86 17.09 9.36
N SER C 314 67.23 16.93 10.52
CA SER C 314 67.67 15.94 11.50
C SER C 314 67.48 14.51 10.99
N GLN C 315 68.36 13.62 11.41
CA GLN C 315 68.30 12.21 10.99
C GLN C 315 67.11 11.47 11.58
N GLN C 316 66.60 11.96 12.71
CA GLN C 316 65.49 11.32 13.38
C GLN C 316 64.13 11.70 12.79
N LEU C 317 63.91 13.00 12.56
CA LEU C 317 62.65 13.46 11.96
C LEU C 317 62.57 13.05 10.51
N LYS C 318 63.71 13.10 9.82
CA LYS C 318 63.78 12.60 8.46
C LYS C 318 63.36 11.14 8.46
N SER C 319 63.94 10.35 9.35
CA SER C 319 63.62 8.93 9.47
C SER C 319 62.16 8.69 9.86
N LEU C 320 61.70 9.40 10.88
CA LEU C 320 60.32 9.27 11.34
C LEU C 320 59.37 9.45 10.17
N GLY C 321 59.55 10.54 9.43
CA GLY C 321 58.73 10.79 8.26
C GLY C 321 58.60 9.57 7.38
N ARG C 322 59.75 9.04 6.94
CA ARG C 322 59.78 7.90 6.02
C ARG C 322 59.07 6.66 6.56
N LEU C 323 58.75 6.68 7.86
CA LEU C 323 58.15 5.50 8.51
C LEU C 323 56.69 5.73 8.91
N SER C 324 56.28 6.99 9.00
CA SER C 324 54.93 7.29 9.46
C SER C 324 54.02 7.83 8.35
N ILE C 325 54.57 7.98 7.16
CA ILE C 325 53.77 8.45 6.03
C ILE C 325 52.73 7.40 5.67
N ALA C 326 53.17 6.21 5.29
CA ALA C 326 52.25 5.14 4.88
C ALA C 326 51.04 5.00 5.83
N PRO C 327 51.29 4.83 7.13
CA PRO C 327 50.17 4.67 8.06
C PRO C 327 49.35 5.96 8.19
N GLY C 328 50.00 7.11 8.04
CA GLY C 328 49.30 8.40 8.09
C GLY C 328 48.50 8.66 6.83
N ILE C 329 48.95 8.09 5.73
CA ILE C 329 48.20 8.12 4.47
C ILE C 329 46.83 7.52 4.71
N PHE C 330 46.76 6.59 5.66
CA PHE C 330 45.53 5.91 6.00
C PHE C 330 44.93 6.43 7.30
N ASN C 331 45.31 7.64 7.68
CA ASN C 331 44.73 8.30 8.85
C ASN C 331 45.05 7.64 10.18
N ILE C 332 46.19 6.96 10.24
CA ILE C 332 46.70 6.32 11.46
C ILE C 332 48.02 6.95 11.92
N ASN C 333 48.05 7.50 13.14
CA ASN C 333 49.18 8.32 13.54
C ASN C 333 49.79 8.02 14.92
N GLU C 334 49.87 6.75 15.29
CA GLU C 334 50.50 6.40 16.57
C GLU C 334 51.99 6.69 16.44
N MET C 335 52.54 6.40 15.27
CA MET C 335 53.95 6.64 14.99
C MET C 335 54.35 8.08 15.27
N VAL C 336 53.40 9.00 15.20
CA VAL C 336 53.73 10.41 15.34
C VAL C 336 53.31 10.96 16.70
N THR C 337 52.01 10.94 17.00
CA THR C 337 51.55 11.34 18.32
C THR C 337 52.53 10.89 19.41
N PHE C 338 52.90 9.61 19.37
CA PHE C 338 53.71 9.01 20.44
C PHE C 338 55.21 9.10 20.22
N GLY C 339 55.67 8.75 19.03
CA GLY C 339 57.10 8.69 18.80
C GLY C 339 57.78 10.03 18.49
N MET C 340 57.02 11.14 18.51
CA MET C 340 57.51 12.47 18.08
C MET C 340 58.53 13.07 19.03
N PRO C 341 58.13 13.28 20.29
CA PRO C 341 56.87 13.05 20.96
C PRO C 341 55.94 14.26 20.89
N ILE C 342 54.71 14.06 20.42
CA ILE C 342 53.67 15.10 20.48
C ILE C 342 52.61 14.78 21.53
N VAL C 343 52.91 13.86 22.44
CA VAL C 343 51.85 13.50 23.39
C VAL C 343 51.81 14.41 24.61
N MET C 344 52.93 14.53 25.31
CA MET C 344 52.94 15.42 26.45
C MET C 344 53.91 16.58 26.24
N ASN C 345 54.55 16.61 25.07
CA ASN C 345 55.37 17.75 24.68
C ASN C 345 54.48 18.98 24.53
N PRO C 346 54.88 20.11 25.12
CA PRO C 346 54.06 21.32 25.11
C PRO C 346 54.36 22.27 23.94
N LEU C 347 55.27 21.89 23.06
CA LEU C 347 55.50 22.70 21.87
C LEU C 347 54.58 22.23 20.77
N LEU C 348 54.91 21.07 20.21
CA LEU C 348 54.13 20.51 19.11
C LEU C 348 52.66 20.33 19.48
N LEU C 349 52.37 20.25 20.77
CA LEU C 349 51.00 20.08 21.24
C LEU C 349 50.11 21.24 20.81
N ILE C 350 50.72 22.38 20.49
CA ILE C 350 49.96 23.57 20.12
C ILE C 350 49.32 23.46 18.73
N PRO C 351 50.13 23.27 17.67
CA PRO C 351 49.51 23.06 16.37
C PRO C 351 48.78 21.72 16.32
N PHE C 352 48.83 20.98 17.43
CA PHE C 352 48.09 19.74 17.55
C PHE C 352 46.62 20.03 17.87
N ILE C 353 46.39 20.93 18.82
CA ILE C 353 45.04 21.27 19.25
C ILE C 353 44.51 22.48 18.52
N VAL C 354 45.34 23.10 17.68
CA VAL C 354 44.89 24.29 16.96
C VAL C 354 44.43 23.96 15.54
N VAL C 355 45.27 23.27 14.78
CA VAL C 355 44.87 22.92 13.42
C VAL C 355 43.47 22.31 13.39
N PRO C 356 43.22 21.28 14.22
CA PRO C 356 41.90 20.67 14.28
C PRO C 356 40.78 21.69 14.44
N VAL C 357 40.89 22.62 15.39
CA VAL C 357 39.79 23.57 15.58
C VAL C 357 39.64 24.56 14.42
N VAL C 358 40.75 25.09 13.90
CA VAL C 358 40.64 25.98 12.75
C VAL C 358 40.09 25.18 11.58
N LEU C 359 40.59 23.96 11.41
CA LEU C 359 40.11 23.11 10.33
C LEU C 359 38.63 22.80 10.48
N THR C 360 38.15 22.79 11.73
CA THR C 360 36.73 22.53 11.98
C THR C 360 35.89 23.76 11.68
N ILE C 361 36.23 24.89 12.30
CA ILE C 361 35.47 26.12 12.10
C ILE C 361 35.48 26.56 10.63
N VAL C 362 36.56 26.24 9.93
CA VAL C 362 36.63 26.53 8.49
C VAL C 362 35.76 25.57 7.68
N SER C 363 36.02 24.27 7.79
CA SER C 363 35.25 23.28 7.05
C SER C 363 33.77 23.47 7.30
N TYR C 364 33.43 23.85 8.53
CA TYR C 364 32.04 23.93 8.94
C TYR C 364 31.25 24.98 8.18
N PHE C 365 31.80 26.19 8.09
CA PHE C 365 31.17 27.24 7.31
C PHE C 365 31.12 26.87 5.83
N ALA C 366 32.26 26.48 5.28
CA ALA C 366 32.35 26.09 3.87
C ALA C 366 31.17 25.25 3.39
N MET C 367 30.54 24.50 4.29
CA MET C 367 29.41 23.65 3.91
C MET C 367 28.06 24.34 4.10
N GLU C 368 28.00 25.32 5.01
CA GLU C 368 26.82 26.16 5.15
C GLU C 368 26.86 27.26 4.09
N TRP C 369 28.02 27.91 3.97
CA TRP C 369 28.28 28.88 2.90
C TRP C 369 28.07 28.22 1.53
N GLY C 370 27.71 26.94 1.54
CA GLY C 370 27.36 26.24 0.32
C GLY C 370 28.51 25.99 -0.63
N LEU C 371 29.70 26.45 -0.29
CA LEU C 371 30.87 26.21 -1.14
C LEU C 371 31.26 24.74 -1.16
N VAL C 372 30.76 23.97 -0.19
CA VAL C 372 31.10 22.56 -0.09
C VAL C 372 29.89 21.70 0.28
N ALA C 373 29.77 20.56 -0.40
CA ALA C 373 28.67 19.64 -0.19
C ALA C 373 28.75 18.96 1.17
N ARG C 374 27.61 18.86 1.85
CA ARG C 374 27.52 18.07 3.07
C ARG C 374 27.82 16.60 2.80
N PRO C 375 28.05 15.82 3.86
CA PRO C 375 28.37 14.41 3.63
C PRO C 375 27.16 13.63 3.08
N SER C 376 27.41 12.81 2.06
CA SER C 376 26.41 11.90 1.53
C SER C 376 25.53 11.44 2.68
N GLY C 377 26.17 10.81 3.64
CA GLY C 377 25.49 10.06 4.67
C GLY C 377 26.09 8.68 4.59
N ALA C 378 26.76 8.43 3.48
CA ALA C 378 27.54 7.21 3.33
C ALA C 378 28.63 7.24 4.39
N ALA C 379 28.91 6.07 4.96
CA ALA C 379 29.90 5.96 6.01
C ALA C 379 31.17 5.32 5.44
N VAL C 380 32.11 6.16 5.01
CA VAL C 380 33.44 5.68 4.63
C VAL C 380 34.35 5.73 5.86
N THR C 381 35.11 4.67 6.08
CA THR C 381 35.90 4.55 7.30
C THR C 381 36.75 5.78 7.55
N TRP C 382 37.06 6.03 8.81
CA TRP C 382 38.00 7.07 9.18
C TRP C 382 39.33 6.73 8.52
N THR C 383 39.35 5.59 7.84
CA THR C 383 40.57 4.99 7.31
C THR C 383 40.91 5.39 5.88
N THR C 384 40.00 6.08 5.19
CA THR C 384 40.12 6.30 3.74
C THR C 384 41.06 7.44 3.33
N PRO C 385 42.02 7.14 2.44
CA PRO C 385 43.08 8.02 1.92
C PRO C 385 42.54 9.40 1.55
N ILE C 386 43.26 10.44 1.96
CA ILE C 386 42.70 11.78 2.07
C ILE C 386 41.91 12.29 0.86
N LEU C 387 42.47 12.26 -0.35
CA LEU C 387 41.78 12.87 -1.49
C LEU C 387 40.54 12.10 -1.95
N PHE C 388 40.68 10.81 -2.23
CA PHE C 388 39.52 9.97 -2.53
C PHE C 388 38.45 10.18 -1.46
N SER C 389 38.88 10.15 -0.21
CA SER C 389 37.98 10.39 0.90
C SER C 389 37.04 11.57 0.64
N GLY C 390 37.62 12.71 0.23
CA GLY C 390 36.86 13.93 0.06
C GLY C 390 35.73 13.73 -0.92
N TYR C 391 36.07 13.12 -2.05
CA TYR C 391 35.11 12.82 -3.11
C TYR C 391 33.93 11.98 -2.58
N LEU C 392 34.21 10.72 -2.26
CA LEU C 392 33.21 9.77 -1.78
C LEU C 392 32.41 10.29 -0.59
N GLY C 393 33.08 10.97 0.32
CA GLY C 393 32.40 11.48 1.51
C GLY C 393 31.29 12.44 1.18
N SER C 394 31.44 13.16 0.06
CA SER C 394 30.52 14.23 -0.34
C SER C 394 29.38 13.75 -1.22
N GLY C 395 29.57 12.58 -1.84
CA GLY C 395 28.57 12.02 -2.72
C GLY C 395 29.15 11.89 -4.11
N GLY C 396 30.43 12.23 -4.22
CA GLY C 396 31.11 12.21 -5.50
C GLY C 396 31.26 13.62 -6.01
N LYS C 397 31.11 14.58 -5.10
CA LYS C 397 31.16 15.99 -5.45
C LYS C 397 32.50 16.62 -5.11
N ILE C 398 33.15 17.22 -6.11
CA ILE C 398 34.52 17.71 -5.97
C ILE C 398 34.68 18.90 -5.02
N SER C 399 33.57 19.44 -4.51
CA SER C 399 33.67 20.47 -3.48
C SER C 399 34.33 19.90 -2.23
N GLY C 400 34.30 18.58 -2.11
CA GLY C 400 34.94 17.90 -0.99
C GLY C 400 36.42 17.78 -1.22
N VAL C 401 36.80 17.30 -2.39
CA VAL C 401 38.21 17.08 -2.72
C VAL C 401 39.03 18.37 -2.66
N ILE C 402 38.37 19.52 -2.82
CA ILE C 402 39.08 20.80 -2.72
C ILE C 402 39.18 21.25 -1.25
N LEU C 403 38.08 21.15 -0.51
CA LEU C 403 38.09 21.51 0.91
C LEU C 403 39.28 20.87 1.60
N GLN C 404 39.56 19.62 1.22
CA GLN C 404 40.68 18.88 1.80
C GLN C 404 42.00 19.49 1.38
N LEU C 405 42.17 19.70 0.08
CA LEU C 405 43.38 20.34 -0.42
C LEU C 405 43.66 21.64 0.32
N VAL C 406 42.61 22.43 0.52
CA VAL C 406 42.74 23.67 1.28
C VAL C 406 42.99 23.38 2.77
N ASN C 407 42.52 22.23 3.23
CA ASN C 407 42.75 21.83 4.62
C ASN C 407 44.15 21.26 4.87
N PHE C 408 44.58 20.36 4.00
CA PHE C 408 45.95 19.84 4.04
C PHE C 408 46.95 20.92 3.64
N ALA C 409 46.47 22.16 3.57
CA ALA C 409 47.32 23.30 3.28
C ALA C 409 47.38 24.16 4.54
N LEU C 410 46.22 24.62 4.99
CA LEU C 410 46.12 25.35 6.24
C LEU C 410 46.92 24.66 7.33
N ALA C 411 46.91 23.33 7.29
CA ALA C 411 47.64 22.52 8.27
C ALA C 411 49.12 22.73 8.09
N PHE C 412 49.62 22.40 6.89
CA PHE C 412 51.03 22.52 6.54
C PHE C 412 51.65 23.81 7.07
N VAL C 413 50.95 24.93 6.91
CA VAL C 413 51.50 26.22 7.33
C VAL C 413 51.43 26.49 8.84
N ILE C 414 50.37 26.06 9.52
CA ILE C 414 50.30 26.28 10.96
C ILE C 414 51.31 25.40 11.67
N TYR C 415 51.69 24.29 11.02
CA TYR C 415 52.65 23.37 11.61
C TYR C 415 54.08 23.83 11.35
N LEU C 416 54.34 24.24 10.11
CA LEU C 416 55.70 24.51 9.66
C LEU C 416 56.59 25.31 10.61
N PRO C 417 56.03 26.29 11.35
CA PRO C 417 56.84 26.94 12.39
C PRO C 417 57.31 25.95 13.46
N PHE C 418 56.37 25.34 14.15
CA PHE C 418 56.69 24.40 15.21
C PHE C 418 57.54 23.24 14.71
N LEU C 419 57.30 22.78 13.49
CA LEU C 419 58.12 21.70 12.95
C LEU C 419 59.53 22.16 12.68
N LYS C 420 59.69 23.38 12.17
CA LYS C 420 61.02 23.94 11.96
C LYS C 420 61.75 23.98 13.30
N ILE C 421 61.08 24.56 14.29
CA ILE C 421 61.61 24.69 15.65
C ILE C 421 62.12 23.37 16.24
N TRP C 422 61.28 22.35 16.20
CA TRP C 422 61.65 21.04 16.72
C TRP C 422 62.89 20.53 16.02
N ASP C 423 62.81 20.34 14.72
CA ASP C 423 63.94 19.86 13.94
C ASP C 423 65.22 20.59 14.33
N LYS C 424 65.09 21.87 14.67
CA LYS C 424 66.21 22.66 15.17
C LYS C 424 66.72 22.07 16.48
N GLN C 425 65.90 22.12 17.53
CA GLN C 425 66.27 21.52 18.80
C GLN C 425 66.90 20.14 18.62
N LYS C 426 66.48 19.44 17.58
CA LYS C 426 66.87 18.04 17.40
C LYS C 426 68.15 17.83 16.61
N ILE C 427 68.57 18.82 15.82
CA ILE C 427 69.87 18.72 15.15
C ILE C 427 70.98 19.03 16.15
N ALA C 428 70.65 19.79 17.18
CA ALA C 428 71.56 20.04 18.28
C ALA C 428 71.87 18.73 18.98
N GLU C 429 70.83 18.12 19.54
CA GLU C 429 70.97 16.86 20.26
C GLU C 429 71.70 15.78 19.45
N GLU C 430 71.61 15.86 18.12
CA GLU C 430 72.25 14.87 17.27
C GLU C 430 73.73 15.17 17.06
N LYS C 431 74.11 16.44 17.17
CA LYS C 431 75.50 16.83 16.96
C LYS C 431 76.26 16.98 18.27
N GLY C 432 75.59 17.42 19.32
CA GLY C 432 76.19 17.48 20.64
C GLY C 432 76.31 18.86 21.23
N GLU C 433 75.46 19.77 20.77
CA GLU C 433 75.43 21.12 21.33
C GLU C 433 74.06 21.43 21.92
N ALA C 434 73.83 22.69 22.27
CA ALA C 434 72.53 23.11 22.78
C ALA C 434 71.91 24.20 21.90
N ARG D 3 23.86 -55.19 23.67
CA ARG D 3 25.29 -54.94 23.43
C ARG D 3 25.72 -55.65 22.17
N PHE D 4 24.80 -56.34 21.51
CA PHE D 4 25.23 -57.27 20.48
C PHE D 4 25.07 -56.79 19.09
N LEU D 5 24.30 -55.72 18.92
CA LEU D 5 24.11 -55.05 17.63
C LEU D 5 24.88 -53.73 17.66
N GLU D 6 25.72 -53.57 18.68
CA GLU D 6 26.39 -52.30 18.96
C GLU D 6 27.81 -52.22 18.41
N LYS D 7 27.92 -52.68 17.16
CA LYS D 7 28.98 -52.30 16.27
C LYS D 7 28.24 -52.05 14.95
N TYR D 8 26.97 -51.68 15.10
CA TYR D 8 26.08 -51.43 13.98
C TYR D 8 25.41 -50.06 14.10
N VAL D 9 25.09 -49.67 15.33
CA VAL D 9 24.52 -48.34 15.58
C VAL D 9 25.50 -47.44 16.32
N MET D 10 26.28 -48.02 17.23
CA MET D 10 27.24 -47.25 18.03
C MET D 10 28.15 -46.32 17.22
N PRO D 11 28.87 -46.88 16.22
CA PRO D 11 29.85 -46.05 15.51
C PRO D 11 29.19 -44.97 14.66
N VAL D 12 27.95 -45.21 14.24
CA VAL D 12 27.24 -44.25 13.41
C VAL D 12 26.59 -43.13 14.23
N ALA D 13 26.12 -43.47 15.42
CA ALA D 13 25.58 -42.49 16.35
C ALA D 13 26.68 -41.50 16.74
N GLY D 14 27.93 -41.97 16.70
CA GLY D 14 29.06 -41.12 16.97
C GLY D 14 29.29 -40.15 15.83
N LYS D 15 29.20 -40.65 14.60
CA LYS D 15 29.35 -39.80 13.42
C LYS D 15 28.33 -38.66 13.44
N VAL D 16 27.18 -38.90 14.05
CA VAL D 16 26.15 -37.89 14.13
C VAL D 16 26.47 -36.83 15.20
N ALA D 17 26.80 -37.28 16.39
CA ALA D 17 26.98 -36.39 17.53
C ALA D 17 28.19 -35.48 17.37
N GLU D 18 29.12 -35.87 16.51
CA GLU D 18 30.34 -35.09 16.28
C GLU D 18 30.19 -34.13 15.09
N GLN D 19 29.26 -34.44 14.19
CA GLN D 19 28.99 -33.62 13.02
C GLN D 19 28.82 -32.15 13.41
N ARG D 20 29.62 -31.27 12.81
CA ARG D 20 29.66 -29.85 13.18
C ARG D 20 28.39 -29.06 12.91
N HIS D 21 27.85 -29.20 11.71
CA HIS D 21 26.71 -28.41 11.29
C HIS D 21 25.43 -28.83 12.01
N LEU D 22 25.24 -30.13 12.14
CA LEU D 22 24.07 -30.64 12.84
C LEU D 22 24.26 -30.37 14.32
N LEU D 23 25.52 -30.10 14.69
CA LEU D 23 25.89 -29.73 16.06
C LEU D 23 25.58 -28.26 16.35
N ALA D 24 26.08 -27.39 15.48
CA ALA D 24 25.86 -25.96 15.67
C ALA D 24 24.38 -25.61 15.73
N ILE D 25 23.57 -26.23 14.86
CA ILE D 25 22.13 -26.07 14.89
C ILE D 25 21.55 -26.52 16.22
N ARG D 26 21.88 -27.76 16.60
CA ARG D 26 21.47 -28.33 17.87
C ARG D 26 21.66 -27.34 19.01
N ASP D 27 22.90 -26.92 19.20
CA ASP D 27 23.27 -26.07 20.33
C ASP D 27 22.84 -24.62 20.15
N GLY D 28 22.85 -24.16 18.90
CA GLY D 28 22.37 -22.82 18.58
C GLY D 28 20.93 -22.62 19.03
N LEU D 29 20.09 -23.61 18.76
CA LEU D 29 18.68 -23.55 19.14
C LEU D 29 18.48 -23.53 20.65
N VAL D 30 19.45 -24.02 21.41
CA VAL D 30 19.34 -23.98 22.86
C VAL D 30 19.15 -22.54 23.34
N LEU D 31 19.65 -21.59 22.55
CA LEU D 31 19.62 -20.19 22.92
C LEU D 31 18.19 -19.64 22.91
N THR D 32 17.26 -20.41 22.34
CA THR D 32 15.88 -19.92 22.21
C THR D 32 14.97 -20.55 23.26
N MET D 33 15.46 -21.57 23.96
CA MET D 33 14.65 -22.33 24.91
C MET D 33 14.04 -21.51 26.04
N PRO D 34 14.89 -20.82 26.82
CA PRO D 34 14.32 -20.07 27.94
C PRO D 34 13.28 -19.07 27.47
N PHE D 35 13.43 -18.56 26.25
CA PHE D 35 12.52 -17.55 25.74
C PHE D 35 11.10 -18.08 25.45
N LEU D 36 11.02 -19.18 24.69
CA LEU D 36 9.74 -19.83 24.45
C LEU D 36 9.13 -20.37 25.74
N ILE D 37 9.82 -20.14 26.85
CA ILE D 37 9.33 -20.52 28.17
C ILE D 37 8.86 -19.27 28.88
N ILE D 38 9.67 -18.22 28.81
CA ILE D 38 9.30 -16.94 29.38
C ILE D 38 8.05 -16.50 28.67
N GLY D 39 8.03 -16.65 27.35
CA GLY D 39 6.91 -16.22 26.53
C GLY D 39 5.71 -17.11 26.66
N SER D 40 5.94 -18.43 26.76
CA SER D 40 4.85 -19.37 26.92
C SER D 40 4.12 -19.14 28.23
N ILE D 41 4.74 -18.42 29.16
CA ILE D 41 4.07 -18.12 30.41
C ILE D 41 2.91 -17.17 30.17
N PHE D 42 3.20 -16.02 29.59
CA PHE D 42 2.15 -15.05 29.33
C PHE D 42 1.08 -15.64 28.40
N LEU D 43 1.52 -16.41 27.42
CA LEU D 43 0.63 -17.09 26.50
C LEU D 43 -0.34 -17.99 27.28
N ILE D 44 0.06 -18.47 28.46
CA ILE D 44 -0.85 -19.29 29.26
C ILE D 44 -1.72 -18.42 30.17
N ILE D 45 -1.16 -17.34 30.71
CA ILE D 45 -1.92 -16.49 31.63
C ILE D 45 -3.14 -15.86 30.96
N SER D 46 -2.95 -15.35 29.74
CA SER D 46 -4.05 -14.74 29.02
C SER D 46 -5.12 -15.76 28.67
N THR D 47 -4.69 -16.95 28.24
CA THR D 47 -5.61 -17.97 27.73
C THR D 47 -5.97 -19.04 28.76
N LEU D 48 -6.03 -18.66 30.05
CA LEU D 48 -6.35 -19.63 31.09
C LEU D 48 -7.85 -19.68 31.35
N PRO D 49 -8.48 -20.81 30.97
CA PRO D 49 -9.93 -21.00 30.84
C PRO D 49 -10.71 -21.21 32.15
N ILE D 50 -10.21 -20.70 33.27
CA ILE D 50 -10.96 -20.73 34.53
C ILE D 50 -12.33 -20.07 34.33
N PRO D 51 -13.37 -20.63 34.96
CA PRO D 51 -14.74 -20.12 34.82
C PRO D 51 -14.94 -18.63 35.14
N GLY D 52 -14.74 -18.24 36.39
CA GLY D 52 -14.96 -16.85 36.79
C GLY D 52 -13.72 -16.00 36.76
N TYR D 53 -12.81 -16.33 35.86
CA TYR D 53 -11.49 -15.70 35.81
C TYR D 53 -11.31 -14.75 34.60
N SER D 54 -11.84 -15.14 33.45
CA SER D 54 -11.71 -14.33 32.24
C SER D 54 -12.27 -12.92 32.45
N GLU D 55 -13.04 -12.74 33.51
CA GLU D 55 -13.63 -11.46 33.86
C GLU D 55 -13.03 -10.96 35.15
N PHE D 56 -12.51 -11.90 35.94
CA PHE D 56 -11.78 -11.60 37.15
C PHE D 56 -10.61 -10.66 36.83
N MET D 57 -9.91 -10.98 35.75
CA MET D 57 -8.81 -10.15 35.29
C MET D 57 -9.33 -8.99 34.46
N ALA D 58 -10.44 -9.24 33.75
CA ALA D 58 -11.05 -8.22 32.90
C ALA D 58 -11.63 -7.08 33.74
N SER D 59 -11.75 -7.31 35.03
CA SER D 59 -12.32 -6.32 35.94
C SER D 59 -11.23 -5.50 36.62
N LEU D 60 -10.35 -6.19 37.35
CA LEU D 60 -9.27 -5.55 38.10
C LEU D 60 -8.52 -4.55 37.22
N PHE D 61 -8.33 -4.90 35.96
CA PHE D 61 -7.55 -4.08 35.03
C PHE D 61 -8.45 -3.33 34.06
N GLY D 62 -8.81 -3.97 32.95
CA GLY D 62 -9.66 -3.33 31.95
C GLY D 62 -10.29 -4.29 30.97
N LYS D 63 -10.97 -3.74 29.96
CA LYS D 63 -11.57 -4.55 28.91
C LYS D 63 -10.46 -5.18 28.07
N ASN D 64 -9.45 -4.37 27.76
CA ASN D 64 -8.30 -4.83 26.98
C ASN D 64 -7.12 -5.25 27.84
N TRP D 65 -7.26 -6.37 28.55
CA TRP D 65 -6.14 -6.94 29.29
C TRP D 65 -5.38 -7.90 28.37
N ASN D 66 -6.09 -8.87 27.80
CA ASN D 66 -5.48 -9.84 26.91
C ASN D 66 -4.39 -9.27 26.01
N VAL D 67 -4.65 -8.10 25.44
CA VAL D 67 -3.74 -7.52 24.45
C VAL D 67 -2.36 -7.20 25.05
N ALA D 68 -2.35 -6.76 26.29
CA ALA D 68 -1.09 -6.41 26.95
C ALA D 68 -0.22 -7.64 27.22
N LEU D 69 -0.86 -8.78 27.50
CA LEU D 69 -0.14 -10.02 27.74
C LEU D 69 0.27 -10.68 26.43
N GLY D 70 0.31 -9.89 25.36
CA GLY D 70 0.63 -10.45 24.07
C GLY D 70 2.00 -10.04 23.58
N TYR D 71 2.55 -8.98 24.17
CA TYR D 71 3.84 -8.47 23.74
C TYR D 71 4.98 -9.46 24.00
N PRO D 72 5.11 -9.93 25.25
CA PRO D 72 6.12 -10.95 25.52
C PRO D 72 5.99 -12.12 24.55
N VAL D 73 4.77 -12.43 24.12
CA VAL D 73 4.55 -13.55 23.23
C VAL D 73 5.00 -13.21 21.83
N SER D 74 4.97 -11.92 21.52
CA SER D 74 5.43 -11.42 20.22
C SER D 74 6.96 -11.37 20.21
N ALA D 75 7.54 -10.84 21.29
CA ALA D 75 8.99 -10.66 21.41
C ALA D 75 9.74 -11.99 21.53
N THR D 76 9.04 -13.03 21.94
CA THR D 76 9.68 -14.34 22.08
C THR D 76 9.37 -15.26 20.91
N PHE D 77 8.12 -15.73 20.84
CA PHE D 77 7.70 -16.70 19.84
C PHE D 77 7.93 -16.22 18.42
N ASN D 78 7.68 -14.95 18.16
CA ASN D 78 7.77 -14.40 16.82
C ASN D 78 9.19 -14.03 16.41
N ILE D 79 10.16 -14.39 17.23
CA ILE D 79 11.52 -13.99 16.98
C ILE D 79 12.48 -15.18 16.90
N MET D 80 11.99 -16.36 17.27
CA MET D 80 12.81 -17.56 17.30
C MET D 80 13.93 -17.57 16.26
N ALA D 81 13.58 -17.55 14.98
CA ALA D 81 14.61 -17.60 13.93
C ALA D 81 15.67 -16.51 14.08
N LEU D 82 15.27 -15.36 14.61
CA LEU D 82 16.21 -14.25 14.78
C LEU D 82 17.25 -14.60 15.84
N ILE D 83 16.78 -15.06 16.99
CA ILE D 83 17.66 -15.58 18.01
C ILE D 83 18.43 -16.76 17.45
N ALA D 84 17.69 -17.76 16.96
CA ALA D 84 18.28 -18.99 16.46
C ALA D 84 19.41 -18.81 15.43
N VAL D 85 19.37 -17.74 14.65
CA VAL D 85 20.45 -17.52 13.70
C VAL D 85 21.70 -17.02 14.41
N PHE D 86 21.52 -16.09 15.34
CA PHE D 86 22.66 -15.64 16.09
C PHE D 86 23.25 -16.82 16.80
N GLY D 87 22.44 -17.45 17.65
CA GLY D 87 22.84 -18.66 18.34
C GLY D 87 23.67 -19.58 17.46
N ILE D 88 23.11 -20.02 16.34
CA ILE D 88 23.76 -21.03 15.52
C ILE D 88 25.07 -20.55 14.89
N ALA D 89 25.14 -19.29 14.50
CA ALA D 89 26.35 -18.77 13.87
C ALA D 89 27.47 -18.68 14.89
N TYR D 90 27.15 -18.00 15.99
CA TYR D 90 28.03 -17.85 17.12
C TYR D 90 28.67 -19.18 17.46
N ARG D 91 27.84 -20.18 17.74
CA ARG D 91 28.32 -21.51 18.08
C ARG D 91 29.22 -22.12 17.01
N LEU D 92 28.82 -22.02 15.73
CA LEU D 92 29.65 -22.58 14.66
C LEU D 92 30.95 -21.79 14.52
N GLY D 93 30.95 -20.56 14.99
CA GLY D 93 32.17 -19.78 15.05
C GLY D 93 33.09 -20.31 16.13
N GLU D 94 32.56 -20.47 17.34
CA GLU D 94 33.28 -21.09 18.43
C GLU D 94 33.99 -22.31 17.90
N TYR D 95 33.23 -23.19 17.25
CA TYR D 95 33.75 -24.43 16.73
C TYR D 95 34.93 -24.25 15.79
N TYR D 96 34.83 -23.29 14.88
CA TYR D 96 35.89 -23.10 13.88
C TYR D 96 37.05 -22.26 14.41
N LYS D 97 36.97 -21.87 15.69
CA LYS D 97 38.03 -21.08 16.32
C LYS D 97 38.09 -19.65 15.82
N VAL D 98 37.10 -19.25 15.01
CA VAL D 98 37.03 -17.87 14.51
C VAL D 98 36.29 -16.95 15.45
N ASP D 99 36.24 -15.68 15.09
CA ASP D 99 35.61 -14.65 15.92
C ASP D 99 34.11 -14.90 16.08
N ALA D 100 33.69 -15.42 17.23
CA ALA D 100 32.28 -15.78 17.41
C ALA D 100 31.30 -14.60 17.37
N LEU D 101 31.49 -13.62 18.27
CA LEU D 101 30.64 -12.45 18.27
C LEU D 101 30.39 -12.04 16.83
N ALA D 102 31.46 -11.97 16.05
CA ALA D 102 31.35 -11.58 14.66
C ALA D 102 30.45 -12.54 13.90
N SER D 103 30.93 -13.76 13.68
CA SER D 103 30.21 -14.70 12.83
C SER D 103 28.75 -14.87 13.27
N GLY D 104 28.46 -14.51 14.52
CA GLY D 104 27.13 -14.64 15.08
C GLY D 104 26.23 -13.43 14.81
N ALA D 105 26.84 -12.28 14.58
CA ALA D 105 26.09 -11.08 14.26
C ALA D 105 26.07 -10.91 12.76
N LEU D 106 27.06 -11.48 12.09
CA LEU D 106 27.08 -11.43 10.64
C LEU D 106 25.85 -12.15 10.14
N SER D 107 25.54 -13.30 10.74
CA SER D 107 24.41 -14.09 10.31
C SER D 107 23.09 -13.34 10.54
N LEU D 108 22.97 -12.70 11.69
CA LEU D 108 21.76 -11.93 12.01
C LEU D 108 21.58 -10.75 11.06
N VAL D 109 22.67 -10.18 10.56
CA VAL D 109 22.56 -9.21 9.46
C VAL D 109 22.16 -9.96 8.20
N THR D 110 23.03 -10.85 7.74
CA THR D 110 22.75 -11.68 6.59
C THR D 110 21.31 -12.18 6.51
N PHE D 111 20.75 -12.57 7.65
CA PHE D 111 19.37 -13.03 7.70
C PHE D 111 18.43 -11.94 7.22
N LEU D 112 18.51 -10.79 7.87
CA LEU D 112 17.66 -9.68 7.53
C LEU D 112 17.91 -9.17 6.11
N LEU D 113 19.11 -9.44 5.58
CA LEU D 113 19.36 -9.15 4.19
C LEU D 113 18.52 -10.06 3.30
N ALA D 114 18.47 -11.33 3.66
CA ALA D 114 17.76 -12.31 2.85
C ALA D 114 16.24 -12.25 2.99
N THR D 115 15.74 -11.45 3.91
CA THR D 115 14.29 -11.30 4.07
C THR D 115 13.83 -9.87 3.79
N PRO D 116 12.87 -9.72 2.85
CA PRO D 116 12.22 -8.57 2.20
C PRO D 116 12.18 -7.21 2.89
N PHE D 117 11.60 -7.09 4.08
CA PHE D 117 11.31 -5.77 4.67
C PHE D 117 10.12 -5.15 3.95
N GLN D 118 9.07 -5.94 3.82
CA GLN D 118 7.92 -5.58 3.01
C GLN D 118 6.87 -6.67 3.05
N VAL D 119 5.66 -6.31 3.43
CA VAL D 119 4.54 -7.22 3.32
C VAL D 119 3.50 -6.63 2.41
N ALA D 120 3.03 -7.41 1.44
CA ALA D 120 2.05 -6.94 0.44
C ALA D 120 0.66 -7.51 0.70
N TYR D 121 -0.34 -6.64 0.66
CA TYR D 121 -1.73 -7.07 0.73
C TYR D 121 -2.26 -7.29 -0.68
N ILE D 122 -2.96 -8.40 -0.87
CA ILE D 122 -3.51 -8.72 -2.17
C ILE D 122 -5.01 -8.48 -2.14
N MET D 123 -5.55 -7.94 -3.23
CA MET D 123 -6.98 -7.83 -3.40
C MET D 123 -7.45 -9.18 -3.91
N PRO D 124 -8.36 -9.83 -3.15
CA PRO D 124 -8.65 -11.27 -3.29
C PRO D 124 -8.99 -11.72 -4.71
N GLY D 125 -8.07 -12.48 -5.31
CA GLY D 125 -8.23 -13.01 -6.65
C GLY D 125 -8.50 -11.96 -7.70
N THR D 126 -7.72 -10.87 -7.67
CA THR D 126 -7.93 -9.79 -8.63
C THR D 126 -6.63 -9.25 -9.22
N LYS D 127 -5.49 -9.71 -8.70
CA LYS D 127 -4.19 -9.33 -9.25
C LYS D 127 -3.77 -7.89 -8.92
N GLU D 128 -4.57 -7.23 -8.08
CA GLU D 128 -4.23 -5.89 -7.62
C GLU D 128 -3.67 -5.96 -6.20
N SER D 129 -2.77 -5.03 -5.87
CA SER D 129 -2.08 -5.10 -4.58
C SER D 129 -1.73 -3.74 -4.01
N ILE D 130 -1.61 -3.68 -2.68
CA ILE D 130 -0.96 -2.57 -2.01
C ILE D 130 0.04 -3.13 -1.01
N LEU D 131 1.16 -2.46 -0.85
CA LEU D 131 2.26 -3.02 -0.08
C LEU D 131 2.99 -2.01 0.79
N VAL D 132 3.12 -2.36 2.07
CA VAL D 132 3.82 -1.55 3.07
C VAL D 132 5.33 -1.80 3.00
N ASP D 133 6.10 -0.75 3.29
CA ASP D 133 7.56 -0.82 3.16
C ASP D 133 8.29 -0.49 4.46
N GLY D 134 9.62 -0.66 4.45
CA GLY D 134 10.44 -0.37 5.62
C GLY D 134 9.85 -1.06 6.83
N VAL D 135 9.40 -2.29 6.63
CA VAL D 135 8.70 -3.05 7.65
C VAL D 135 9.25 -4.48 7.65
N ILE D 136 9.57 -5.02 8.82
CA ILE D 136 10.10 -6.39 8.89
C ILE D 136 9.00 -7.40 9.13
N PRO D 137 8.69 -8.22 8.12
CA PRO D 137 7.63 -9.22 8.23
C PRO D 137 7.83 -10.19 9.39
N ALA D 138 7.20 -9.90 10.53
CA ALA D 138 7.38 -10.66 11.77
C ALA D 138 6.99 -12.13 11.70
N ALA D 139 6.43 -12.57 10.58
CA ALA D 139 6.15 -13.99 10.43
C ALA D 139 7.41 -14.67 9.94
N LEU D 140 8.21 -13.93 9.19
CA LEU D 140 9.46 -14.47 8.64
C LEU D 140 10.56 -14.61 9.70
N MET D 141 10.34 -14.05 10.88
CA MET D 141 11.30 -14.13 11.99
C MET D 141 10.93 -15.26 12.95
N GLY D 142 9.64 -15.54 13.07
CA GLY D 142 9.16 -16.55 14.01
C GLY D 142 9.52 -17.99 13.61
N SER D 143 8.74 -18.93 14.10
CA SER D 143 8.98 -20.36 13.85
C SER D 143 9.12 -20.68 12.36
N GLN D 144 8.52 -19.86 11.53
CA GLN D 144 8.54 -20.05 10.09
C GLN D 144 9.94 -19.80 9.55
N GLY D 145 10.83 -19.29 10.39
CA GLY D 145 12.13 -18.86 9.93
C GLY D 145 13.21 -19.92 10.04
N LEU D 146 13.11 -20.75 11.07
CA LEU D 146 14.17 -21.68 11.42
C LEU D 146 14.95 -22.25 10.24
N PHE D 147 14.27 -22.79 9.23
CA PHE D 147 14.98 -23.39 8.10
C PHE D 147 15.87 -22.42 7.32
N VAL D 148 15.35 -21.23 7.02
CA VAL D 148 16.17 -20.21 6.35
C VAL D 148 17.25 -19.73 7.31
N ALA D 149 16.91 -19.73 8.61
CA ALA D 149 17.86 -19.43 9.67
C ALA D 149 19.06 -20.37 9.62
N MET D 150 18.80 -21.64 9.90
CA MET D 150 19.83 -22.67 9.83
C MET D 150 20.68 -22.53 8.58
N ILE D 151 20.06 -22.21 7.45
CA ILE D 151 20.80 -22.15 6.21
C ILE D 151 21.74 -20.94 6.14
N ILE D 152 21.19 -19.72 6.13
CA ILE D 152 22.05 -18.57 5.92
C ILE D 152 23.01 -18.35 7.09
N ALA D 153 22.79 -19.07 8.20
CA ALA D 153 23.75 -19.05 9.32
C ALA D 153 24.94 -19.97 9.03
N ILE D 154 24.66 -21.23 8.71
CA ILE D 154 25.69 -22.16 8.27
C ILE D 154 26.47 -21.64 7.08
N ILE D 155 25.76 -21.14 6.07
CA ILE D 155 26.38 -20.59 4.87
C ILE D 155 27.27 -19.39 5.18
N SER D 156 26.77 -18.49 6.02
CA SER D 156 27.52 -17.29 6.37
C SER D 156 28.79 -17.63 7.13
N THR D 157 28.64 -18.35 8.23
CA THR D 157 29.79 -18.69 9.08
C THR D 157 30.77 -19.62 8.36
N GLU D 158 30.26 -20.55 7.58
CA GLU D 158 31.10 -21.50 6.86
C GLU D 158 31.98 -20.80 5.82
N ILE D 159 31.47 -19.70 5.27
CA ILE D 159 32.24 -18.88 4.33
C ILE D 159 33.17 -17.97 5.11
N TYR D 160 32.63 -17.40 6.18
CA TYR D 160 33.36 -16.47 7.00
C TYR D 160 34.61 -17.13 7.59
N ARG D 161 34.45 -18.32 8.15
CA ARG D 161 35.58 -19.03 8.72
C ARG D 161 36.59 -19.31 7.62
N PHE D 162 36.11 -19.80 6.48
CA PHE D 162 36.99 -20.13 5.38
C PHE D 162 37.84 -18.94 4.95
N LEU D 163 37.31 -17.74 5.10
CA LEU D 163 38.04 -16.55 4.65
C LEU D 163 39.10 -16.11 5.65
N VAL D 164 38.76 -16.10 6.95
CA VAL D 164 39.72 -15.73 7.96
C VAL D 164 40.87 -16.72 7.96
N GLN D 165 40.62 -17.91 7.41
CA GLN D 165 41.60 -18.98 7.40
C GLN D 165 42.57 -18.89 6.21
N LYS D 166 42.09 -18.40 5.08
CA LYS D 166 42.98 -18.11 3.97
C LYS D 166 43.54 -16.70 4.17
N LYS D 167 43.26 -16.15 5.35
CA LYS D 167 43.80 -14.86 5.78
C LYS D 167 43.57 -13.72 4.79
N MET D 168 42.44 -13.76 4.10
CA MET D 168 41.98 -12.66 3.24
C MET D 168 41.45 -11.55 4.13
N ILE D 169 42.36 -10.75 4.69
CA ILE D 169 42.02 -9.94 5.83
C ILE D 169 42.84 -8.65 5.91
N ILE D 170 42.28 -7.63 6.55
CA ILE D 170 43.01 -6.39 6.73
C ILE D 170 43.96 -6.43 7.92
N LYS D 171 45.25 -6.45 7.61
CA LYS D 171 46.34 -6.36 8.57
C LYS D 171 46.48 -4.96 9.16
N MET D 172 45.81 -4.73 10.29
CA MET D 172 46.03 -3.47 10.98
C MET D 172 47.37 -3.52 11.78
N PRO D 173 48.19 -2.45 11.66
CA PRO D 173 49.36 -2.16 12.50
C PRO D 173 49.17 -2.49 13.99
N GLU D 174 50.15 -3.16 14.60
CA GLU D 174 50.01 -3.66 15.97
C GLU D 174 49.83 -2.55 17.01
N THR D 175 50.19 -1.32 16.64
CA THR D 175 50.15 -0.21 17.59
C THR D 175 48.74 0.31 17.77
N VAL D 176 47.88 0.02 16.79
CA VAL D 176 46.50 0.47 16.81
C VAL D 176 45.69 -0.47 17.69
N PRO D 177 44.87 0.09 18.60
CA PRO D 177 44.12 -0.69 19.59
C PRO D 177 43.61 -2.00 19.02
N PRO D 178 43.38 -3.00 19.87
CA PRO D 178 42.82 -4.32 19.49
C PRO D 178 41.41 -4.21 18.92
N ALA D 179 40.57 -3.39 19.56
CA ALA D 179 39.23 -3.11 19.06
C ALA D 179 39.28 -2.71 17.58
N VAL D 180 40.21 -1.83 17.23
CA VAL D 180 40.41 -1.46 15.84
C VAL D 180 40.86 -2.66 15.03
N THR D 181 41.87 -3.38 15.53
CA THR D 181 42.45 -4.50 14.80
C THR D 181 41.39 -5.54 14.48
N ARG D 182 40.50 -5.79 15.44
CA ARG D 182 39.46 -6.83 15.30
C ARG D 182 38.44 -6.50 14.23
N SER D 183 37.92 -5.28 14.26
CA SER D 183 36.95 -4.86 13.25
C SER D 183 37.47 -5.12 11.85
N PHE D 184 38.43 -4.31 11.43
CA PHE D 184 38.93 -4.40 10.06
C PHE D 184 39.33 -5.81 9.66
N ALA D 185 39.62 -6.65 10.64
CA ALA D 185 39.87 -8.05 10.38
C ALA D 185 38.67 -8.64 9.68
N ALA D 186 37.50 -8.45 10.29
CA ALA D 186 36.24 -8.97 9.77
C ALA D 186 35.74 -8.25 8.52
N LEU D 187 36.14 -7.00 8.34
CA LEU D 187 35.66 -6.19 7.22
C LEU D 187 35.68 -6.98 5.92
N ILE D 188 36.86 -7.27 5.40
CA ILE D 188 36.96 -7.99 4.12
C ILE D 188 36.09 -9.24 4.06
N PRO D 189 36.22 -10.15 5.03
CA PRO D 189 35.38 -11.36 4.99
C PRO D 189 33.89 -11.03 5.08
N GLY D 190 33.51 -10.21 6.03
CA GLY D 190 32.11 -9.81 6.19
C GLY D 190 31.53 -9.22 4.92
N PHE D 191 32.36 -8.48 4.18
CA PHE D 191 31.90 -7.84 2.95
C PHE D 191 31.59 -8.84 1.85
N ILE D 192 32.32 -9.95 1.85
CA ILE D 192 32.09 -10.98 0.84
C ILE D 192 30.89 -11.88 1.20
N VAL D 193 30.61 -12.03 2.49
CA VAL D 193 29.45 -12.81 2.91
C VAL D 193 28.17 -12.06 2.55
N VAL D 194 28.03 -10.82 3.00
CA VAL D 194 26.85 -10.03 2.67
C VAL D 194 26.63 -9.96 1.16
N THR D 195 27.71 -9.99 0.40
CA THR D 195 27.63 -9.99 -1.05
C THR D 195 27.05 -11.29 -1.60
N VAL D 196 27.59 -12.43 -1.15
CA VAL D 196 27.08 -13.73 -1.58
C VAL D 196 25.60 -13.88 -1.23
N VAL D 197 25.28 -13.76 0.05
CA VAL D 197 23.89 -13.80 0.46
C VAL D 197 23.06 -12.80 -0.36
N TRP D 198 23.58 -11.60 -0.58
CA TRP D 198 22.87 -10.62 -1.40
C TRP D 198 22.66 -11.10 -2.83
N ILE D 199 23.67 -11.73 -3.40
CA ILE D 199 23.52 -12.29 -4.75
C ILE D 199 22.53 -13.45 -4.72
N ILE D 200 22.70 -14.35 -3.76
CA ILE D 200 21.77 -15.47 -3.63
C ILE D 200 20.31 -15.00 -3.61
N ARG D 201 20.06 -13.85 -3.00
CA ARG D 201 18.72 -13.28 -2.99
C ARG D 201 18.31 -12.92 -4.41
N LEU D 202 19.10 -12.06 -5.05
CA LEU D 202 18.80 -11.62 -6.40
C LEU D 202 18.45 -12.81 -7.32
N ILE D 203 19.24 -13.87 -7.24
CA ILE D 203 18.97 -15.07 -8.04
C ILE D 203 17.54 -15.59 -7.87
N PHE D 204 17.08 -15.72 -6.62
CA PHE D 204 15.72 -16.19 -6.36
C PHE D 204 14.70 -15.07 -6.54
N GLU D 205 15.19 -13.83 -6.52
CA GLU D 205 14.36 -12.67 -6.78
C GLU D 205 13.86 -12.77 -8.23
N HIS D 206 14.53 -13.61 -9.01
CA HIS D 206 14.20 -13.82 -10.41
C HIS D 206 13.93 -15.29 -10.68
N THR D 207 13.11 -15.92 -9.86
CA THR D 207 12.71 -17.30 -10.08
C THR D 207 11.24 -17.41 -9.74
N THR D 208 10.68 -18.59 -9.98
CA THR D 208 9.28 -18.85 -9.67
C THR D 208 8.92 -18.48 -8.23
N PHE D 209 9.87 -18.72 -7.31
CA PHE D 209 9.61 -18.62 -5.86
C PHE D 209 9.70 -17.20 -5.34
N GLY D 210 10.55 -16.39 -5.96
CA GLY D 210 10.56 -14.97 -5.69
C GLY D 210 11.52 -14.53 -4.61
N SER D 211 11.44 -15.16 -3.44
CA SER D 211 12.32 -14.81 -2.34
C SER D 211 12.84 -16.03 -1.60
N ILE D 212 14.01 -15.90 -0.98
CA ILE D 212 14.70 -17.01 -0.32
C ILE D 212 13.81 -17.79 0.63
N HIS D 213 13.12 -17.06 1.51
CA HIS D 213 12.29 -17.69 2.53
C HIS D 213 11.29 -18.67 1.93
N ASN D 214 11.01 -18.50 0.65
CA ASN D 214 9.95 -19.26 -0.01
C ASN D 214 10.43 -20.52 -0.74
N VAL D 215 11.60 -20.46 -1.36
CA VAL D 215 12.19 -21.64 -1.98
C VAL D 215 12.35 -22.65 -0.89
N VAL D 216 12.92 -22.19 0.23
CA VAL D 216 13.18 -23.03 1.37
C VAL D 216 11.88 -23.48 2.04
N GLY D 217 10.94 -22.55 2.16
CA GLY D 217 9.66 -22.85 2.77
C GLY D 217 8.84 -23.89 2.03
N LYS D 218 9.26 -24.23 0.80
CA LYS D 218 8.47 -25.12 -0.06
C LYS D 218 9.28 -26.26 -0.68
N LEU D 219 10.56 -26.37 -0.36
CA LEU D 219 11.36 -27.49 -0.84
C LEU D 219 11.97 -28.25 0.34
N LEU D 220 11.75 -27.71 1.53
CA LEU D 220 12.22 -28.36 2.75
C LEU D 220 11.15 -28.17 3.80
N GLN D 221 11.02 -26.93 4.27
CA GLN D 221 10.20 -26.65 5.43
C GLN D 221 8.74 -27.09 5.29
N GLU D 222 8.23 -27.20 4.08
CA GLU D 222 6.84 -27.64 3.90
C GLU D 222 6.71 -29.16 3.80
N PRO D 223 7.41 -29.80 2.84
CA PRO D 223 7.35 -31.26 2.76
C PRO D 223 7.90 -31.97 4.00
N LEU D 224 9.12 -31.59 4.41
CA LEU D 224 9.74 -32.21 5.58
C LEU D 224 8.89 -32.01 6.82
N SER D 225 8.20 -30.88 6.88
CA SER D 225 7.35 -30.57 8.02
C SER D 225 6.14 -31.51 8.06
N ILE D 226 5.75 -32.02 6.90
CA ILE D 226 4.59 -32.92 6.80
C ILE D 226 4.95 -34.33 7.24
N LEU D 227 6.19 -34.73 6.96
CA LEU D 227 6.72 -36.00 7.41
C LEU D 227 6.86 -36.04 8.93
N GLY D 228 7.14 -34.88 9.51
CA GLY D 228 7.32 -34.77 10.95
C GLY D 228 6.03 -34.80 11.75
N ALA D 229 4.92 -34.43 11.13
CA ALA D 229 3.64 -34.48 11.82
C ALA D 229 3.07 -35.88 11.73
N SER D 230 3.67 -36.69 10.85
CA SER D 230 3.26 -38.06 10.62
C SER D 230 3.26 -38.88 11.90
N LEU D 231 2.65 -40.06 11.86
CA LEU D 231 2.79 -41.00 12.97
C LEU D 231 4.11 -41.74 12.84
N TRP D 232 4.44 -42.13 11.62
CA TRP D 232 5.75 -42.74 11.39
C TRP D 232 6.88 -41.79 11.72
N GLY D 233 6.58 -40.49 11.73
CA GLY D 233 7.58 -39.49 12.08
C GLY D 233 7.79 -39.32 13.57
N ALA D 234 6.71 -39.31 14.31
CA ALA D 234 6.79 -39.24 15.77
C ALA D 234 7.30 -40.57 16.29
N VAL D 235 7.00 -41.65 15.58
CA VAL D 235 7.39 -42.98 16.05
C VAL D 235 8.82 -43.37 15.64
N ILE D 236 9.33 -42.82 14.56
CA ILE D 236 10.72 -43.10 14.21
C ILE D 236 11.63 -42.18 15.03
N ALA D 237 11.09 -41.06 15.48
CA ALA D 237 11.86 -40.14 16.31
C ALA D 237 11.98 -40.70 17.71
N VAL D 238 10.87 -41.18 18.25
CA VAL D 238 10.86 -41.78 19.58
C VAL D 238 11.68 -43.06 19.65
N ILE D 239 11.72 -43.81 18.55
CA ILE D 239 12.58 -44.99 18.46
C ILE D 239 14.03 -44.58 18.37
N LEU D 240 14.30 -43.52 17.60
CA LEU D 240 15.66 -43.04 17.46
C LEU D 240 16.24 -42.46 18.75
N VAL D 241 15.40 -41.81 19.55
CA VAL D 241 15.85 -41.18 20.80
C VAL D 241 16.33 -42.23 21.79
N HIS D 242 15.79 -43.43 21.72
CA HIS D 242 16.14 -44.44 22.71
C HIS D 242 17.18 -45.43 22.23
N VAL D 243 17.17 -45.75 20.94
CA VAL D 243 18.28 -46.55 20.41
C VAL D 243 19.60 -45.79 20.65
N LEU D 244 19.50 -44.48 20.82
CA LEU D 244 20.67 -43.69 21.19
C LEU D 244 21.01 -43.78 22.69
N TRP D 245 20.01 -43.63 23.56
CA TRP D 245 20.24 -43.76 25.00
C TRP D 245 20.77 -45.14 25.36
N ALA D 246 20.38 -46.14 24.58
CA ALA D 246 20.95 -47.47 24.75
C ALA D 246 22.44 -47.37 24.55
N CYS D 247 22.86 -46.75 23.45
CA CYS D 247 24.27 -46.60 23.17
C CYS D 247 24.98 -45.70 24.17
N GLY D 248 24.22 -45.10 25.08
CA GLY D 248 24.79 -44.24 26.11
C GLY D 248 24.80 -42.76 25.77
N ILE D 249 24.26 -42.39 24.61
CA ILE D 249 24.17 -40.99 24.20
C ILE D 249 22.84 -40.34 24.60
N HIS D 250 22.80 -39.01 24.55
CA HIS D 250 21.60 -38.27 24.95
C HIS D 250 20.65 -38.06 23.75
N GLY D 251 19.93 -39.11 23.36
CA GLY D 251 19.05 -39.04 22.21
C GLY D 251 18.16 -37.82 22.17
N ALA D 252 17.57 -37.48 23.32
CA ALA D 252 16.61 -36.37 23.41
C ALA D 252 17.13 -35.09 22.76
N THR D 253 18.43 -34.83 22.85
CA THR D 253 18.96 -33.62 22.24
C THR D 253 19.45 -33.87 20.83
N ILE D 254 20.03 -35.05 20.59
CA ILE D 254 20.49 -35.38 19.24
C ILE D 254 19.37 -35.37 18.21
N VAL D 255 18.45 -36.32 18.34
CA VAL D 255 17.27 -36.36 17.47
C VAL D 255 16.43 -35.11 17.63
N GLY D 256 16.13 -34.76 18.88
CA GLY D 256 15.40 -33.53 19.18
C GLY D 256 16.04 -32.27 18.59
N GLY D 257 17.33 -32.33 18.28
CA GLY D 257 18.02 -31.18 17.74
C GLY D 257 18.13 -31.19 16.24
N VAL D 258 17.75 -32.32 15.64
CA VAL D 258 17.63 -32.41 14.20
C VAL D 258 16.20 -32.08 13.84
N MET D 259 15.27 -32.40 14.75
CA MET D 259 13.84 -32.28 14.51
C MET D 259 13.19 -30.99 15.03
N SER D 260 13.80 -30.33 16.01
CA SER D 260 13.10 -29.21 16.66
C SER D 260 12.71 -28.04 15.74
N PRO D 261 13.38 -27.90 14.58
CA PRO D 261 12.81 -26.91 13.66
C PRO D 261 11.38 -27.33 13.29
N ILE D 262 11.25 -28.41 12.54
CA ILE D 262 9.95 -29.01 12.23
C ILE D 262 9.04 -29.07 13.46
N TRP D 263 9.55 -29.64 14.54
CA TRP D 263 8.75 -29.91 15.73
C TRP D 263 8.12 -28.69 16.41
N LEU D 264 8.78 -27.55 16.35
CA LEU D 264 8.18 -26.37 16.96
C LEU D 264 7.68 -25.41 15.91
N SER D 265 7.70 -25.86 14.66
CA SER D 265 6.93 -25.22 13.60
C SER D 265 5.49 -25.61 13.86
N LEU D 266 5.26 -26.92 13.97
CA LEU D 266 3.94 -27.45 14.30
C LEU D 266 3.50 -26.85 15.61
N MET D 267 4.44 -26.74 16.54
CA MET D 267 4.13 -26.15 17.82
C MET D 267 3.50 -24.77 17.61
N ASP D 268 4.04 -24.00 16.68
CA ASP D 268 3.59 -22.63 16.52
C ASP D 268 2.19 -22.56 15.92
N GLN D 269 1.92 -23.37 14.89
CA GLN D 269 0.57 -23.44 14.36
C GLN D 269 -0.37 -23.46 15.56
N ASN D 270 -0.35 -24.55 16.32
CA ASN D 270 -1.25 -24.69 17.46
C ASN D 270 -1.36 -23.43 18.32
N ARG D 271 -0.26 -22.70 18.47
CA ARG D 271 -0.30 -21.51 19.30
C ARG D 271 -1.20 -20.48 18.68
N ILE D 272 -0.91 -20.15 17.42
CA ILE D 272 -1.66 -19.18 16.63
C ILE D 272 -3.14 -19.54 16.62
N ALA D 273 -3.43 -20.75 16.17
CA ALA D 273 -4.79 -21.27 16.20
C ALA D 273 -5.41 -21.10 17.58
N PHE D 274 -4.83 -21.76 18.56
CA PHE D 274 -5.40 -21.74 19.91
C PHE D 274 -5.71 -20.33 20.43
N GLN D 275 -4.74 -19.43 20.37
CA GLN D 275 -4.88 -18.13 21.04
C GLN D 275 -5.86 -17.21 20.32
N ALA D 276 -6.36 -17.67 19.18
CA ALA D 276 -7.34 -16.91 18.39
C ALA D 276 -8.67 -17.68 18.22
N GLY D 277 -8.83 -18.78 18.96
CA GLY D 277 -10.10 -19.48 19.03
C GLY D 277 -10.25 -20.71 18.15
N GLN D 278 -9.46 -20.81 17.09
CA GLN D 278 -9.58 -21.95 16.18
C GLN D 278 -9.30 -23.31 16.81
N ASP D 279 -9.66 -24.37 16.09
CA ASP D 279 -9.31 -25.73 16.46
C ASP D 279 -7.84 -25.98 16.17
N VAL D 280 -7.09 -26.33 17.21
CA VAL D 280 -5.66 -26.60 17.08
C VAL D 280 -5.38 -27.76 16.13
N PRO D 281 -4.74 -27.45 15.01
CA PRO D 281 -4.50 -28.21 13.78
C PRO D 281 -3.81 -29.56 13.92
N ASN D 282 -2.54 -29.59 14.30
CA ASN D 282 -1.77 -30.84 14.30
C ASN D 282 -1.47 -31.44 15.68
N THR D 283 -1.29 -32.76 15.70
CA THR D 283 -1.09 -33.52 16.95
C THR D 283 0.37 -33.51 17.43
N ILE D 284 1.27 -33.78 16.50
CA ILE D 284 2.69 -33.79 16.80
C ILE D 284 3.26 -32.39 16.94
N THR D 285 3.71 -32.06 18.15
CA THR D 285 4.48 -30.84 18.35
C THR D 285 5.71 -31.18 19.17
N ALA D 286 6.34 -30.16 19.75
CA ALA D 286 7.44 -30.40 20.67
C ALA D 286 6.88 -31.17 21.86
N GLN D 287 6.05 -30.51 22.65
CA GLN D 287 5.57 -31.08 23.91
C GLN D 287 4.59 -32.24 23.76
N PHE D 288 4.34 -32.69 22.54
CA PHE D 288 3.60 -33.92 22.36
C PHE D 288 4.36 -34.95 23.14
N PHE D 289 5.62 -35.12 22.76
CA PHE D 289 6.53 -36.05 23.40
C PHE D 289 6.81 -35.61 24.84
N ASP D 290 7.42 -34.44 25.00
CA ASP D 290 7.87 -33.95 26.30
C ASP D 290 6.89 -34.21 27.45
N LEU D 291 5.60 -34.01 27.21
CA LEU D 291 4.63 -34.07 28.29
C LEU D 291 3.81 -35.37 28.37
N TRP D 292 3.94 -36.24 27.38
CA TRP D 292 3.10 -37.43 27.28
C TRP D 292 3.90 -38.71 27.04
N ILE D 293 4.96 -38.62 26.23
CA ILE D 293 5.80 -39.78 25.96
C ILE D 293 7.01 -39.82 26.89
N TYR D 294 7.87 -38.81 26.77
CA TYR D 294 9.02 -38.63 27.65
C TYR D 294 8.53 -38.31 29.04
N MET D 295 7.69 -39.19 29.57
CA MET D 295 6.98 -38.94 30.81
C MET D 295 7.92 -38.81 32.00
N GLY D 296 8.47 -39.91 32.48
CA GLY D 296 9.40 -39.80 33.58
C GLY D 296 10.76 -39.22 33.18
N GLY D 297 11.12 -39.36 31.91
CA GLY D 297 12.46 -39.02 31.48
C GLY D 297 12.85 -39.44 30.09
N SER D 298 13.14 -40.73 29.88
CA SER D 298 13.44 -41.24 28.55
C SER D 298 12.76 -42.58 28.33
N GLY D 299 12.28 -43.18 29.41
CA GLY D 299 11.30 -44.24 29.32
C GLY D 299 10.11 -43.59 29.98
N ALA D 300 9.03 -44.30 30.22
CA ALA D 300 8.04 -43.70 31.08
C ALA D 300 8.62 -43.73 32.49
N THR D 301 9.95 -43.85 32.57
CA THR D 301 10.74 -43.89 33.81
C THR D 301 10.08 -43.48 35.15
N LEU D 302 9.34 -42.38 35.19
CA LEU D 302 8.67 -41.97 36.42
C LEU D 302 7.77 -43.10 36.93
N ALA D 303 7.52 -44.07 36.07
CA ALA D 303 6.70 -45.22 36.43
C ALA D 303 7.59 -46.38 36.85
N LEU D 304 8.70 -46.55 36.16
CA LEU D 304 9.70 -47.54 36.53
C LEU D 304 10.24 -47.20 37.92
N VAL D 305 10.35 -45.90 38.19
CA VAL D 305 10.89 -45.43 39.46
C VAL D 305 9.91 -45.63 40.60
N VAL D 306 8.63 -45.47 40.33
CA VAL D 306 7.61 -45.79 41.32
C VAL D 306 7.60 -47.30 41.56
N GLY D 307 7.92 -48.05 40.50
CA GLY D 307 7.96 -49.50 40.56
C GLY D 307 9.00 -50.04 41.52
N MET D 308 10.19 -49.45 41.51
CA MET D 308 11.22 -49.80 42.48
C MET D 308 10.78 -49.32 43.86
N LEU D 309 10.24 -48.12 43.90
CA LEU D 309 9.74 -47.53 45.13
C LEU D 309 8.62 -48.35 45.79
N LEU D 310 8.15 -49.40 45.12
CA LEU D 310 6.95 -50.12 45.59
C LEU D 310 7.05 -51.65 45.64
N PHE D 311 7.90 -52.24 44.81
CA PHE D 311 7.97 -53.70 44.71
C PHE D 311 9.40 -54.22 44.77
N ALA D 312 10.36 -53.29 44.83
CA ALA D 312 11.77 -53.68 44.84
C ALA D 312 12.15 -54.17 46.21
N ARG D 313 12.66 -55.39 46.26
CA ARG D 313 13.12 -55.99 47.50
C ARG D 313 14.61 -55.74 47.72
N SER D 314 15.36 -55.61 46.63
CA SER D 314 16.81 -55.41 46.69
C SER D 314 17.14 -54.02 47.20
N GLN D 315 18.35 -53.85 47.74
CA GLN D 315 18.79 -52.57 48.29
C GLN D 315 19.24 -51.59 47.22
N GLN D 316 19.88 -52.11 46.18
CA GLN D 316 20.26 -51.29 45.05
C GLN D 316 19.04 -50.54 44.56
N LEU D 317 18.01 -51.31 44.17
CA LEU D 317 16.81 -50.75 43.58
C LEU D 317 15.95 -50.01 44.59
N LYS D 318 15.81 -50.56 45.79
CA LYS D 318 15.04 -49.88 46.83
C LYS D 318 15.65 -48.50 47.05
N SER D 319 16.91 -48.37 46.64
CA SER D 319 17.67 -47.13 46.78
C SER D 319 17.45 -46.14 45.64
N LEU D 320 17.70 -46.56 44.40
CA LEU D 320 17.43 -45.69 43.25
C LEU D 320 16.06 -45.05 43.39
N GLY D 321 15.05 -45.87 43.68
CA GLY D 321 13.72 -45.37 43.98
C GLY D 321 13.81 -44.15 44.87
N ARG D 322 14.39 -44.34 46.05
CA ARG D 322 14.67 -43.24 46.97
C ARG D 322 15.35 -42.06 46.27
N LEU D 323 16.44 -42.37 45.57
CA LEU D 323 17.37 -41.37 45.08
C LEU D 323 16.96 -40.70 43.78
N SER D 324 15.97 -41.27 43.09
CA SER D 324 15.61 -40.75 41.78
C SER D 324 14.12 -40.56 41.51
N ILE D 325 13.35 -40.15 42.51
CA ILE D 325 12.03 -39.60 42.17
C ILE D 325 12.18 -38.10 41.94
N ALA D 326 12.71 -37.37 42.92
CA ALA D 326 12.86 -35.93 42.78
C ALA D 326 13.38 -35.54 41.40
N PRO D 327 14.54 -36.07 40.99
CA PRO D 327 14.98 -35.69 39.65
C PRO D 327 14.00 -36.19 38.59
N GLY D 328 13.37 -37.33 38.85
CA GLY D 328 12.38 -37.92 37.95
C GLY D 328 10.99 -37.29 37.91
N ILE D 329 10.62 -36.56 38.95
CA ILE D 329 9.33 -35.87 38.98
C ILE D 329 9.41 -34.63 38.10
N PHE D 330 10.64 -34.26 37.74
CA PHE D 330 10.85 -33.17 36.80
C PHE D 330 11.39 -33.76 35.52
N ASN D 331 11.14 -35.05 35.34
CA ASN D 331 11.43 -35.74 34.09
C ASN D 331 12.90 -35.69 33.71
N ILE D 332 13.75 -35.63 34.74
CA ILE D 332 15.20 -35.80 34.64
C ILE D 332 15.54 -37.19 35.20
N ASN D 333 16.36 -37.96 34.49
CA ASN D 333 16.51 -39.36 34.87
C ASN D 333 17.85 -40.06 34.61
N GLU D 334 18.97 -39.33 34.64
CA GLU D 334 20.26 -40.00 34.44
C GLU D 334 20.48 -41.00 35.57
N MET D 335 20.14 -40.55 36.78
CA MET D 335 20.14 -41.39 37.96
C MET D 335 19.76 -42.83 37.60
N VAL D 336 18.65 -42.99 36.88
CA VAL D 336 18.12 -44.29 36.51
C VAL D 336 18.81 -44.86 35.29
N THR D 337 18.69 -44.17 34.16
CA THR D 337 19.26 -44.66 32.92
C THR D 337 20.69 -45.17 33.11
N PHE D 338 21.46 -44.48 33.94
CA PHE D 338 22.87 -44.80 34.12
C PHE D 338 23.15 -45.62 35.37
N GLY D 339 22.40 -45.35 36.42
CA GLY D 339 22.53 -46.10 37.65
C GLY D 339 22.00 -47.52 37.59
N MET D 340 20.90 -47.73 36.89
CA MET D 340 20.24 -49.03 37.00
C MET D 340 21.23 -50.19 36.81
N PRO D 341 22.00 -50.17 35.72
CA PRO D 341 22.00 -49.22 34.60
C PRO D 341 21.00 -49.70 33.55
N ILE D 342 20.36 -48.76 32.86
CA ILE D 342 19.52 -49.14 31.74
C ILE D 342 20.37 -49.09 30.50
N VAL D 343 21.24 -48.09 30.42
CA VAL D 343 22.17 -47.98 29.31
C VAL D 343 22.86 -49.31 29.09
N MET D 344 22.79 -49.81 27.87
CA MET D 344 23.43 -51.06 27.49
C MET D 344 22.96 -52.29 28.28
N ASN D 345 21.86 -52.15 29.04
CA ASN D 345 21.27 -53.26 29.77
C ASN D 345 20.20 -54.02 28.97
N PRO D 346 20.59 -55.15 28.34
CA PRO D 346 19.77 -55.85 27.35
C PRO D 346 18.45 -56.41 27.91
N LEU D 347 18.29 -56.48 29.22
CA LEU D 347 16.99 -56.82 29.76
C LEU D 347 16.19 -55.54 29.84
N LEU D 348 16.55 -54.69 30.79
CA LEU D 348 15.82 -53.45 31.00
C LEU D 348 15.73 -52.60 29.75
N LEU D 349 16.64 -52.81 28.81
CA LEU D 349 16.59 -52.03 27.57
C LEU D 349 15.33 -52.38 26.77
N ILE D 350 14.83 -53.61 26.91
CA ILE D 350 13.67 -54.06 26.14
C ILE D 350 12.42 -53.18 26.35
N PRO D 351 12.01 -52.97 27.61
CA PRO D 351 10.87 -52.07 27.81
C PRO D 351 11.24 -50.59 27.68
N PHE D 352 12.52 -50.24 27.87
CA PHE D 352 12.98 -48.88 27.67
C PHE D 352 12.64 -48.35 26.27
N ILE D 353 12.80 -49.21 25.27
CA ILE D 353 12.49 -48.83 23.89
C ILE D 353 10.99 -48.95 23.63
N VAL D 354 10.42 -50.09 24.01
CA VAL D 354 9.00 -50.36 23.76
C VAL D 354 8.05 -49.34 24.40
N VAL D 355 8.09 -49.18 25.71
CA VAL D 355 7.11 -48.32 26.41
C VAL D 355 6.83 -46.99 25.72
N PRO D 356 7.87 -46.35 25.18
CA PRO D 356 7.67 -45.15 24.36
C PRO D 356 6.79 -45.37 23.12
N VAL D 357 7.21 -46.22 22.17
CA VAL D 357 6.40 -46.42 20.96
C VAL D 357 4.96 -46.82 21.31
N VAL D 358 4.79 -47.55 22.42
CA VAL D 358 3.46 -47.95 22.87
C VAL D 358 2.92 -46.86 23.78
N LEU D 359 3.31 -45.63 23.51
CA LEU D 359 2.87 -44.46 24.26
C LEU D 359 2.69 -43.34 23.26
N THR D 360 3.50 -43.40 22.20
CA THR D 360 3.32 -42.54 21.06
C THR D 360 2.06 -43.04 20.38
N ILE D 361 2.13 -44.24 19.83
CA ILE D 361 0.99 -44.87 19.20
C ILE D 361 -0.32 -44.68 19.96
N VAL D 362 -0.31 -44.90 21.28
CA VAL D 362 -1.52 -44.69 22.06
C VAL D 362 -1.91 -43.22 22.13
N SER D 363 -1.01 -42.37 22.62
CA SER D 363 -1.30 -40.95 22.77
C SER D 363 -1.63 -40.29 21.44
N TYR D 364 -0.96 -40.71 20.38
CA TYR D 364 -1.18 -40.14 19.06
C TYR D 364 -2.65 -40.17 18.69
N PHE D 365 -3.23 -41.37 18.74
CA PHE D 365 -4.63 -41.58 18.38
C PHE D 365 -5.56 -40.90 19.36
N ALA D 366 -5.40 -41.14 20.64
CA ALA D 366 -6.21 -40.45 21.63
C ALA D 366 -6.45 -38.99 21.26
N MET D 367 -5.51 -38.40 20.53
CA MET D 367 -5.63 -36.99 20.13
C MET D 367 -6.27 -36.82 18.75
N GLU D 368 -6.02 -37.77 17.84
CA GLU D 368 -6.71 -37.83 16.55
C GLU D 368 -8.19 -38.23 16.68
N TRP D 369 -8.44 -39.43 17.18
CA TRP D 369 -9.80 -39.87 17.52
C TRP D 369 -10.58 -38.76 18.24
N GLY D 370 -9.87 -37.84 18.88
CA GLY D 370 -10.49 -36.66 19.45
C GLY D 370 -10.97 -36.81 20.89
N LEU D 371 -10.58 -37.91 21.53
CA LEU D 371 -10.91 -38.13 22.94
C LEU D 371 -10.08 -37.20 23.81
N VAL D 372 -8.84 -36.99 23.38
CA VAL D 372 -7.85 -36.24 24.13
C VAL D 372 -7.44 -34.97 23.40
N ALA D 373 -7.43 -33.87 24.15
CA ALA D 373 -7.09 -32.55 23.64
C ALA D 373 -5.72 -32.51 22.96
N ARG D 374 -5.46 -31.42 22.25
CA ARG D 374 -4.18 -31.25 21.57
C ARG D 374 -3.33 -30.20 22.30
N PRO D 375 -2.03 -30.14 21.97
CA PRO D 375 -1.17 -29.12 22.57
C PRO D 375 -1.68 -27.70 22.29
N SER D 376 -1.85 -26.92 23.35
CA SER D 376 -2.34 -25.56 23.25
C SER D 376 -1.46 -24.66 22.40
N GLY D 377 -0.39 -25.22 21.84
CA GLY D 377 0.61 -24.42 21.14
C GLY D 377 1.65 -23.86 22.11
N ALA D 378 1.17 -23.41 23.26
CA ALA D 378 2.05 -23.04 24.34
C ALA D 378 3.05 -24.16 24.44
N ALA D 379 4.31 -23.81 24.69
CA ALA D 379 5.37 -24.79 24.89
C ALA D 379 5.85 -24.68 26.30
N VAL D 380 5.22 -25.41 27.21
CA VAL D 380 5.73 -25.48 28.56
C VAL D 380 6.88 -26.49 28.62
N THR D 381 7.74 -26.34 29.61
CA THR D 381 9.04 -27.00 29.58
C THR D 381 9.01 -28.48 29.93
N TRP D 382 9.98 -29.21 29.39
CA TRP D 382 10.05 -30.67 29.54
C TRP D 382 10.31 -31.10 30.98
N THR D 383 10.61 -30.12 31.83
CA THR D 383 10.86 -30.38 33.24
C THR D 383 9.63 -30.07 34.04
N THR D 384 8.46 -30.11 33.42
CA THR D 384 7.22 -29.84 34.14
C THR D 384 6.66 -31.14 34.74
N PRO D 385 6.37 -31.14 36.05
CA PRO D 385 5.83 -32.34 36.68
C PRO D 385 4.61 -32.87 35.92
N ILE D 386 4.66 -34.17 35.66
CA ILE D 386 3.64 -34.91 34.92
C ILE D 386 2.21 -34.38 35.01
N LEU D 387 1.64 -34.28 36.20
CA LEU D 387 0.20 -34.01 36.27
C LEU D 387 -0.23 -32.62 35.80
N PHE D 388 0.43 -31.57 36.28
CA PHE D 388 0.13 -30.21 35.84
C PHE D 388 0.53 -30.02 34.39
N SER D 389 1.59 -30.72 33.99
CA SER D 389 2.14 -30.62 32.64
C SER D 389 1.09 -30.91 31.58
N GLY D 390 0.37 -32.01 31.75
CA GLY D 390 -0.64 -32.44 30.79
C GLY D 390 -1.84 -31.53 30.77
N TYR D 391 -2.20 -31.03 31.94
CA TYR D 391 -3.30 -30.09 32.07
C TYR D 391 -3.00 -28.78 31.36
N LEU D 392 -1.77 -28.29 31.54
CA LEU D 392 -1.35 -27.02 30.95
C LEU D 392 -1.02 -27.11 29.46
N GLY D 393 -0.35 -28.19 29.08
CA GLY D 393 0.13 -28.35 27.72
C GLY D 393 -0.98 -28.48 26.69
N SER D 394 -2.22 -28.56 27.16
CA SER D 394 -3.38 -28.66 26.28
C SER D 394 -4.39 -27.56 26.57
N GLY D 395 -3.89 -26.36 26.87
CA GLY D 395 -4.74 -25.20 27.05
C GLY D 395 -5.40 -25.11 28.42
N GLY D 396 -5.60 -26.26 29.04
CA GLY D 396 -6.30 -26.33 30.31
C GLY D 396 -7.36 -27.40 30.28
N LYS D 397 -7.20 -28.32 29.33
CA LYS D 397 -8.17 -29.38 29.12
C LYS D 397 -7.81 -30.61 29.94
N ILE D 398 -8.65 -30.94 30.91
CA ILE D 398 -8.43 -32.08 31.80
C ILE D 398 -8.41 -33.40 31.02
N SER D 399 -8.73 -33.32 29.74
CA SER D 399 -8.67 -34.50 28.87
C SER D 399 -7.22 -34.85 28.55
N GLY D 400 -6.29 -34.11 29.15
CA GLY D 400 -4.87 -34.36 28.95
C GLY D 400 -4.29 -34.95 30.20
N VAL D 401 -4.81 -34.50 31.33
CA VAL D 401 -4.46 -35.08 32.61
C VAL D 401 -4.75 -36.58 32.58
N ILE D 402 -5.82 -36.97 31.89
CA ILE D 402 -6.18 -38.39 31.87
C ILE D 402 -5.31 -39.22 30.93
N LEU D 403 -4.93 -38.66 29.78
CA LEU D 403 -4.04 -39.38 28.88
C LEU D 403 -2.78 -39.81 29.65
N GLN D 404 -2.30 -38.92 30.51
CA GLN D 404 -1.12 -39.18 31.35
C GLN D 404 -1.37 -40.29 32.36
N LEU D 405 -2.46 -40.18 33.11
CA LEU D 405 -2.82 -41.21 34.06
C LEU D 405 -2.88 -42.57 33.37
N VAL D 406 -3.22 -42.55 32.09
CA VAL D 406 -3.27 -43.78 31.30
C VAL D 406 -1.89 -44.31 30.93
N ASN D 407 -1.07 -43.47 30.30
CA ASN D 407 0.31 -43.85 29.97
C ASN D 407 1.08 -44.28 31.20
N PHE D 408 0.88 -43.55 32.30
CA PHE D 408 1.49 -43.89 33.57
C PHE D 408 1.26 -45.36 33.84
N ALA D 409 -0.01 -45.71 34.05
CA ALA D 409 -0.41 -47.09 34.32
C ALA D 409 0.09 -48.03 33.23
N LEU D 410 -0.07 -47.63 31.98
CA LEU D 410 0.34 -48.45 30.86
C LEU D 410 1.80 -48.91 30.97
N ALA D 411 2.69 -47.95 31.19
CA ALA D 411 4.11 -48.25 31.32
C ALA D 411 4.34 -49.00 32.62
N PHE D 412 3.76 -48.47 33.68
CA PHE D 412 3.88 -49.05 35.01
C PHE D 412 3.65 -50.55 35.03
N VAL D 413 2.91 -51.04 34.04
CA VAL D 413 2.65 -52.48 33.95
C VAL D 413 3.55 -53.17 32.91
N ILE D 414 4.05 -52.42 31.93
CA ILE D 414 5.01 -53.01 30.99
C ILE D 414 6.37 -53.16 31.68
N TYR D 415 6.63 -52.28 32.65
CA TYR D 415 7.91 -52.28 33.34
C TYR D 415 7.98 -53.38 34.41
N LEU D 416 6.99 -53.40 35.30
CA LEU D 416 6.89 -54.44 36.35
C LEU D 416 7.58 -55.76 36.02
N PRO D 417 7.15 -56.47 34.96
CA PRO D 417 7.74 -57.77 34.61
C PRO D 417 9.26 -57.77 34.60
N PHE D 418 9.87 -56.80 33.93
CA PHE D 418 11.32 -56.71 33.87
C PHE D 418 11.91 -56.21 35.19
N LEU D 419 11.25 -55.23 35.81
CA LEU D 419 11.69 -54.71 37.09
C LEU D 419 11.79 -55.84 38.11
N LYS D 420 10.79 -56.72 38.10
CA LYS D 420 10.78 -57.87 39.00
C LYS D 420 11.98 -58.78 38.72
N ILE D 421 12.23 -59.08 37.46
CA ILE D 421 13.35 -59.95 37.10
C ILE D 421 14.68 -59.36 37.56
N TRP D 422 14.84 -58.06 37.36
CA TRP D 422 16.08 -57.36 37.73
C TRP D 422 16.27 -57.47 39.21
N ASP D 423 15.32 -56.90 39.96
CA ASP D 423 15.28 -56.95 41.40
C ASP D 423 15.61 -58.32 41.97
N LYS D 424 15.41 -59.35 41.15
CA LYS D 424 15.63 -60.74 41.56
C LYS D 424 17.02 -61.23 41.16
N GLN D 425 17.73 -60.42 40.37
CA GLN D 425 19.12 -60.69 40.09
C GLN D 425 19.92 -59.89 41.11
N LYS D 426 19.35 -58.76 41.51
CA LYS D 426 20.02 -57.88 42.46
C LYS D 426 19.97 -58.41 43.89
N ILE D 427 18.87 -59.01 44.32
CA ILE D 427 18.86 -59.61 45.66
C ILE D 427 19.73 -60.86 45.71
N ALA D 428 20.20 -61.31 44.55
CA ALA D 428 21.06 -62.49 44.48
C ALA D 428 22.53 -62.14 44.67
N GLU D 429 23.03 -61.16 43.92
CA GLU D 429 24.42 -60.74 44.11
C GLU D 429 24.56 -59.95 45.40
N GLU D 430 23.43 -59.44 45.91
CA GLU D 430 23.40 -58.73 47.19
C GLU D 430 23.55 -59.67 48.37
N LYS D 431 22.75 -60.73 48.39
CA LYS D 431 22.88 -61.75 49.42
C LYS D 431 24.20 -62.48 49.20
N GLY D 432 24.79 -62.24 48.04
CA GLY D 432 26.19 -62.57 47.81
C GLY D 432 26.50 -63.91 47.18
N GLU D 433 25.70 -64.33 46.20
CA GLU D 433 25.98 -65.56 45.46
C GLU D 433 27.17 -65.36 44.53
N ALA D 434 27.49 -66.39 43.75
CA ALA D 434 28.62 -66.31 42.82
C ALA D 434 28.19 -65.73 41.47
N ALA D 435 29.14 -65.65 40.54
CA ALA D 435 28.86 -65.16 39.20
C ALA D 435 27.93 -66.11 38.48
N ALA D 436 26.67 -65.73 38.34
CA ALA D 436 25.68 -66.51 37.60
C ALA D 436 25.48 -65.89 36.24
N GLU D 437 25.62 -66.69 35.18
CA GLU D 437 25.44 -66.19 33.83
C GLU D 437 24.35 -66.95 33.08
N ASN D 438 23.11 -66.48 33.20
CA ASN D 438 21.96 -67.11 32.56
C ASN D 438 21.07 -66.09 31.85
#